data_3T52
#
_entry.id   3T52
#
_cell.length_a   146.020
_cell.length_b   146.020
_cell.length_c   128.950
_cell.angle_alpha   90.000
_cell.angle_beta   90.000
_cell.angle_gamma   120.000
#
_symmetry.space_group_name_H-M   'P 32'
#
loop_
_entity.id
_entity.type
_entity.pdbx_description
1 polymer Arylesterase
2 non-polymer GLYCEROL
3 non-polymer 'SULFATE ION'
4 non-polymer 'CHLORIDE ION'
5 non-polymer 'HYDROGEN PEROXIDE'
6 non-polymer 'ACETATE ION'
7 water water
#
_entity_poly.entity_id   1
_entity_poly.type   'polypeptide(L)'
_entity_poly.pdbx_seq_one_letter_code
;STFVAKDGTQIYFKDWGSGKPVLFSHGWILDADMWEYQMEYLSSRGYRTIAFDRRGFGRSDQPWTGNDYDTFADDIAQLI
EHLDLKEVTLVGFSMGGGDVARYIARHGSARVAGLVLLGAVTPLFGQKPDYPQGVPLDVFARFKTELLKDRAQFISDFNA
PFYGINKGQVVSQGVQTQTLQIALLASLKATVDCVTAFAETDFRPDMAKIDVPTLVIHGDGDQIVPFETTGKVAAELIKG
AELKVYKDAPHGFAVTHAQQLNEDLLAFLKR
;
_entity_poly.pdbx_strand_id   A,B,C,D,E,F
#
loop_
_chem_comp.id
_chem_comp.type
_chem_comp.name
_chem_comp.formula
ACT non-polymer 'ACETATE ION' 'C2 H3 O2 -1'
CL non-polymer 'CHLORIDE ION' 'Cl -1'
GOL non-polymer GLYCEROL 'C3 H8 O3'
PEO non-polymer 'HYDROGEN PEROXIDE' 'H2 O2'
SO4 non-polymer 'SULFATE ION' 'O4 S -2'
#
# COMPACT_ATOMS: atom_id res chain seq x y z
N SER A 1 -35.48 -33.48 -20.27
CA SER A 1 -35.92 -34.18 -19.03
C SER A 1 -34.67 -34.73 -18.35
N THR A 2 -34.80 -35.11 -17.10
CA THR A 2 -33.69 -35.70 -16.39
C THR A 2 -34.18 -36.84 -15.48
N PHE A 3 -33.33 -37.82 -15.21
CA PHE A 3 -33.54 -38.70 -14.07
C PHE A 3 -32.25 -38.81 -13.29
N VAL A 4 -32.32 -39.31 -12.06
CA VAL A 4 -31.14 -39.48 -11.22
C VAL A 4 -30.80 -40.96 -11.12
N ALA A 5 -29.56 -41.32 -11.46
CA ALA A 5 -29.14 -42.70 -11.43
C ALA A 5 -28.86 -43.15 -9.99
N LYS A 6 -28.58 -44.44 -9.82
CA LYS A 6 -28.35 -45.01 -8.48
C LYS A 6 -27.32 -44.17 -7.69
N ASP A 7 -26.19 -43.84 -8.29
CA ASP A 7 -25.14 -43.11 -7.58
C ASP A 7 -25.32 -41.59 -7.45
N GLY A 8 -26.50 -41.06 -7.80
CA GLY A 8 -26.73 -39.62 -7.71
C GLY A 8 -26.52 -38.85 -9.01
N THR A 9 -25.98 -39.50 -10.04
CA THR A 9 -25.70 -38.85 -11.32
C THR A 9 -26.99 -38.45 -12.06
N GLN A 10 -27.14 -37.16 -12.35
CA GLN A 10 -28.27 -36.70 -13.15
C GLN A 10 -28.01 -36.87 -14.67
N ILE A 11 -28.93 -37.55 -15.34
CA ILE A 11 -28.82 -37.90 -16.76
C ILE A 11 -29.92 -37.16 -17.54
N TYR A 12 -29.52 -36.44 -18.59
CA TYR A 12 -30.45 -35.75 -19.48
C TYR A 12 -30.97 -36.71 -20.53
N PHE A 13 -32.25 -36.58 -20.86
CA PHE A 13 -32.82 -37.31 -21.97
C PHE A 13 -33.92 -36.55 -22.64
N LYS A 14 -34.23 -36.92 -23.87
CA LYS A 14 -35.38 -36.40 -24.58
C LYS A 14 -36.37 -37.55 -24.76
N ASP A 15 -37.65 -37.25 -24.63
CA ASP A 15 -38.70 -38.26 -24.78
C ASP A 15 -39.75 -37.63 -25.68
N TRP A 16 -39.78 -38.06 -26.94
CA TRP A 16 -40.61 -37.40 -27.95
C TRP A 16 -41.72 -38.33 -28.51
N GLY A 17 -42.91 -37.77 -28.71
CA GLY A 17 -43.98 -38.45 -29.44
C GLY A 17 -44.66 -39.54 -28.62
N SER A 18 -45.48 -40.34 -29.29
CA SER A 18 -46.22 -41.40 -28.61
CA SER A 18 -46.28 -41.37 -28.64
C SER A 18 -46.24 -42.62 -29.49
N GLY A 19 -46.55 -43.76 -28.89
CA GLY A 19 -46.53 -45.03 -29.62
C GLY A 19 -45.51 -45.99 -29.05
N LYS A 20 -45.15 -47.00 -29.84
CA LYS A 20 -44.16 -48.00 -29.41
C LYS A 20 -42.80 -47.29 -29.21
N PRO A 21 -42.11 -47.56 -28.08
CA PRO A 21 -40.88 -46.80 -27.78
C PRO A 21 -39.63 -47.29 -28.49
N VAL A 22 -38.77 -46.35 -28.90
CA VAL A 22 -37.50 -46.64 -29.52
C VAL A 22 -36.47 -45.84 -28.70
N LEU A 23 -35.53 -46.54 -28.08
CA LEU A 23 -34.54 -45.90 -27.18
C LEU A 23 -33.16 -45.95 -27.81
N PHE A 24 -32.57 -44.76 -27.96
CA PHE A 24 -31.32 -44.56 -28.69
C PHE A 24 -30.10 -44.34 -27.74
N SER A 25 -28.98 -45.00 -28.04
CA SER A 25 -27.75 -44.90 -27.25
C SER A 25 -26.62 -44.38 -28.16
N HIS A 26 -26.17 -43.16 -27.90
CA HIS A 26 -25.19 -42.50 -28.77
C HIS A 26 -23.78 -43.06 -28.69
N GLY A 27 -22.93 -42.61 -29.60
CA GLY A 27 -21.56 -43.05 -29.68
C GLY A 27 -20.65 -42.19 -28.81
N TRP A 28 -19.35 -42.29 -29.06
N TRP A 28 -19.35 -42.35 -29.01
CA TRP A 28 -18.37 -41.66 -28.21
CA TRP A 28 -18.38 -41.89 -28.04
C TRP A 28 -18.18 -40.17 -28.53
C TRP A 28 -18.42 -40.38 -27.73
N ILE A 29 -18.19 -39.34 -27.54
N ILE A 29 -17.87 -39.53 -28.55
CA ILE A 29 -17.96 -37.91 -27.73
CA ILE A 29 -17.85 -38.14 -28.11
C ILE A 29 -19.04 -37.26 -28.59
C ILE A 29 -19.01 -37.32 -28.68
N LEU A 30 -20.19 -37.84 -28.55
CA LEU A 30 -21.40 -37.27 -29.12
C LEU A 30 -22.38 -37.09 -27.95
N ASP A 31 -23.65 -36.85 -28.23
CA ASP A 31 -24.69 -36.84 -27.21
C ASP A 31 -26.00 -37.19 -27.91
N ALA A 32 -27.13 -37.06 -27.21
CA ALA A 32 -28.45 -37.43 -27.76
C ALA A 32 -28.78 -36.69 -29.06
N ASP A 33 -28.16 -35.54 -29.30
CA ASP A 33 -28.45 -34.79 -30.53
C ASP A 33 -28.05 -35.53 -31.79
N MET A 34 -27.12 -36.50 -31.68
CA MET A 34 -26.74 -37.25 -32.88
C MET A 34 -27.94 -37.98 -33.51
N TRP A 35 -28.99 -38.22 -32.72
CA TRP A 35 -30.18 -38.93 -33.16
C TRP A 35 -31.35 -38.06 -33.63
N GLU A 36 -31.17 -36.73 -33.67
CA GLU A 36 -32.31 -35.81 -33.86
C GLU A 36 -33.08 -36.09 -35.15
N TYR A 37 -32.37 -36.38 -36.24
CA TYR A 37 -33.04 -36.68 -37.51
C TYR A 37 -33.80 -38.03 -37.48
N GLN A 38 -33.24 -39.05 -36.82
CA GLN A 38 -33.95 -40.33 -36.67
C GLN A 38 -35.16 -40.21 -35.77
N MET A 39 -35.02 -39.45 -34.69
CA MET A 39 -36.12 -39.18 -33.78
C MET A 39 -37.27 -38.40 -34.43
N GLU A 40 -36.96 -37.35 -35.18
CA GLU A 40 -37.98 -36.61 -35.90
CA GLU A 40 -37.96 -36.61 -35.92
C GLU A 40 -38.68 -37.52 -36.90
N TYR A 41 -37.90 -38.28 -37.66
CA TYR A 41 -38.44 -39.17 -38.69
C TYR A 41 -39.44 -40.18 -38.13
N LEU A 42 -39.09 -40.83 -37.02
CA LEU A 42 -39.92 -41.90 -36.46
C LEU A 42 -41.05 -41.36 -35.62
N SER A 43 -40.78 -40.30 -34.86
CA SER A 43 -41.85 -39.73 -34.06
C SER A 43 -42.92 -39.02 -34.90
N SER A 44 -42.59 -38.62 -36.13
CA SER A 44 -43.57 -38.05 -37.05
CA SER A 44 -43.62 -38.04 -36.98
C SER A 44 -44.37 -39.18 -37.70
N ARG A 45 -43.95 -40.43 -37.47
CA ARG A 45 -44.59 -41.60 -38.09
C ARG A 45 -45.12 -42.59 -37.06
N GLY A 46 -45.56 -42.06 -35.92
CA GLY A 46 -46.29 -42.83 -34.92
C GLY A 46 -45.48 -43.56 -33.85
N TYR A 47 -44.18 -43.26 -33.73
CA TYR A 47 -43.35 -43.88 -32.69
C TYR A 47 -42.96 -42.89 -31.60
N ARG A 48 -42.75 -43.42 -30.39
CA ARG A 48 -42.19 -42.66 -29.28
C ARG A 48 -40.66 -42.82 -29.31
N THR A 49 -39.93 -41.72 -29.35
CA THR A 49 -38.46 -41.79 -29.42
C THR A 49 -37.82 -41.18 -28.15
N ILE A 50 -36.84 -41.90 -27.63
CA ILE A 50 -36.16 -41.56 -26.38
C ILE A 50 -34.64 -41.63 -26.63
N ALA A 51 -33.92 -40.57 -26.25
CA ALA A 51 -32.47 -40.61 -26.37
C ALA A 51 -31.86 -39.84 -25.18
N PHE A 52 -30.84 -40.43 -24.56
CA PHE A 52 -30.22 -39.88 -23.36
C PHE A 52 -28.79 -39.40 -23.70
N ASP A 53 -28.26 -38.46 -22.90
CA ASP A 53 -26.83 -38.13 -22.93
C ASP A 53 -26.18 -39.04 -21.91
N ARG A 54 -25.25 -39.89 -22.36
CA ARG A 54 -24.54 -40.79 -21.45
C ARG A 54 -23.86 -39.96 -20.35
N ARG A 55 -23.81 -40.51 -19.13
CA ARG A 55 -23.10 -39.86 -18.05
C ARG A 55 -21.70 -39.40 -18.54
N GLY A 56 -21.32 -38.18 -18.19
CA GLY A 56 -20.05 -37.62 -18.65
C GLY A 56 -20.15 -36.86 -19.98
N PHE A 57 -21.30 -36.87 -20.63
CA PHE A 57 -21.45 -36.33 -22.01
C PHE A 57 -22.62 -35.39 -22.12
N GLY A 58 -22.57 -34.53 -23.12
CA GLY A 58 -23.70 -33.63 -23.38
C GLY A 58 -24.11 -32.83 -22.16
N ARG A 59 -25.41 -32.85 -21.88
CA ARG A 59 -26.03 -32.11 -20.80
C ARG A 59 -26.13 -32.91 -19.48
N SER A 60 -25.62 -34.13 -19.47
CA SER A 60 -25.62 -34.91 -18.24
C SER A 60 -24.49 -34.49 -17.27
N ASP A 61 -24.65 -34.85 -15.99
CA ASP A 61 -23.59 -34.72 -14.97
C ASP A 61 -22.37 -35.51 -15.39
N GLN A 62 -21.21 -35.14 -14.81
CA GLN A 62 -19.90 -35.71 -15.15
C GLN A 62 -19.27 -36.37 -13.89
N PRO A 63 -19.78 -37.55 -13.51
CA PRO A 63 -19.23 -38.24 -12.33
C PRO A 63 -17.80 -38.74 -12.56
N TRP A 64 -16.98 -38.70 -11.50
CA TRP A 64 -15.65 -39.30 -11.52
C TRP A 64 -15.74 -40.83 -11.69
N THR A 65 -16.73 -41.46 -11.07
CA THR A 65 -16.81 -42.93 -11.06
C THR A 65 -17.94 -43.43 -11.96
N GLY A 66 -17.93 -44.73 -12.25
CA GLY A 66 -19.06 -45.35 -12.94
C GLY A 66 -18.95 -45.20 -14.45
N ASN A 67 -17.78 -44.83 -14.94
CA ASN A 67 -17.60 -44.70 -16.39
C ASN A 67 -17.19 -46.05 -16.98
N ASP A 68 -18.14 -46.98 -16.99
CA ASP A 68 -17.89 -48.37 -17.40
C ASP A 68 -19.20 -48.98 -17.92
N TYR A 69 -19.09 -50.05 -18.70
CA TYR A 69 -20.30 -50.59 -19.38
C TYR A 69 -21.38 -51.14 -18.45
N ASP A 70 -20.97 -51.74 -17.34
CA ASP A 70 -21.96 -52.26 -16.38
C ASP A 70 -22.79 -51.12 -15.85
N THR A 71 -22.14 -49.99 -15.51
CA THR A 71 -22.93 -48.84 -15.04
C THR A 71 -23.76 -48.23 -16.16
N PHE A 72 -23.16 -48.09 -17.34
CA PHE A 72 -23.89 -47.57 -18.51
C PHE A 72 -25.17 -48.39 -18.76
N ALA A 73 -25.03 -49.71 -18.70
CA ALA A 73 -26.17 -50.63 -18.88
C ALA A 73 -27.22 -50.44 -17.79
N ASP A 74 -26.76 -50.21 -16.56
CA ASP A 74 -27.70 -50.00 -15.47
C ASP A 74 -28.36 -48.62 -15.53
N ASP A 75 -27.65 -47.63 -16.08
CA ASP A 75 -28.28 -46.32 -16.36
C ASP A 75 -29.45 -46.50 -17.32
N ILE A 76 -29.24 -47.30 -18.38
CA ILE A 76 -30.31 -47.57 -19.35
C ILE A 76 -31.51 -48.26 -18.66
N ALA A 77 -31.21 -49.27 -17.84
CA ALA A 77 -32.23 -49.95 -17.03
C ALA A 77 -33.00 -48.95 -16.20
N GLN A 78 -32.30 -48.00 -15.59
CA GLN A 78 -32.99 -47.06 -14.74
CA GLN A 78 -32.94 -47.00 -14.74
C GLN A 78 -33.87 -46.09 -15.53
N LEU A 79 -33.46 -45.74 -16.74
CA LEU A 79 -34.29 -44.90 -17.61
C LEU A 79 -35.55 -45.67 -18.07
N ILE A 80 -35.35 -46.91 -18.48
CA ILE A 80 -36.47 -47.78 -18.87
C ILE A 80 -37.48 -47.94 -17.72
N GLU A 81 -36.98 -48.18 -16.51
CA GLU A 81 -37.78 -48.25 -15.30
C GLU A 81 -38.47 -46.90 -14.99
N HIS A 82 -37.72 -45.81 -15.06
CA HIS A 82 -38.26 -44.48 -14.85
C HIS A 82 -39.49 -44.18 -15.73
N LEU A 83 -39.43 -44.58 -17.00
CA LEU A 83 -40.53 -44.27 -17.93
C LEU A 83 -41.48 -45.45 -18.08
N ASP A 84 -41.20 -46.53 -17.35
CA ASP A 84 -41.95 -47.78 -17.47
C ASP A 84 -42.13 -48.22 -18.92
N LEU A 85 -41.02 -48.27 -19.66
CA LEU A 85 -41.08 -48.65 -21.07
C LEU A 85 -41.26 -50.17 -21.28
N LYS A 86 -42.05 -50.49 -22.31
CA LYS A 86 -42.38 -51.86 -22.70
C LYS A 86 -42.33 -51.96 -24.19
N GLU A 87 -41.94 -53.15 -24.67
CA GLU A 87 -41.74 -53.45 -26.09
CA GLU A 87 -41.82 -53.39 -26.10
C GLU A 87 -40.81 -52.41 -26.72
N VAL A 88 -39.69 -52.14 -26.03
CA VAL A 88 -38.74 -51.14 -26.54
C VAL A 88 -37.80 -51.69 -27.60
N THR A 89 -37.61 -50.92 -28.67
CA THR A 89 -36.58 -51.24 -29.62
C THR A 89 -35.33 -50.42 -29.21
N LEU A 90 -34.23 -51.13 -28.90
CA LEU A 90 -32.97 -50.49 -28.47
C LEU A 90 -32.09 -50.26 -29.67
N VAL A 91 -31.57 -49.04 -29.85
CA VAL A 91 -30.73 -48.71 -30.99
C VAL A 91 -29.42 -48.14 -30.46
N GLY A 92 -28.29 -48.79 -30.74
CA GLY A 92 -27.00 -48.33 -30.21
C GLY A 92 -26.07 -48.03 -31.35
N PHE A 93 -25.40 -46.88 -31.29
CA PHE A 93 -24.38 -46.53 -32.28
C PHE A 93 -22.97 -46.59 -31.65
N SER A 94 -22.04 -47.19 -32.39
CA SER A 94 -20.64 -47.20 -32.02
C SER A 94 -20.47 -47.82 -30.61
N MET A 95 -19.86 -47.09 -29.68
CA MET A 95 -19.67 -47.60 -28.33
C MET A 95 -21.02 -47.83 -27.64
N GLY A 96 -22.03 -47.10 -28.09
CA GLY A 96 -23.38 -47.22 -27.58
C GLY A 96 -24.05 -48.55 -27.94
N GLY A 97 -23.50 -49.28 -28.93
CA GLY A 97 -23.92 -50.70 -29.16
C GLY A 97 -23.62 -51.54 -27.92
N GLY A 98 -22.57 -51.18 -27.20
CA GLY A 98 -22.17 -51.93 -26.00
C GLY A 98 -23.10 -51.82 -24.80
N ASP A 99 -23.60 -50.61 -24.49
CA ASP A 99 -24.49 -50.50 -23.36
C ASP A 99 -25.91 -51.09 -23.56
N VAL A 100 -26.42 -51.06 -24.80
CA VAL A 100 -27.70 -51.72 -25.06
C VAL A 100 -27.54 -53.26 -24.98
N ALA A 101 -26.47 -53.82 -25.54
CA ALA A 101 -26.17 -55.26 -25.40
C ALA A 101 -25.96 -55.65 -23.94
N ARG A 102 -25.17 -54.86 -23.22
CA ARG A 102 -24.92 -55.15 -21.82
C ARG A 102 -26.17 -54.97 -20.97
N TYR A 103 -27.10 -54.10 -21.37
CA TYR A 103 -28.35 -53.96 -20.67
C TYR A 103 -29.14 -55.27 -20.81
N ILE A 104 -29.20 -55.83 -22.02
CA ILE A 104 -29.90 -57.13 -22.22
C ILE A 104 -29.21 -58.23 -21.39
N ALA A 105 -27.89 -58.28 -21.46
CA ALA A 105 -27.11 -59.25 -20.69
C ALA A 105 -27.37 -59.17 -19.18
N ARG A 106 -27.41 -57.98 -18.61
CA ARG A 106 -27.62 -57.84 -17.15
C ARG A 106 -29.07 -57.90 -16.68
N HIS A 107 -30.02 -57.51 -17.53
CA HIS A 107 -31.39 -57.31 -17.06
C HIS A 107 -32.41 -58.19 -17.79
N GLY A 108 -31.98 -58.93 -18.81
CA GLY A 108 -32.89 -59.73 -19.62
C GLY A 108 -33.60 -58.90 -20.68
N SER A 109 -34.43 -59.57 -21.48
CA SER A 109 -35.13 -58.91 -22.57
C SER A 109 -36.64 -58.77 -22.37
N ALA A 110 -37.14 -58.87 -21.14
CA ALA A 110 -38.61 -58.79 -20.89
C ALA A 110 -39.21 -57.51 -21.48
N ARG A 111 -38.47 -56.42 -21.37
CA ARG A 111 -38.98 -55.12 -21.78
C ARG A 111 -38.65 -54.75 -23.22
N VAL A 112 -37.98 -55.66 -23.91
CA VAL A 112 -37.33 -55.36 -25.19
C VAL A 112 -37.99 -56.09 -26.36
N ALA A 113 -38.36 -55.35 -27.41
CA ALA A 113 -38.97 -55.89 -28.62
C ALA A 113 -37.96 -56.17 -29.72
N GLY A 114 -36.84 -55.46 -29.70
CA GLY A 114 -35.86 -55.56 -30.79
C GLY A 114 -34.56 -54.83 -30.48
N LEU A 115 -33.51 -55.14 -31.23
CA LEU A 115 -32.20 -54.56 -31.03
C LEU A 115 -31.63 -54.15 -32.37
N VAL A 116 -31.05 -52.95 -32.42
CA VAL A 116 -30.38 -52.48 -33.62
C VAL A 116 -28.96 -52.04 -33.25
N LEU A 117 -27.97 -52.60 -33.95
CA LEU A 117 -26.55 -52.31 -33.69
C LEU A 117 -25.95 -51.58 -34.89
N LEU A 118 -25.59 -50.30 -34.71
CA LEU A 118 -25.14 -49.43 -35.81
C LEU A 118 -23.66 -49.07 -35.67
N GLY A 119 -22.83 -49.49 -36.63
CA GLY A 119 -21.39 -49.34 -36.53
C GLY A 119 -20.85 -49.62 -35.12
N ALA A 120 -21.38 -50.68 -34.50
CA ALA A 120 -21.16 -50.92 -33.06
C ALA A 120 -19.86 -51.65 -32.74
N VAL A 121 -19.35 -51.43 -31.54
CA VAL A 121 -18.11 -52.06 -31.06
C VAL A 121 -18.34 -53.55 -30.73
N THR A 122 -19.60 -53.96 -30.71
CA THR A 122 -19.95 -55.39 -30.47
C THR A 122 -19.42 -56.30 -31.59
N PRO A 123 -18.98 -57.51 -31.25
CA PRO A 123 -19.09 -58.10 -29.91
C PRO A 123 -17.81 -57.90 -29.08
N LEU A 124 -16.76 -57.40 -29.72
CA LEU A 124 -15.47 -57.15 -29.06
C LEU A 124 -14.70 -56.26 -30.00
N PHE A 125 -14.09 -55.23 -29.47
CA PHE A 125 -13.38 -54.24 -30.28
C PHE A 125 -11.85 -54.47 -30.18
N GLY A 126 -11.31 -54.49 -28.95
CA GLY A 126 -9.86 -54.55 -28.75
C GLY A 126 -9.39 -55.99 -28.76
N GLN A 127 -8.07 -56.20 -28.82
CA GLN A 127 -7.46 -57.55 -28.79
C GLN A 127 -7.68 -58.29 -27.47
N LYS A 128 -7.87 -59.61 -27.57
CA LYS A 128 -7.84 -60.52 -26.42
C LYS A 128 -6.94 -61.69 -26.80
N PRO A 129 -6.54 -62.54 -25.83
CA PRO A 129 -5.69 -63.70 -26.19
C PRO A 129 -6.29 -64.56 -27.32
N ASP A 130 -7.59 -64.83 -27.27
CA ASP A 130 -8.30 -65.56 -28.36
C ASP A 130 -8.88 -64.62 -29.44
N TYR A 131 -8.46 -63.34 -29.46
CA TYR A 131 -8.94 -62.41 -30.47
C TYR A 131 -7.84 -61.46 -30.93
N PRO A 132 -6.71 -62.02 -31.42
CA PRO A 132 -5.62 -61.21 -31.93
C PRO A 132 -6.01 -60.36 -33.13
N GLN A 133 -7.13 -60.69 -33.79
CA GLN A 133 -7.62 -59.85 -34.90
C GLN A 133 -8.23 -58.50 -34.41
N GLY A 134 -8.45 -58.38 -33.09
CA GLY A 134 -8.99 -57.13 -32.49
C GLY A 134 -8.02 -55.97 -32.61
N VAL A 135 -8.44 -54.75 -32.26
CA VAL A 135 -7.51 -53.60 -32.27
C VAL A 135 -6.53 -53.71 -31.11
N PRO A 136 -5.20 -53.65 -31.41
CA PRO A 136 -4.21 -53.75 -30.34
C PRO A 136 -4.42 -52.67 -29.29
N LEU A 137 -4.18 -53.03 -28.04
CA LEU A 137 -4.44 -52.10 -26.95
C LEU A 137 -3.52 -50.85 -26.98
N ASP A 138 -2.34 -50.96 -27.57
CA ASP A 138 -1.41 -49.81 -27.69
CA ASP A 138 -1.44 -49.80 -27.64
C ASP A 138 -2.01 -48.70 -28.52
N VAL A 139 -2.91 -49.07 -29.44
CA VAL A 139 -3.63 -48.10 -30.25
C VAL A 139 -4.52 -47.21 -29.36
N PHE A 140 -5.29 -47.81 -28.48
CA PHE A 140 -6.14 -47.06 -27.56
C PHE A 140 -5.28 -46.33 -26.51
N ALA A 141 -4.15 -46.92 -26.13
CA ALA A 141 -3.27 -46.30 -25.13
C ALA A 141 -2.77 -44.98 -25.68
N ARG A 142 -2.45 -44.97 -26.97
CA ARG A 142 -2.00 -43.77 -27.64
C ARG A 142 -3.10 -42.70 -27.75
N PHE A 143 -4.34 -43.10 -28.07
CA PHE A 143 -5.49 -42.16 -28.04
C PHE A 143 -5.61 -41.50 -26.68
N LYS A 144 -5.54 -42.30 -25.61
CA LYS A 144 -5.66 -41.77 -24.26
C LYS A 144 -4.57 -40.73 -23.94
N THR A 145 -3.34 -41.03 -24.34
CA THR A 145 -2.21 -40.10 -24.20
C THR A 145 -2.48 -38.79 -24.93
N GLU A 146 -2.96 -38.87 -26.16
CA GLU A 146 -3.30 -37.68 -26.93
C GLU A 146 -4.46 -36.90 -26.29
N LEU A 147 -5.49 -37.60 -25.84
CA LEU A 147 -6.64 -36.93 -25.18
C LEU A 147 -6.22 -36.22 -23.90
N LEU A 148 -5.28 -36.82 -23.16
CA LEU A 148 -4.80 -36.24 -21.91
C LEU A 148 -3.79 -35.10 -22.11
N LYS A 149 -3.40 -34.86 -23.36
CA LYS A 149 -2.60 -33.68 -23.76
C LYS A 149 -3.50 -32.59 -24.33
N ASP A 150 -4.38 -32.94 -25.28
CA ASP A 150 -5.25 -31.93 -25.92
C ASP A 150 -6.49 -32.59 -26.51
N ARG A 151 -7.53 -32.78 -25.69
CA ARG A 151 -8.72 -33.43 -26.22
C ARG A 151 -9.43 -32.64 -27.31
N ALA A 152 -9.39 -31.31 -27.23
CA ALA A 152 -10.09 -30.48 -28.22
C ALA A 152 -9.51 -30.67 -29.61
N GLN A 153 -8.18 -30.71 -29.71
CA GLN A 153 -7.55 -30.92 -31.02
C GLN A 153 -7.73 -32.40 -31.46
N PHE A 154 -7.66 -33.33 -30.51
CA PHE A 154 -7.97 -34.71 -30.85
C PHE A 154 -9.32 -34.83 -31.54
N ILE A 155 -10.36 -34.27 -30.93
CA ILE A 155 -11.70 -34.32 -31.50
C ILE A 155 -11.78 -33.70 -32.91
N SER A 156 -11.15 -32.53 -33.06
CA SER A 156 -11.14 -31.82 -34.33
CA SER A 156 -11.14 -31.81 -34.33
C SER A 156 -10.54 -32.70 -35.43
N ASP A 157 -9.40 -33.34 -35.12
CA ASP A 157 -8.72 -34.24 -36.07
C ASP A 157 -9.51 -35.54 -36.33
N PHE A 158 -10.29 -35.96 -35.34
CA PHE A 158 -11.09 -37.17 -35.41
C PHE A 158 -12.27 -37.04 -36.42
N ASN A 159 -12.77 -35.80 -36.64
CA ASN A 159 -13.86 -35.55 -37.59
C ASN A 159 -13.61 -36.21 -38.95
N ALA A 160 -12.38 -36.11 -39.45
CA ALA A 160 -12.10 -36.57 -40.82
C ALA A 160 -12.26 -38.12 -40.96
N PRO A 161 -11.53 -38.93 -40.14
CA PRO A 161 -11.73 -40.39 -40.29
C PRO A 161 -13.10 -40.87 -39.82
N PHE A 162 -13.71 -40.11 -38.91
CA PHE A 162 -15.03 -40.47 -38.39
C PHE A 162 -16.08 -40.44 -39.51
N TYR A 163 -16.10 -39.34 -40.24
CA TYR A 163 -17.04 -39.13 -41.33
C TYR A 163 -16.55 -39.60 -42.72
N GLY A 164 -15.31 -40.08 -42.83
CA GLY A 164 -14.79 -40.53 -44.13
C GLY A 164 -14.49 -39.41 -45.09
N ILE A 165 -14.25 -38.21 -44.54
CA ILE A 165 -13.98 -37.01 -45.32
C ILE A 165 -12.64 -37.16 -46.02
N ASN A 166 -11.70 -37.81 -45.33
CA ASN A 166 -10.40 -38.12 -45.92
C ASN A 166 -10.47 -39.18 -47.04
N LYS A 167 -11.65 -39.74 -47.27
CA LYS A 167 -11.89 -40.69 -48.35
C LYS A 167 -13.07 -40.29 -49.22
N GLY A 168 -13.20 -38.99 -49.51
CA GLY A 168 -14.27 -38.46 -50.35
C GLY A 168 -15.73 -38.48 -49.91
N GLN A 169 -16.03 -38.75 -48.63
CA GLN A 169 -17.40 -38.46 -48.16
C GLN A 169 -17.51 -36.94 -48.03
N VAL A 170 -18.70 -36.43 -48.31
CA VAL A 170 -18.96 -34.98 -48.23
C VAL A 170 -19.79 -34.72 -46.99
N VAL A 171 -19.23 -33.98 -46.02
CA VAL A 171 -19.94 -33.59 -44.80
C VAL A 171 -19.71 -32.09 -44.61
N SER A 172 -20.78 -31.32 -44.38
CA SER A 172 -20.66 -29.86 -44.28
C SER A 172 -19.80 -29.40 -43.11
N GLN A 173 -19.28 -28.18 -43.22
CA GLN A 173 -18.55 -27.57 -42.12
CA GLN A 173 -18.54 -27.60 -42.11
C GLN A 173 -19.48 -27.43 -40.91
N GLY A 174 -20.75 -27.16 -41.17
CA GLY A 174 -21.71 -27.01 -40.07
C GLY A 174 -21.81 -28.26 -39.20
N VAL A 175 -21.93 -29.43 -39.83
CA VAL A 175 -21.97 -30.68 -39.11
C VAL A 175 -20.65 -30.89 -38.33
N GLN A 176 -19.52 -30.56 -38.93
CA GLN A 176 -18.26 -30.74 -38.21
C GLN A 176 -18.14 -29.82 -37.01
N THR A 177 -18.57 -28.56 -37.17
CA THR A 177 -18.66 -27.62 -36.05
C THR A 177 -19.57 -28.13 -34.95
N GLN A 178 -20.75 -28.60 -35.31
CA GLN A 178 -21.71 -29.11 -34.31
C GLN A 178 -21.12 -30.31 -33.55
N THR A 179 -20.43 -31.19 -34.28
CA THR A 179 -19.82 -32.38 -33.69
C THR A 179 -18.77 -31.94 -32.65
N LEU A 180 -17.94 -30.97 -33.00
CA LEU A 180 -16.92 -30.50 -32.06
C LEU A 180 -17.57 -29.82 -30.86
N GLN A 181 -18.56 -28.95 -31.11
CA GLN A 181 -19.27 -28.25 -30.01
C GLN A 181 -19.83 -29.23 -28.98
N ILE A 182 -20.53 -30.25 -29.47
CA ILE A 182 -21.13 -31.28 -28.58
C ILE A 182 -20.05 -32.08 -27.83
N ALA A 183 -19.00 -32.49 -28.55
CA ALA A 183 -17.92 -33.25 -27.91
C ALA A 183 -17.26 -32.48 -26.74
N LEU A 184 -17.13 -31.16 -26.90
CA LEU A 184 -16.52 -30.31 -25.86
C LEU A 184 -17.36 -30.12 -24.61
N LEU A 185 -18.67 -30.38 -24.72
CA LEU A 185 -19.53 -30.42 -23.53
C LEU A 185 -19.11 -31.54 -22.58
N ALA A 186 -18.52 -32.60 -23.12
CA ALA A 186 -18.21 -33.78 -22.30
C ALA A 186 -17.06 -33.56 -21.33
N SER A 187 -17.06 -34.41 -20.30
CA SER A 187 -15.98 -34.52 -19.32
C SER A 187 -14.71 -35.12 -19.94
N LEU A 188 -13.55 -34.51 -19.66
CA LEU A 188 -12.27 -35.11 -20.03
C LEU A 188 -12.16 -36.55 -19.47
N LYS A 189 -12.52 -36.70 -18.19
CA LYS A 189 -12.48 -37.99 -17.48
C LYS A 189 -13.39 -39.05 -18.16
N ALA A 190 -14.64 -38.69 -18.43
CA ALA A 190 -15.55 -39.62 -19.11
C ALA A 190 -15.00 -39.97 -20.51
N THR A 191 -14.53 -38.95 -21.23
CA THR A 191 -14.01 -39.16 -22.56
C THR A 191 -12.87 -40.22 -22.57
N VAL A 192 -11.93 -40.10 -21.62
CA VAL A 192 -10.78 -41.04 -21.50
C VAL A 192 -11.22 -42.43 -21.00
N ASP A 193 -12.02 -42.48 -19.93
CA ASP A 193 -12.51 -43.76 -19.40
C ASP A 193 -13.33 -44.56 -20.44
N CYS A 194 -14.10 -43.87 -21.28
CA CYS A 194 -14.83 -44.58 -22.31
C CYS A 194 -13.89 -45.33 -23.27
N VAL A 195 -12.72 -44.77 -23.53
CA VAL A 195 -11.74 -45.43 -24.40
C VAL A 195 -11.32 -46.76 -23.74
N THR A 196 -10.95 -46.69 -22.46
CA THR A 196 -10.65 -47.90 -21.67
C THR A 196 -11.81 -48.91 -21.77
N ALA A 197 -13.03 -48.42 -21.57
CA ALA A 197 -14.22 -49.26 -21.59
C ALA A 197 -14.42 -49.99 -22.92
N PHE A 198 -14.47 -49.24 -24.03
CA PHE A 198 -14.67 -49.89 -25.32
C PHE A 198 -13.44 -50.65 -25.86
N ALA A 199 -12.25 -50.30 -25.36
CA ALA A 199 -11.05 -51.06 -25.70
C ALA A 199 -11.03 -52.49 -25.11
N GLU A 200 -11.59 -52.67 -23.92
CA GLU A 200 -11.28 -53.81 -23.09
C GLU A 200 -12.50 -54.68 -22.80
N THR A 201 -13.70 -54.17 -23.04
CA THR A 201 -14.89 -54.89 -22.63
C THR A 201 -15.27 -55.91 -23.71
N ASP A 202 -15.59 -57.12 -23.26
CA ASP A 202 -15.90 -58.27 -24.14
C ASP A 202 -17.39 -58.51 -24.11
N PHE A 203 -18.07 -58.28 -25.24
CA PHE A 203 -19.52 -58.49 -25.32
C PHE A 203 -19.88 -59.85 -25.98
N ARG A 204 -18.90 -60.73 -26.15
CA ARG A 204 -19.20 -62.06 -26.73
C ARG A 204 -20.19 -62.87 -25.88
N PRO A 205 -20.02 -62.92 -24.54
CA PRO A 205 -21.09 -63.54 -23.72
C PRO A 205 -22.46 -62.90 -23.92
N ASP A 206 -22.50 -61.56 -24.03
CA ASP A 206 -23.74 -60.83 -24.24
C ASP A 206 -24.47 -61.29 -25.49
N MET A 207 -23.73 -61.61 -26.55
CA MET A 207 -24.32 -61.98 -27.83
C MET A 207 -25.27 -63.19 -27.67
N ALA A 208 -24.87 -64.14 -26.82
CA ALA A 208 -25.67 -65.37 -26.58
C ALA A 208 -26.93 -65.08 -25.75
N LYS A 209 -26.97 -63.93 -25.07
CA LYS A 209 -28.16 -63.56 -24.29
C LYS A 209 -29.20 -62.79 -25.10
N ILE A 210 -28.86 -62.42 -26.33
CA ILE A 210 -29.77 -61.61 -27.14
C ILE A 210 -30.77 -62.53 -27.85
N ASP A 211 -32.00 -62.55 -27.35
CA ASP A 211 -33.04 -63.44 -27.88
C ASP A 211 -34.21 -62.66 -28.49
N VAL A 212 -33.90 -61.54 -29.15
CA VAL A 212 -34.92 -60.69 -29.78
C VAL A 212 -34.48 -60.43 -31.21
N PRO A 213 -35.44 -60.04 -32.08
CA PRO A 213 -35.05 -59.69 -33.45
C PRO A 213 -33.99 -58.60 -33.41
N THR A 214 -32.98 -58.75 -34.27
CA THR A 214 -31.81 -57.87 -34.25
C THR A 214 -31.39 -57.53 -35.66
N LEU A 215 -31.14 -56.24 -35.88
CA LEU A 215 -30.62 -55.74 -37.12
C LEU A 215 -29.27 -55.14 -36.81
N VAL A 216 -28.25 -55.59 -37.54
CA VAL A 216 -26.92 -55.05 -37.46
C VAL A 216 -26.69 -54.26 -38.73
N ILE A 217 -26.33 -52.98 -38.60
CA ILE A 217 -25.93 -52.21 -39.78
C ILE A 217 -24.52 -51.69 -39.60
N HIS A 218 -23.70 -51.75 -40.65
CA HIS A 218 -22.33 -51.30 -40.52
C HIS A 218 -21.85 -50.83 -41.88
N GLY A 219 -21.00 -49.83 -41.91
CA GLY A 219 -20.40 -49.41 -43.17
C GLY A 219 -19.11 -50.17 -43.33
N ASP A 220 -18.81 -50.64 -44.55
CA ASP A 220 -17.56 -51.38 -44.74
C ASP A 220 -16.40 -50.49 -45.12
N GLY A 221 -16.63 -49.17 -45.16
CA GLY A 221 -15.50 -48.24 -45.18
C GLY A 221 -15.18 -47.67 -43.77
N ASP A 222 -15.75 -48.27 -42.72
CA ASP A 222 -15.61 -47.74 -41.37
C ASP A 222 -14.16 -47.73 -40.91
N GLN A 223 -13.59 -46.53 -40.78
CA GLN A 223 -12.17 -46.41 -40.35
C GLN A 223 -11.99 -46.47 -38.83
N ILE A 224 -13.08 -46.43 -38.08
CA ILE A 224 -12.97 -46.36 -36.62
C ILE A 224 -13.23 -47.73 -35.96
N VAL A 225 -14.35 -48.34 -36.32
CA VAL A 225 -14.76 -49.61 -35.77
C VAL A 225 -14.80 -50.60 -36.96
N PRO A 226 -13.76 -51.45 -37.10
CA PRO A 226 -13.63 -52.23 -38.35
C PRO A 226 -14.77 -53.25 -38.51
N PHE A 227 -15.48 -53.13 -39.63
CA PHE A 227 -16.58 -54.03 -39.93
C PHE A 227 -16.21 -55.54 -39.73
N GLU A 228 -15.09 -55.97 -40.30
CA GLU A 228 -14.72 -57.40 -40.35
C GLU A 228 -14.69 -58.09 -38.98
N THR A 229 -14.32 -57.34 -37.93
CA THR A 229 -14.14 -57.93 -36.60
C THR A 229 -15.21 -57.49 -35.58
N THR A 230 -16.17 -56.66 -36.00
CA THR A 230 -17.22 -56.20 -35.11
C THR A 230 -18.59 -56.57 -35.70
N GLY A 231 -19.25 -55.64 -36.40
CA GLY A 231 -20.58 -55.89 -36.97
C GLY A 231 -20.75 -57.24 -37.70
N LYS A 232 -19.79 -57.59 -38.54
CA LYS A 232 -19.82 -58.90 -39.24
C LYS A 232 -19.94 -60.08 -38.26
N VAL A 233 -19.20 -60.03 -37.16
CA VAL A 233 -19.17 -61.10 -36.18
C VAL A 233 -20.40 -61.03 -35.29
N ALA A 234 -20.79 -59.83 -34.89
CA ALA A 234 -22.02 -59.68 -34.12
C ALA A 234 -23.25 -60.30 -34.84
N ALA A 235 -23.34 -60.06 -36.15
CA ALA A 235 -24.47 -60.61 -36.92
C ALA A 235 -24.46 -62.15 -36.95
N GLU A 236 -23.26 -62.74 -37.02
CA GLU A 236 -23.11 -64.21 -37.02
C GLU A 236 -23.39 -64.79 -35.64
N LEU A 237 -23.03 -64.06 -34.57
CA LEU A 237 -23.15 -64.57 -33.20
C LEU A 237 -24.52 -64.43 -32.55
N ILE A 238 -25.34 -63.52 -33.05
CA ILE A 238 -26.66 -63.29 -32.47
C ILE A 238 -27.66 -64.15 -33.26
N LYS A 239 -28.42 -64.99 -32.56
CA LYS A 239 -29.32 -65.92 -33.26
C LYS A 239 -30.38 -65.15 -34.05
N GLY A 240 -30.39 -65.41 -35.36
CA GLY A 240 -31.43 -64.91 -36.26
C GLY A 240 -31.23 -63.46 -36.66
N ALA A 241 -30.07 -62.89 -36.34
CA ALA A 241 -29.84 -61.48 -36.61
C ALA A 241 -29.77 -61.23 -38.10
N GLU A 242 -30.24 -60.05 -38.52
CA GLU A 242 -30.12 -59.61 -39.88
C GLU A 242 -28.92 -58.63 -40.01
N LEU A 243 -28.18 -58.73 -41.10
CA LEU A 243 -27.07 -57.83 -41.35
C LEU A 243 -27.29 -56.96 -42.59
N LYS A 244 -27.10 -55.65 -42.48
CA LYS A 244 -27.00 -54.82 -43.68
C LYS A 244 -25.68 -54.05 -43.73
N VAL A 245 -25.02 -54.12 -44.87
CA VAL A 245 -23.74 -53.46 -45.04
C VAL A 245 -23.98 -52.30 -45.99
N TYR A 246 -23.62 -51.08 -45.54
CA TYR A 246 -23.69 -49.91 -46.39
C TYR A 246 -22.35 -49.78 -47.11
N LYS A 247 -22.37 -49.88 -48.43
CA LYS A 247 -21.14 -49.93 -49.19
C LYS A 247 -20.34 -48.65 -49.08
N ASP A 248 -19.08 -48.81 -48.66
CA ASP A 248 -18.10 -47.74 -48.49
C ASP A 248 -18.47 -46.70 -47.44
N ALA A 249 -19.56 -46.93 -46.71
CA ALA A 249 -20.03 -45.99 -45.68
C ALA A 249 -19.02 -45.86 -44.54
N PRO A 250 -18.91 -44.66 -43.95
CA PRO A 250 -17.94 -44.45 -42.91
C PRO A 250 -18.51 -44.83 -41.54
N HIS A 251 -17.76 -44.51 -40.48
CA HIS A 251 -18.28 -44.69 -39.14
C HIS A 251 -19.50 -43.79 -38.90
N GLY A 252 -19.38 -42.51 -39.26
CA GLY A 252 -20.44 -41.52 -39.01
C GLY A 252 -21.59 -41.55 -40.01
N PHE A 253 -22.09 -42.76 -40.31
CA PHE A 253 -23.09 -42.96 -41.35
C PHE A 253 -24.52 -42.50 -41.02
N ALA A 254 -24.80 -42.21 -39.74
CA ALA A 254 -26.09 -41.62 -39.39
C ALA A 254 -26.21 -40.21 -40.02
N VAL A 255 -25.06 -39.59 -40.31
CA VAL A 255 -24.99 -38.33 -41.02
C VAL A 255 -24.92 -38.61 -42.54
N THR A 256 -23.93 -39.39 -42.99
CA THR A 256 -23.71 -39.53 -44.44
C THR A 256 -24.81 -40.33 -45.17
N HIS A 257 -25.48 -41.23 -44.44
CA HIS A 257 -26.51 -42.11 -44.98
C HIS A 257 -27.81 -41.99 -44.16
N ALA A 258 -28.13 -40.77 -43.71
CA ALA A 258 -29.28 -40.52 -42.84
C ALA A 258 -30.61 -41.09 -43.36
N GLN A 259 -30.94 -40.78 -44.62
CA GLN A 259 -32.22 -41.21 -45.19
C GLN A 259 -32.32 -42.75 -45.32
N GLN A 260 -31.25 -43.36 -45.79
CA GLN A 260 -31.20 -44.83 -45.89
C GLN A 260 -31.37 -45.48 -44.51
N LEU A 261 -30.73 -44.89 -43.50
CA LEU A 261 -30.85 -45.38 -42.13
C LEU A 261 -32.28 -45.22 -41.59
N ASN A 262 -32.88 -44.04 -41.77
CA ASN A 262 -34.26 -43.80 -41.34
C ASN A 262 -35.20 -44.86 -41.91
N GLU A 263 -35.08 -45.09 -43.20
CA GLU A 263 -35.93 -46.08 -43.90
C GLU A 263 -35.72 -47.50 -43.40
N ASP A 264 -34.45 -47.87 -43.13
CA ASP A 264 -34.13 -49.20 -42.55
C ASP A 264 -34.68 -49.38 -41.15
N LEU A 265 -34.56 -48.34 -40.33
CA LEU A 265 -35.13 -48.37 -38.99
C LEU A 265 -36.61 -48.52 -39.04
N LEU A 266 -37.25 -47.75 -39.91
CA LEU A 266 -38.72 -47.83 -40.03
C LEU A 266 -39.13 -49.24 -40.53
N ALA A 267 -38.42 -49.76 -41.52
CA ALA A 267 -38.71 -51.11 -42.09
C ALA A 267 -38.58 -52.20 -41.04
N PHE A 268 -37.53 -52.09 -40.23
CA PHE A 268 -37.31 -52.98 -39.09
C PHE A 268 -38.44 -52.93 -38.08
N LEU A 269 -38.87 -51.72 -37.71
CA LEU A 269 -39.92 -51.56 -36.70
C LEU A 269 -41.26 -52.13 -37.20
N LYS A 270 -41.47 -52.06 -38.52
CA LYS A 270 -42.74 -52.49 -39.10
C LYS A 270 -42.77 -53.98 -39.39
N ARG A 271 -41.60 -54.62 -39.47
CA ARG A 271 -41.49 -56.05 -39.87
C ARG A 271 -42.63 -56.93 -39.29
N SER B 1 -22.89 -31.02 -10.64
CA SER B 1 -23.53 -30.72 -9.31
C SER B 1 -23.87 -29.25 -9.23
N THR B 2 -24.77 -28.91 -8.34
CA THR B 2 -25.12 -27.48 -8.16
CA THR B 2 -25.21 -27.57 -8.16
C THR B 2 -25.33 -27.16 -6.66
N PHE B 3 -25.00 -25.94 -6.29
CA PHE B 3 -25.48 -25.45 -4.99
C PHE B 3 -26.13 -24.11 -5.23
N VAL B 4 -26.91 -23.65 -4.25
CA VAL B 4 -27.64 -22.40 -4.39
C VAL B 4 -27.08 -21.41 -3.42
N ALA B 5 -26.58 -20.28 -3.92
CA ALA B 5 -26.02 -19.25 -3.08
C ALA B 5 -27.12 -18.52 -2.32
N LYS B 6 -26.72 -17.80 -1.28
CA LYS B 6 -27.65 -17.11 -0.38
C LYS B 6 -28.71 -16.32 -1.13
N ASP B 7 -28.32 -15.63 -2.21
CA ASP B 7 -29.22 -14.80 -2.99
C ASP B 7 -30.03 -15.56 -4.05
N GLY B 8 -29.96 -16.89 -4.04
CA GLY B 8 -30.72 -17.72 -4.97
C GLY B 8 -29.97 -18.17 -6.23
N THR B 9 -28.75 -17.66 -6.45
CA THR B 9 -27.93 -18.03 -7.64
C THR B 9 -27.51 -19.49 -7.60
N GLN B 10 -27.89 -20.22 -8.64
CA GLN B 10 -27.46 -21.58 -8.76
C GLN B 10 -26.04 -21.65 -9.42
N ILE B 11 -25.11 -22.33 -8.75
CA ILE B 11 -23.74 -22.41 -9.15
C ILE B 11 -23.39 -23.87 -9.48
N TYR B 12 -22.86 -24.08 -10.69
CA TYR B 12 -22.40 -25.40 -11.12
C TYR B 12 -21.01 -25.72 -10.58
N PHE B 13 -20.80 -26.97 -10.14
CA PHE B 13 -19.46 -27.44 -9.78
C PHE B 13 -19.27 -28.92 -10.11
N LYS B 14 -18.00 -29.33 -10.18
CA LYS B 14 -17.67 -30.73 -10.33
C LYS B 14 -16.91 -31.11 -9.08
N ASP B 15 -17.20 -32.31 -8.59
CA ASP B 15 -16.57 -32.83 -7.37
C ASP B 15 -16.11 -34.26 -7.70
N TRP B 16 -14.82 -34.43 -7.94
CA TRP B 16 -14.25 -35.66 -8.43
C TRP B 16 -13.31 -36.35 -7.44
N GLY B 17 -13.51 -37.65 -7.28
CA GLY B 17 -12.56 -38.52 -6.56
C GLY B 17 -12.69 -38.40 -5.04
N SER B 18 -11.67 -38.89 -4.34
CA SER B 18 -11.68 -38.85 -2.88
C SER B 18 -10.28 -38.61 -2.32
N GLY B 19 -10.22 -38.21 -1.04
CA GLY B 19 -8.96 -37.80 -0.43
C GLY B 19 -9.03 -36.36 0.05
N LYS B 20 -7.86 -35.83 0.37
CA LYS B 20 -7.74 -34.41 0.72
C LYS B 20 -8.24 -33.54 -0.43
N PRO B 21 -9.04 -32.49 -0.14
CA PRO B 21 -9.66 -31.75 -1.24
C PRO B 21 -8.79 -30.60 -1.76
N VAL B 22 -8.90 -30.38 -3.06
CA VAL B 22 -8.24 -29.31 -3.78
C VAL B 22 -9.37 -28.58 -4.53
N LEU B 23 -9.58 -27.30 -4.19
CA LEU B 23 -10.70 -26.53 -4.74
C LEU B 23 -10.13 -25.46 -5.67
N PHE B 24 -10.60 -25.48 -6.91
CA PHE B 24 -10.02 -24.63 -7.99
C PHE B 24 -10.97 -23.48 -8.36
N SER B 25 -10.43 -22.27 -8.51
CA SER B 25 -11.20 -21.08 -8.84
C SER B 25 -10.66 -20.53 -10.17
N HIS B 26 -11.47 -20.57 -11.23
CA HIS B 26 -11.05 -20.23 -12.61
C HIS B 26 -10.85 -18.73 -12.86
N GLY B 27 -10.25 -18.42 -14.02
CA GLY B 27 -9.97 -17.04 -14.40
C GLY B 27 -11.17 -16.43 -15.13
N TRP B 28 -10.94 -15.28 -15.74
N TRP B 28 -10.94 -15.29 -15.75
CA TRP B 28 -11.98 -14.51 -16.39
CA TRP B 28 -12.02 -14.44 -16.22
C TRP B 28 -12.42 -15.11 -17.74
C TRP B 28 -13.07 -15.08 -17.18
N ILE B 29 -13.69 -15.20 -17.97
N ILE B 29 -12.80 -15.21 -18.44
CA ILE B 29 -14.22 -15.76 -19.22
CA ILE B 29 -13.90 -15.70 -19.26
C ILE B 29 -13.86 -17.21 -19.44
C ILE B 29 -13.81 -17.19 -19.45
N LEU B 30 -13.57 -17.92 -18.40
CA LEU B 30 -13.34 -19.34 -18.49
C LEU B 30 -14.46 -20.01 -17.67
N ASP B 31 -14.31 -21.28 -17.35
CA ASP B 31 -15.22 -21.91 -16.40
C ASP B 31 -14.47 -23.07 -15.78
N ALA B 32 -15.15 -23.95 -15.03
CA ALA B 32 -14.45 -25.06 -14.34
C ALA B 32 -13.66 -25.98 -15.30
N ASP B 33 -14.07 -26.08 -16.58
CA ASP B 33 -13.36 -26.95 -17.53
C ASP B 33 -11.90 -26.53 -17.73
N MET B 34 -11.50 -25.30 -17.41
CA MET B 34 -10.06 -24.93 -17.58
C MET B 34 -9.16 -25.78 -16.69
N TRP B 35 -9.74 -26.40 -15.66
CA TRP B 35 -8.99 -27.20 -14.71
C TRP B 35 -8.99 -28.72 -15.01
N GLU B 36 -9.69 -29.14 -16.05
CA GLU B 36 -9.98 -30.59 -16.26
C GLU B 36 -8.73 -31.49 -16.25
N TYR B 37 -7.63 -31.00 -16.80
CA TYR B 37 -6.39 -31.80 -16.82
C TYR B 37 -5.73 -31.86 -15.43
N GLN B 38 -5.78 -30.75 -14.67
CA GLN B 38 -5.23 -30.76 -13.31
C GLN B 38 -6.09 -31.66 -12.41
N MET B 39 -7.40 -31.62 -12.62
CA MET B 39 -8.36 -32.43 -11.87
C MET B 39 -8.19 -33.94 -12.13
N GLU B 40 -8.14 -34.32 -13.39
CA GLU B 40 -7.82 -35.69 -13.75
C GLU B 40 -6.46 -36.13 -13.20
N TYR B 41 -5.44 -35.27 -13.32
CA TYR B 41 -4.10 -35.60 -12.83
C TYR B 41 -4.09 -35.88 -11.33
N LEU B 42 -4.68 -35.00 -10.55
CA LEU B 42 -4.64 -35.15 -9.09
C LEU B 42 -5.62 -36.19 -8.55
N SER B 43 -6.82 -36.27 -9.13
CA SER B 43 -7.80 -37.25 -8.68
C SER B 43 -7.41 -38.71 -9.04
N SER B 44 -6.58 -38.89 -10.07
CA SER B 44 -5.98 -40.20 -10.39
C SER B 44 -4.84 -40.53 -9.44
N ARG B 45 -4.41 -39.56 -8.63
CA ARG B 45 -3.31 -39.77 -7.73
C ARG B 45 -3.74 -39.56 -6.27
N GLY B 46 -5.02 -39.81 -6.01
CA GLY B 46 -5.56 -39.92 -4.64
C GLY B 46 -6.00 -38.64 -3.94
N TYR B 47 -6.32 -37.59 -4.71
CA TYR B 47 -6.88 -36.36 -4.17
C TYR B 47 -8.30 -36.20 -4.65
N ARG B 48 -9.06 -35.43 -3.88
CA ARG B 48 -10.40 -35.02 -4.28
C ARG B 48 -10.30 -33.63 -4.91
N THR B 49 -10.84 -33.47 -6.12
CA THR B 49 -10.75 -32.18 -6.81
C THR B 49 -12.13 -31.60 -7.06
N ILE B 50 -12.25 -30.31 -6.78
CA ILE B 50 -13.52 -29.61 -6.90
C ILE B 50 -13.28 -28.31 -7.66
N ALA B 51 -14.16 -28.04 -8.62
CA ALA B 51 -14.06 -26.81 -9.39
C ALA B 51 -15.46 -26.33 -9.74
N PHE B 52 -15.69 -25.03 -9.60
CA PHE B 52 -17.02 -24.45 -9.80
C PHE B 52 -16.95 -23.47 -10.98
N ASP B 53 -18.12 -23.19 -11.57
CA ASP B 53 -18.25 -22.10 -12.54
C ASP B 53 -18.67 -20.89 -11.72
N ARG B 54 -17.86 -19.82 -11.76
CA ARG B 54 -18.19 -18.59 -11.05
C ARG B 54 -19.55 -18.10 -11.52
N ARG B 55 -20.31 -17.48 -10.61
CA ARG B 55 -21.59 -16.89 -10.95
C ARG B 55 -21.45 -15.98 -12.17
N GLY B 56 -22.38 -16.12 -13.11
CA GLY B 56 -22.29 -15.39 -14.37
C GLY B 56 -21.48 -16.12 -15.46
N PHE B 57 -20.85 -17.26 -15.16
CA PHE B 57 -20.01 -18.00 -16.12
C PHE B 57 -20.39 -19.46 -16.30
N GLY B 58 -19.97 -20.02 -17.43
CA GLY B 58 -20.13 -21.45 -17.71
C GLY B 58 -21.60 -21.85 -17.56
N ARG B 59 -21.80 -22.89 -16.76
CA ARG B 59 -23.12 -23.49 -16.58
C ARG B 59 -23.88 -22.92 -15.38
N SER B 60 -23.29 -21.92 -14.71
CA SER B 60 -23.95 -21.27 -13.56
C SER B 60 -25.01 -20.27 -14.00
N ASP B 61 -25.92 -19.91 -13.07
CA ASP B 61 -26.84 -18.79 -13.29
C ASP B 61 -26.10 -17.48 -13.50
N GLN B 62 -26.81 -16.51 -14.07
CA GLN B 62 -26.29 -15.19 -14.42
C GLN B 62 -27.03 -14.06 -13.67
N PRO B 63 -26.72 -13.87 -12.38
CA PRO B 63 -27.40 -12.80 -11.62
C PRO B 63 -26.92 -11.42 -12.05
N TRP B 64 -27.84 -10.46 -12.02
CA TRP B 64 -27.54 -9.07 -12.28
C TRP B 64 -26.65 -8.48 -11.16
N THR B 65 -26.85 -8.94 -9.92
CA THR B 65 -26.14 -8.35 -8.78
C THR B 65 -25.15 -9.34 -8.21
N GLY B 66 -24.23 -8.85 -7.38
CA GLY B 66 -23.34 -9.73 -6.67
C GLY B 66 -22.08 -10.09 -7.47
N ASN B 67 -21.82 -9.37 -8.54
CA ASN B 67 -20.61 -9.64 -9.36
C ASN B 67 -19.43 -8.86 -8.81
N ASP B 68 -18.95 -9.26 -7.64
CA ASP B 68 -17.89 -8.55 -6.93
C ASP B 68 -17.18 -9.54 -6.02
N TYR B 69 -15.98 -9.17 -5.57
CA TYR B 69 -15.12 -10.14 -4.92
C TYR B 69 -15.64 -10.56 -3.54
N ASP B 70 -16.28 -9.66 -2.79
CA ASP B 70 -16.86 -10.13 -1.52
C ASP B 70 -17.90 -11.21 -1.76
N THR B 71 -18.74 -11.04 -2.78
CA THR B 71 -19.72 -12.10 -3.09
C THR B 71 -19.04 -13.36 -3.62
N PHE B 72 -18.06 -13.20 -4.52
CA PHE B 72 -17.33 -14.41 -5.02
C PHE B 72 -16.71 -15.18 -3.88
N ALA B 73 -16.11 -14.44 -2.92
CA ALA B 73 -15.51 -15.10 -1.74
C ALA B 73 -16.56 -15.85 -0.93
N ASP B 74 -17.72 -15.23 -0.78
CA ASP B 74 -18.81 -15.87 -0.02
C ASP B 74 -19.40 -17.05 -0.75
N ASP B 75 -19.41 -17.01 -2.10
CA ASP B 75 -19.82 -18.19 -2.86
C ASP B 75 -18.88 -19.36 -2.53
N ILE B 76 -17.57 -19.07 -2.47
CA ILE B 76 -16.60 -20.12 -2.21
C ILE B 76 -16.82 -20.69 -0.79
N ALA B 77 -17.10 -19.80 0.17
CA ALA B 77 -17.42 -20.18 1.55
C ALA B 77 -18.61 -21.13 1.59
N GLN B 78 -19.64 -20.81 0.80
CA GLN B 78 -20.88 -21.63 0.75
CA GLN B 78 -20.86 -21.64 0.77
C GLN B 78 -20.59 -23.01 0.18
N LEU B 79 -19.76 -23.06 -0.87
CA LEU B 79 -19.37 -24.35 -1.46
C LEU B 79 -18.61 -25.24 -0.45
N ILE B 80 -17.64 -24.63 0.22
CA ILE B 80 -16.82 -25.33 1.22
C ILE B 80 -17.72 -25.86 2.35
N GLU B 81 -18.64 -25.03 2.82
CA GLU B 81 -19.61 -25.46 3.85
C GLU B 81 -20.62 -26.52 3.33
N HIS B 82 -21.18 -26.30 2.14
CA HIS B 82 -22.03 -27.25 1.39
C HIS B 82 -21.49 -28.67 1.44
N LEU B 83 -20.20 -28.82 1.14
CA LEU B 83 -19.52 -30.13 1.11
C LEU B 83 -18.77 -30.46 2.38
N ASP B 84 -18.81 -29.56 3.36
CA ASP B 84 -18.08 -29.73 4.63
C ASP B 84 -16.58 -30.00 4.43
N LEU B 85 -15.93 -29.23 3.57
CA LEU B 85 -14.52 -29.52 3.25
C LEU B 85 -13.58 -29.09 4.38
N LYS B 86 -12.55 -29.91 4.61
CA LYS B 86 -11.52 -29.65 5.60
C LYS B 86 -10.13 -29.86 4.98
N GLU B 87 -9.12 -29.15 5.49
CA GLU B 87 -7.74 -29.17 4.95
CA GLU B 87 -7.76 -29.29 4.95
C GLU B 87 -7.75 -29.05 3.42
N VAL B 88 -8.45 -28.02 2.98
CA VAL B 88 -8.57 -27.80 1.54
CA VAL B 88 -8.63 -27.67 1.55
C VAL B 88 -7.41 -26.92 1.06
N THR B 89 -6.89 -27.31 -0.10
CA THR B 89 -5.88 -26.52 -0.79
C THR B 89 -6.65 -25.71 -1.86
N LEU B 90 -6.60 -24.38 -1.72
CA LEU B 90 -7.30 -23.49 -2.62
C LEU B 90 -6.35 -23.15 -3.74
N VAL B 91 -6.85 -23.18 -4.99
CA VAL B 91 -5.99 -22.90 -6.15
C VAL B 91 -6.76 -21.93 -7.02
N GLY B 92 -6.19 -20.74 -7.25
CA GLY B 92 -6.89 -19.67 -7.97
C GLY B 92 -6.02 -19.26 -9.17
N PHE B 93 -6.64 -19.17 -10.34
CA PHE B 93 -5.97 -18.67 -11.51
C PHE B 93 -6.47 -17.28 -11.90
N SER B 94 -5.52 -16.39 -12.17
CA SER B 94 -5.85 -15.08 -12.75
C SER B 94 -6.80 -14.34 -11.79
N MET B 95 -7.99 -13.92 -12.26
CA MET B 95 -8.91 -13.17 -11.36
C MET B 95 -9.41 -14.06 -10.20
N GLY B 96 -9.36 -15.36 -10.44
CA GLY B 96 -9.71 -16.39 -9.46
C GLY B 96 -8.72 -16.46 -8.30
N GLY B 97 -7.51 -15.92 -8.45
CA GLY B 97 -6.63 -15.75 -7.27
C GLY B 97 -7.28 -14.79 -6.26
N GLY B 98 -8.04 -13.82 -6.76
CA GLY B 98 -8.65 -12.83 -5.89
C GLY B 98 -9.74 -13.40 -4.98
N ASP B 99 -10.62 -14.26 -5.51
CA ASP B 99 -11.68 -14.76 -4.65
C ASP B 99 -11.22 -15.81 -3.62
N VAL B 100 -10.17 -16.59 -3.92
CA VAL B 100 -9.64 -17.50 -2.88
C VAL B 100 -8.94 -16.70 -1.76
N ALA B 101 -8.23 -15.63 -2.13
CA ALA B 101 -7.57 -14.76 -1.17
C ALA B 101 -8.63 -14.06 -0.30
N ARG B 102 -9.66 -13.52 -0.95
CA ARG B 102 -10.72 -12.79 -0.25
C ARG B 102 -11.57 -13.72 0.62
N TYR B 103 -11.68 -14.99 0.20
CA TYR B 103 -12.32 -16.00 1.04
C TYR B 103 -11.55 -16.16 2.38
N ILE B 104 -10.23 -16.26 2.29
CA ILE B 104 -9.42 -16.39 3.51
C ILE B 104 -9.49 -15.09 4.32
N ALA B 105 -9.42 -13.96 3.65
CA ALA B 105 -9.50 -12.69 4.36
C ALA B 105 -10.85 -12.53 5.11
N ARG B 106 -11.95 -12.97 4.51
CA ARG B 106 -13.28 -12.77 5.12
C ARG B 106 -13.69 -13.90 6.08
N HIS B 107 -13.17 -15.12 5.87
CA HIS B 107 -13.62 -16.29 6.62
C HIS B 107 -12.52 -16.97 7.44
N GLY B 108 -11.29 -16.52 7.29
CA GLY B 108 -10.15 -17.18 7.99
C GLY B 108 -9.78 -18.51 7.35
N SER B 109 -8.79 -19.19 7.93
CA SER B 109 -8.18 -20.36 7.31
C SER B 109 -8.38 -21.69 8.05
N ALA B 110 -9.36 -21.76 8.95
CA ALA B 110 -9.63 -23.01 9.71
C ALA B 110 -9.79 -24.22 8.76
N ARG B 111 -10.45 -24.01 7.62
CA ARG B 111 -10.68 -25.13 6.69
C ARG B 111 -9.61 -25.33 5.61
N VAL B 112 -8.56 -24.51 5.67
CA VAL B 112 -7.60 -24.36 4.59
C VAL B 112 -6.22 -24.95 4.96
N ALA B 113 -5.74 -25.92 4.16
CA ALA B 113 -4.38 -26.44 4.33
C ALA B 113 -3.29 -25.64 3.61
N GLY B 114 -3.64 -24.94 2.52
CA GLY B 114 -2.62 -24.29 1.65
C GLY B 114 -3.28 -23.49 0.57
N LEU B 115 -2.51 -22.58 -0.04
CA LEU B 115 -3.02 -21.68 -1.09
C LEU B 115 -2.06 -21.68 -2.27
N VAL B 116 -2.62 -21.74 -3.48
CA VAL B 116 -1.80 -21.64 -4.71
C VAL B 116 -2.35 -20.49 -5.56
N LEU B 117 -1.50 -19.55 -5.96
CA LEU B 117 -1.95 -18.39 -6.72
C LEU B 117 -1.24 -18.47 -8.07
N LEU B 118 -2.03 -18.72 -9.13
CA LEU B 118 -1.49 -19.03 -10.47
C LEU B 118 -1.76 -17.86 -11.38
N GLY B 119 -0.70 -17.19 -11.85
CA GLY B 119 -0.92 -16.02 -12.74
C GLY B 119 -1.97 -15.05 -12.19
N ALA B 120 -1.97 -14.87 -10.87
CA ALA B 120 -3.06 -14.19 -10.15
C ALA B 120 -2.98 -12.66 -10.07
N VAL B 121 -4.15 -12.03 -10.03
CA VAL B 121 -4.28 -10.56 -9.96
C VAL B 121 -3.83 -10.01 -8.59
N THR B 122 -3.60 -10.92 -7.63
CA THR B 122 -3.13 -10.53 -6.29
C THR B 122 -1.71 -9.95 -6.37
N PRO B 123 -1.38 -8.97 -5.51
CA PRO B 123 -2.23 -8.41 -4.45
C PRO B 123 -3.06 -7.22 -4.89
N LEU B 124 -2.82 -6.73 -6.09
CA LEU B 124 -3.47 -5.54 -6.63
C LEU B 124 -3.05 -5.47 -8.08
N PHE B 125 -4.02 -5.17 -8.94
CA PHE B 125 -3.81 -5.29 -10.40
C PHE B 125 -3.84 -3.87 -10.99
N GLY B 126 -4.93 -3.14 -10.76
CA GLY B 126 -5.09 -1.78 -11.27
C GLY B 126 -4.30 -0.71 -10.51
N GLN B 127 -4.11 0.46 -11.12
CA GLN B 127 -3.41 1.58 -10.50
C GLN B 127 -4.15 2.13 -9.28
N LYS B 128 -3.40 2.51 -8.26
CA LYS B 128 -3.90 3.28 -7.08
C LYS B 128 -2.93 4.45 -6.87
N PRO B 129 -3.32 5.48 -6.08
CA PRO B 129 -2.35 6.59 -5.86
C PRO B 129 -0.99 6.10 -5.34
N ASP B 130 -0.96 5.12 -4.43
CA ASP B 130 0.30 4.58 -3.93
C ASP B 130 0.80 3.38 -4.74
N TYR B 131 0.17 3.12 -5.90
CA TYR B 131 0.58 2.01 -6.75
C TYR B 131 0.50 2.43 -8.22
N PRO B 132 1.25 3.50 -8.59
CA PRO B 132 1.29 3.95 -9.97
C PRO B 132 1.82 2.87 -10.94
N GLN B 133 2.56 1.89 -10.43
CA GLN B 133 3.04 0.79 -11.29
C GLN B 133 1.91 -0.17 -11.74
N GLY B 134 0.71 -0.09 -11.14
CA GLY B 134 -0.42 -0.93 -11.53
C GLY B 134 -0.96 -0.54 -12.92
N VAL B 135 -1.85 -1.34 -13.48
CA VAL B 135 -2.42 -1.07 -14.82
C VAL B 135 -3.39 0.13 -14.73
N PRO B 136 -3.18 1.15 -15.57
CA PRO B 136 -4.04 2.34 -15.49
C PRO B 136 -5.50 1.97 -15.75
N LEU B 137 -6.41 2.61 -15.03
CA LEU B 137 -7.81 2.24 -15.11
C LEU B 137 -8.42 2.52 -16.51
N ASP B 138 -7.86 3.48 -17.25
CA ASP B 138 -8.43 3.74 -18.57
CA ASP B 138 -8.36 3.78 -18.59
C ASP B 138 -8.22 2.56 -19.51
N VAL B 139 -7.22 1.71 -19.22
CA VAL B 139 -7.00 0.47 -19.98
CA VAL B 139 -7.01 0.47 -19.97
C VAL B 139 -8.20 -0.49 -19.80
N PHE B 140 -8.63 -0.67 -18.56
CA PHE B 140 -9.79 -1.49 -18.27
C PHE B 140 -11.10 -0.84 -18.76
N ALA B 141 -11.18 0.50 -18.70
CA ALA B 141 -12.38 1.21 -19.15
C ALA B 141 -12.55 0.93 -20.64
N ARG B 142 -11.45 0.97 -21.39
CA ARG B 142 -11.49 0.66 -22.82
CA ARG B 142 -11.46 0.64 -22.82
C ARG B 142 -11.95 -0.78 -23.09
N PHE B 143 -11.47 -1.75 -22.30
CA PHE B 143 -11.93 -3.14 -22.42
C PHE B 143 -13.43 -3.24 -22.25
N LYS B 144 -13.94 -2.55 -21.25
CA LYS B 144 -15.37 -2.53 -20.98
C LYS B 144 -16.16 -1.94 -22.15
N THR B 145 -15.62 -0.85 -22.71
CA THR B 145 -16.28 -0.22 -23.88
C THR B 145 -16.36 -1.21 -25.04
N GLU B 146 -15.25 -1.87 -25.33
CA GLU B 146 -15.17 -2.87 -26.38
C GLU B 146 -16.07 -4.07 -26.12
N LEU B 147 -16.11 -4.56 -24.87
CA LEU B 147 -17.03 -5.69 -24.52
C LEU B 147 -18.50 -5.31 -24.69
N LEU B 148 -18.82 -4.05 -24.43
CA LEU B 148 -20.20 -3.60 -24.57
C LEU B 148 -20.60 -3.32 -26.01
N LYS B 149 -19.64 -3.41 -26.92
CA LYS B 149 -19.91 -3.32 -28.35
C LYS B 149 -19.94 -4.70 -28.98
N ASP B 150 -18.92 -5.54 -28.71
CA ASP B 150 -18.87 -6.88 -29.31
C ASP B 150 -18.00 -7.80 -28.45
N ARG B 151 -18.62 -8.43 -27.44
CA ARG B 151 -17.84 -9.30 -26.57
C ARG B 151 -17.34 -10.54 -27.28
N ALA B 152 -18.12 -11.06 -28.24
CA ALA B 152 -17.69 -12.26 -28.95
C ALA B 152 -16.35 -12.03 -29.68
N GLN B 153 -16.24 -10.91 -30.38
CA GLN B 153 -15.00 -10.66 -31.09
C GLN B 153 -13.90 -10.24 -30.11
N PHE B 154 -14.25 -9.54 -29.05
CA PHE B 154 -13.24 -9.24 -28.01
C PHE B 154 -12.56 -10.54 -27.53
N ILE B 155 -13.37 -11.54 -27.16
CA ILE B 155 -12.85 -12.79 -26.62
C ILE B 155 -11.99 -13.50 -27.65
N SER B 156 -12.48 -13.51 -28.89
CA SER B 156 -11.74 -14.15 -29.97
C SER B 156 -10.33 -13.52 -30.11
N ASP B 157 -10.26 -12.21 -30.10
CA ASP B 157 -8.99 -11.46 -30.23
C ASP B 157 -8.12 -11.63 -28.96
N PHE B 158 -8.78 -11.77 -27.81
CA PHE B 158 -8.11 -11.96 -26.52
C PHE B 158 -7.29 -13.27 -26.49
N ASN B 159 -7.71 -14.31 -27.23
CA ASN B 159 -7.00 -15.60 -27.25
C ASN B 159 -5.50 -15.41 -27.47
N ALA B 160 -5.14 -14.57 -28.43
CA ALA B 160 -3.74 -14.47 -28.81
C ALA B 160 -2.85 -13.98 -27.64
N PRO B 161 -3.14 -12.79 -27.04
CA PRO B 161 -2.21 -12.39 -25.93
C PRO B 161 -2.39 -13.23 -24.66
N PHE B 162 -3.59 -13.79 -24.49
CA PHE B 162 -3.86 -14.65 -23.33
C PHE B 162 -2.92 -15.86 -23.34
N TYR B 163 -2.83 -16.54 -24.48
CA TYR B 163 -1.99 -17.71 -24.60
C TYR B 163 -0.56 -17.42 -25.08
N GLY B 164 -0.26 -16.15 -25.34
CA GLY B 164 1.07 -15.74 -25.84
C GLY B 164 1.32 -16.20 -27.29
N ILE B 165 0.24 -16.49 -28.01
CA ILE B 165 0.33 -16.94 -29.41
C ILE B 165 0.94 -15.81 -30.24
N ASN B 166 0.59 -14.57 -29.89
CA ASN B 166 1.13 -13.39 -30.57
C ASN B 166 2.64 -13.27 -30.37
N LYS B 167 3.20 -14.04 -29.46
CA LYS B 167 4.64 -14.02 -29.15
C LYS B 167 5.24 -15.40 -29.31
N GLY B 168 4.70 -16.14 -30.26
CA GLY B 168 5.27 -17.44 -30.57
C GLY B 168 4.83 -18.67 -29.81
N GLN B 169 3.99 -18.58 -28.77
CA GLN B 169 3.52 -19.83 -28.12
C GLN B 169 2.67 -20.59 -29.11
N VAL B 170 2.70 -21.91 -29.04
CA VAL B 170 1.91 -22.74 -29.96
C VAL B 170 0.73 -23.34 -29.20
N VAL B 171 -0.48 -23.00 -29.61
CA VAL B 171 -1.70 -23.54 -28.97
C VAL B 171 -2.61 -23.98 -30.09
N SER B 172 -3.23 -25.16 -29.97
CA SER B 172 -4.02 -25.71 -31.08
C SER B 172 -5.25 -24.89 -31.35
N GLN B 173 -5.79 -25.04 -32.56
CA GLN B 173 -7.07 -24.45 -32.94
CA GLN B 173 -7.07 -24.40 -32.90
C GLN B 173 -8.20 -24.96 -32.03
N GLY B 174 -8.15 -26.25 -31.71
CA GLY B 174 -9.09 -26.89 -30.77
C GLY B 174 -9.20 -26.13 -29.46
N VAL B 175 -8.06 -25.85 -28.83
CA VAL B 175 -8.08 -25.15 -27.55
C VAL B 175 -8.65 -23.75 -27.70
N GLN B 176 -8.28 -23.08 -28.80
CA GLN B 176 -8.80 -21.73 -29.03
C GLN B 176 -10.32 -21.74 -29.26
N THR B 177 -10.80 -22.74 -29.99
CA THR B 177 -12.26 -22.95 -30.16
C THR B 177 -13.00 -23.22 -28.84
N GLN B 178 -12.48 -24.13 -28.05
CA GLN B 178 -13.05 -24.46 -26.74
C GLN B 178 -13.06 -23.21 -25.84
N THR B 179 -11.98 -22.43 -25.84
CA THR B 179 -11.91 -21.21 -25.03
C THR B 179 -13.05 -20.25 -25.41
N LEU B 180 -13.23 -20.00 -26.71
CA LEU B 180 -14.30 -19.09 -27.14
C LEU B 180 -15.65 -19.68 -26.83
N GLN B 181 -15.84 -20.99 -27.04
CA GLN B 181 -17.16 -21.62 -26.80
C GLN B 181 -17.57 -21.44 -25.32
N ILE B 182 -16.62 -21.71 -24.42
CA ILE B 182 -16.87 -21.57 -22.97
C ILE B 182 -17.11 -20.10 -22.61
N ALA B 183 -16.30 -19.19 -23.18
CA ALA B 183 -16.47 -17.76 -22.86
C ALA B 183 -17.86 -17.26 -23.24
N LEU B 184 -18.40 -17.78 -24.34
CA LEU B 184 -19.72 -17.31 -24.83
C LEU B 184 -20.90 -17.81 -23.98
N LEU B 185 -20.67 -18.87 -23.19
CA LEU B 185 -21.67 -19.28 -22.18
C LEU B 185 -21.92 -18.19 -21.15
N ALA B 186 -20.92 -17.35 -20.88
CA ALA B 186 -20.99 -16.39 -19.76
C ALA B 186 -21.99 -15.27 -20.06
N SER B 187 -22.43 -14.62 -18.99
CA SER B 187 -23.23 -13.40 -19.06
C SER B 187 -22.40 -12.22 -19.54
N LEU B 188 -22.96 -11.39 -20.43
CA LEU B 188 -22.33 -10.11 -20.78
C LEU B 188 -22.09 -9.25 -19.54
N LYS B 189 -23.12 -9.19 -18.69
CA LYS B 189 -23.08 -8.43 -17.46
C LYS B 189 -21.97 -8.91 -16.52
N ALA B 190 -21.87 -10.20 -16.27
CA ALA B 190 -20.81 -10.69 -15.37
C ALA B 190 -19.44 -10.45 -15.97
N THR B 191 -19.34 -10.64 -17.28
CA THR B 191 -18.06 -10.45 -18.00
C THR B 191 -17.54 -9.01 -17.79
N VAL B 192 -18.45 -8.04 -17.89
CA VAL B 192 -18.08 -6.63 -17.75
C VAL B 192 -17.85 -6.26 -16.27
N ASP B 193 -18.75 -6.68 -15.38
CA ASP B 193 -18.56 -6.39 -13.93
C ASP B 193 -17.28 -6.99 -13.39
N CYS B 194 -16.87 -8.16 -13.92
CA CYS B 194 -15.60 -8.73 -13.45
C CYS B 194 -14.41 -7.83 -13.76
N VAL B 195 -14.44 -7.17 -14.91
CA VAL B 195 -13.36 -6.21 -15.23
C VAL B 195 -13.27 -5.13 -14.17
N THR B 196 -14.40 -4.53 -13.82
CA THR B 196 -14.45 -3.52 -12.73
C THR B 196 -13.88 -4.10 -11.42
N ALA B 197 -14.32 -5.30 -11.07
CA ALA B 197 -13.89 -5.98 -9.86
C ALA B 197 -12.37 -6.19 -9.84
N PHE B 198 -11.79 -6.79 -10.90
CA PHE B 198 -10.33 -7.02 -10.86
C PHE B 198 -9.46 -5.79 -11.11
N ALA B 199 -10.05 -4.76 -11.74
CA ALA B 199 -9.34 -3.52 -11.96
C ALA B 199 -9.16 -2.71 -10.65
N GLU B 200 -10.13 -2.80 -9.74
CA GLU B 200 -10.24 -1.84 -8.64
C GLU B 200 -10.03 -2.42 -7.25
N THR B 201 -10.19 -3.74 -7.13
CA THR B 201 -10.14 -4.37 -5.83
C THR B 201 -8.69 -4.49 -5.31
N ASP B 202 -8.50 -4.07 -4.06
CA ASP B 202 -7.18 -4.12 -3.45
C ASP B 202 -7.09 -5.31 -2.50
N PHE B 203 -6.23 -6.28 -2.82
CA PHE B 203 -6.08 -7.48 -1.98
C PHE B 203 -4.87 -7.37 -1.05
N ARG B 204 -4.27 -6.18 -0.96
CA ARG B 204 -3.09 -6.04 -0.06
C ARG B 204 -3.39 -6.36 1.40
N PRO B 205 -4.53 -5.87 1.96
CA PRO B 205 -4.89 -6.32 3.32
C PRO B 205 -5.03 -7.84 3.42
N ASP B 206 -5.58 -8.49 2.39
CA ASP B 206 -5.79 -9.95 2.38
C ASP B 206 -4.48 -10.71 2.55
N MET B 207 -3.42 -10.19 1.95
CA MET B 207 -2.12 -10.88 1.98
C MET B 207 -1.63 -11.08 3.43
N ALA B 208 -1.90 -10.08 4.29
CA ALA B 208 -1.49 -10.11 5.71
C ALA B 208 -2.30 -11.16 6.47
N LYS B 209 -3.45 -11.56 5.92
CA LYS B 209 -4.31 -12.55 6.55
C LYS B 209 -3.98 -13.98 6.15
N ILE B 210 -3.13 -14.17 5.15
CA ILE B 210 -2.83 -15.51 4.69
C ILE B 210 -1.76 -16.15 5.58
N ASP B 211 -2.17 -17.15 6.34
CA ASP B 211 -1.32 -17.76 7.35
C ASP B 211 -1.19 -19.25 7.08
N VAL B 212 -1.24 -19.63 5.80
CA VAL B 212 -1.06 -21.04 5.44
C VAL B 212 0.06 -21.12 4.42
N PRO B 213 0.62 -22.32 4.24
CA PRO B 213 1.59 -22.55 3.19
C PRO B 213 1.03 -22.07 1.84
N THR B 214 1.83 -21.31 1.10
CA THR B 214 1.38 -20.68 -0.12
C THR B 214 2.46 -20.88 -1.20
N LEU B 215 1.99 -21.26 -2.39
CA LEU B 215 2.81 -21.30 -3.59
C LEU B 215 2.27 -20.31 -4.62
N VAL B 216 3.14 -19.41 -5.09
CA VAL B 216 2.82 -18.46 -6.13
C VAL B 216 3.55 -18.92 -7.40
N ILE B 217 2.80 -19.12 -8.48
CA ILE B 217 3.40 -19.48 -9.78
C ILE B 217 2.95 -18.43 -10.79
N HIS B 218 3.88 -17.91 -11.57
CA HIS B 218 3.50 -16.90 -12.54
C HIS B 218 4.41 -17.04 -13.75
N GLY B 219 3.90 -16.74 -14.95
CA GLY B 219 4.77 -16.79 -16.12
C GLY B 219 5.44 -15.43 -16.25
N ASP B 220 6.72 -15.40 -16.62
CA ASP B 220 7.31 -14.07 -16.74
C ASP B 220 7.10 -13.47 -18.11
N GLY B 221 6.40 -14.19 -18.99
CA GLY B 221 5.94 -13.61 -20.29
C GLY B 221 4.46 -13.18 -20.23
N ASP B 222 3.92 -13.08 -19.01
CA ASP B 222 2.47 -12.85 -18.86
C ASP B 222 2.05 -11.50 -19.41
N GLN B 223 1.31 -11.49 -20.52
CA GLN B 223 0.90 -10.19 -21.10
C GLN B 223 -0.36 -9.58 -20.48
N ILE B 224 -1.10 -10.37 -19.69
CA ILE B 224 -2.42 -9.91 -19.21
C ILE B 224 -2.29 -9.39 -17.75
N VAL B 225 -1.63 -10.20 -16.93
CA VAL B 225 -1.44 -9.90 -15.51
C VAL B 225 0.08 -9.87 -15.25
N PRO B 226 0.68 -8.67 -15.25
CA PRO B 226 2.15 -8.59 -15.26
C PRO B 226 2.78 -9.17 -13.98
N PHE B 227 3.67 -10.12 -14.17
CA PHE B 227 4.37 -10.72 -13.04
C PHE B 227 4.96 -9.69 -12.03
N GLU B 228 5.67 -8.67 -12.51
CA GLU B 228 6.42 -7.75 -11.62
C GLU B 228 5.55 -7.08 -10.57
N THR B 229 4.30 -6.74 -10.92
CA THR B 229 3.43 -5.99 -10.01
C THR B 229 2.33 -6.82 -9.35
N THR B 230 2.27 -8.12 -9.66
CA THR B 230 1.27 -9.00 -9.07
C THR B 230 1.97 -10.17 -8.37
N GLY B 231 2.19 -11.28 -9.07
CA GLY B 231 2.71 -12.49 -8.37
C GLY B 231 4.02 -12.25 -7.60
N LYS B 232 4.91 -11.42 -8.16
CA LYS B 232 6.19 -11.10 -7.50
C LYS B 232 5.99 -10.49 -6.12
N VAL B 233 5.04 -9.56 -6.06
CA VAL B 233 4.68 -8.86 -4.87
C VAL B 233 3.86 -9.71 -3.90
N ALA B 234 2.89 -10.46 -4.43
CA ALA B 234 2.11 -11.39 -3.63
C ALA B 234 3.05 -12.32 -2.86
N ALA B 235 4.07 -12.86 -3.53
CA ALA B 235 4.99 -13.81 -2.86
C ALA B 235 5.82 -13.15 -1.75
N GLU B 236 6.13 -11.86 -1.89
CA GLU B 236 6.89 -11.13 -0.88
C GLU B 236 5.97 -10.77 0.31
N LEU B 237 4.68 -10.51 0.04
CA LEU B 237 3.78 -10.04 1.09
C LEU B 237 3.18 -11.15 1.94
N ILE B 238 3.11 -12.37 1.42
CA ILE B 238 2.56 -13.49 2.16
C ILE B 238 3.69 -14.16 2.90
N LYS B 239 3.58 -14.20 4.24
CA LYS B 239 4.65 -14.77 5.06
C LYS B 239 4.86 -16.25 4.68
N GLY B 240 6.12 -16.59 4.39
CA GLY B 240 6.53 -17.97 4.13
C GLY B 240 6.23 -18.47 2.71
N ALA B 241 5.61 -17.62 1.86
CA ALA B 241 5.22 -17.99 0.48
C ALA B 241 6.44 -18.43 -0.34
N GLU B 242 6.23 -19.42 -1.20
CA GLU B 242 7.22 -19.87 -2.15
C GLU B 242 6.84 -19.29 -3.54
N LEU B 243 7.84 -18.98 -4.36
CA LEU B 243 7.61 -18.42 -5.70
C LEU B 243 8.25 -19.29 -6.75
N LYS B 244 7.48 -19.64 -7.78
CA LYS B 244 8.03 -20.30 -8.96
C LYS B 244 7.68 -19.48 -10.21
N VAL B 245 8.72 -19.12 -10.97
CA VAL B 245 8.51 -18.32 -12.18
C VAL B 245 8.71 -19.25 -13.36
N TYR B 246 7.73 -19.32 -14.26
CA TYR B 246 7.85 -20.18 -15.42
C TYR B 246 8.42 -19.29 -16.50
N LYS B 247 9.62 -19.65 -16.95
CA LYS B 247 10.36 -18.85 -17.93
C LYS B 247 9.59 -18.79 -19.27
N ASP B 248 9.40 -17.57 -19.77
CA ASP B 248 8.70 -17.20 -21.02
CA ASP B 248 8.80 -17.44 -21.13
C ASP B 248 7.25 -17.66 -21.12
N ALA B 249 6.71 -18.19 -20.03
CA ALA B 249 5.31 -18.64 -19.98
C ALA B 249 4.29 -17.50 -20.10
N PRO B 250 3.17 -17.75 -20.81
CA PRO B 250 2.17 -16.72 -20.98
C PRO B 250 1.20 -16.70 -19.78
N HIS B 251 0.14 -15.92 -19.89
CA HIS B 251 -0.91 -15.93 -18.89
C HIS B 251 -1.61 -17.28 -18.86
N GLY B 252 -1.95 -17.84 -20.04
CA GLY B 252 -2.71 -19.11 -20.14
C GLY B 252 -1.82 -20.33 -19.93
N PHE B 253 -1.00 -20.32 -18.89
CA PHE B 253 0.03 -21.35 -18.75
C PHE B 253 -0.50 -22.71 -18.24
N ALA B 254 -1.74 -22.77 -17.75
CA ALA B 254 -2.33 -24.09 -17.42
C ALA B 254 -2.48 -24.92 -18.70
N VAL B 255 -2.53 -24.25 -19.84
CA VAL B 255 -2.54 -24.94 -21.14
C VAL B 255 -1.08 -25.17 -21.62
N THR B 256 -0.28 -24.10 -21.72
CA THR B 256 1.03 -24.22 -22.38
C THR B 256 2.03 -25.02 -21.53
N HIS B 257 1.83 -25.01 -20.20
CA HIS B 257 2.77 -25.63 -19.26
C HIS B 257 2.04 -26.62 -18.34
N ALA B 258 1.04 -27.30 -18.92
CA ALA B 258 0.13 -28.22 -18.22
C ALA B 258 0.86 -29.24 -17.35
N GLN B 259 1.81 -29.96 -17.95
CA GLN B 259 2.51 -31.00 -17.22
C GLN B 259 3.36 -30.46 -16.07
N GLN B 260 4.09 -29.38 -16.32
CA GLN B 260 4.92 -28.76 -15.27
C GLN B 260 4.02 -28.28 -14.10
N LEU B 261 2.87 -27.72 -14.44
CA LEU B 261 1.92 -27.24 -13.42
C LEU B 261 1.37 -28.40 -12.62
N ASN B 262 0.99 -29.48 -13.31
CA ASN B 262 0.49 -30.69 -12.63
C ASN B 262 1.47 -31.20 -11.60
N GLU B 263 2.72 -31.36 -12.03
CA GLU B 263 3.80 -31.82 -11.17
C GLU B 263 4.09 -30.86 -10.02
N ASP B 264 4.02 -29.55 -10.28
CA ASP B 264 4.26 -28.58 -9.18
C ASP B 264 3.12 -28.61 -8.15
N LEU B 265 1.88 -28.76 -8.63
CA LEU B 265 0.75 -28.88 -7.70
C LEU B 265 0.91 -30.12 -6.86
N LEU B 266 1.23 -31.24 -7.50
CA LEU B 266 1.43 -32.50 -6.75
C LEU B 266 2.53 -32.36 -5.68
N ALA B 267 3.64 -31.71 -6.05
CA ALA B 267 4.79 -31.54 -5.12
C ALA B 267 4.37 -30.67 -3.92
N PHE B 268 3.59 -29.65 -4.20
CA PHE B 268 3.10 -28.77 -3.15
C PHE B 268 2.22 -29.53 -2.17
N LEU B 269 1.27 -30.31 -2.71
CA LEU B 269 0.38 -31.12 -1.88
C LEU B 269 1.14 -32.13 -1.00
N LYS B 270 2.21 -32.70 -1.55
CA LYS B 270 3.03 -33.69 -0.85
C LYS B 270 4.07 -33.09 0.12
N ARG B 271 4.32 -31.78 0.05
CA ARG B 271 5.37 -31.12 0.83
CA ARG B 271 5.34 -31.08 0.84
C ARG B 271 5.55 -31.73 2.21
N SER C 1 -32.54 -18.65 -14.36
CA SER C 1 -33.74 -19.08 -13.61
C SER C 1 -34.58 -19.99 -14.52
N THR C 2 -35.49 -20.74 -13.92
CA THR C 2 -36.39 -21.60 -14.71
C THR C 2 -37.82 -21.53 -14.12
N PHE C 3 -38.82 -21.78 -14.95
CA PHE C 3 -40.15 -22.14 -14.45
C PHE C 3 -40.65 -23.31 -15.30
N VAL C 4 -41.66 -24.01 -14.81
CA VAL C 4 -42.20 -25.18 -15.51
C VAL C 4 -43.53 -24.75 -16.09
N ALA C 5 -43.69 -24.92 -17.40
CA ALA C 5 -44.98 -24.62 -18.04
C ALA C 5 -46.01 -25.72 -17.71
N LYS C 6 -47.25 -25.44 -18.08
CA LYS C 6 -48.38 -26.35 -17.84
C LYS C 6 -48.09 -27.81 -18.23
N ASP C 7 -47.52 -28.03 -19.41
CA ASP C 7 -47.29 -29.39 -19.87
C ASP C 7 -46.00 -30.04 -19.32
N GLY C 8 -45.33 -29.40 -18.36
CA GLY C 8 -44.09 -29.95 -17.77
C GLY C 8 -42.79 -29.45 -18.43
N THR C 9 -42.92 -28.60 -19.46
CA THR C 9 -41.73 -28.05 -20.14
C THR C 9 -40.99 -27.03 -19.24
N GLN C 10 -39.71 -27.29 -18.96
CA GLN C 10 -38.95 -26.31 -18.19
C GLN C 10 -38.37 -25.21 -19.09
N ILE C 11 -38.60 -23.95 -18.71
CA ILE C 11 -38.23 -22.83 -19.54
C ILE C 11 -37.17 -22.02 -18.81
N TYR C 12 -36.05 -21.77 -19.48
CA TYR C 12 -34.98 -20.93 -18.92
C TYR C 12 -35.25 -19.44 -19.12
N PHE C 13 -34.98 -18.61 -18.11
CA PHE C 13 -35.07 -17.16 -18.29
C PHE C 13 -34.06 -16.40 -17.46
N LYS C 14 -33.81 -15.15 -17.84
CA LYS C 14 -32.98 -14.26 -17.03
C LYS C 14 -33.87 -13.09 -16.61
N ASP C 15 -33.64 -12.61 -15.39
CA ASP C 15 -34.42 -11.56 -14.78
C ASP C 15 -33.42 -10.65 -14.10
N TRP C 16 -33.15 -9.49 -14.72
CA TRP C 16 -32.09 -8.60 -14.30
C TRP C 16 -32.64 -7.25 -13.83
N GLY C 17 -32.08 -6.76 -12.73
CA GLY C 17 -32.30 -5.39 -12.28
C GLY C 17 -33.64 -5.21 -11.60
N SER C 18 -34.05 -3.97 -11.43
CA SER C 18 -35.31 -3.63 -10.80
C SER C 18 -35.93 -2.37 -11.42
N GLY C 19 -37.21 -2.18 -11.11
CA GLY C 19 -38.00 -1.12 -11.72
C GLY C 19 -39.08 -1.69 -12.63
N LYS C 20 -39.57 -0.85 -13.54
CA LYS C 20 -40.60 -1.27 -14.47
C LYS C 20 -40.09 -2.35 -15.41
N PRO C 21 -40.89 -3.40 -15.62
CA PRO C 21 -40.35 -4.55 -16.34
C PRO C 21 -40.48 -4.45 -17.85
N VAL C 22 -39.47 -5.01 -18.52
CA VAL C 22 -39.43 -5.10 -19.97
C VAL C 22 -39.11 -6.58 -20.29
N LEU C 23 -40.02 -7.24 -21.00
CA LEU C 23 -39.97 -8.66 -21.28
C LEU C 23 -39.71 -8.88 -22.77
N PHE C 24 -38.61 -9.59 -23.05
CA PHE C 24 -38.08 -9.76 -24.41
C PHE C 24 -38.36 -11.19 -24.93
N SER C 25 -38.79 -11.28 -26.21
CA SER C 25 -39.14 -12.56 -26.86
C SER C 25 -38.26 -12.66 -28.12
N HIS C 26 -37.34 -13.62 -28.13
CA HIS C 26 -36.30 -13.71 -29.18
C HIS C 26 -36.86 -14.25 -30.50
N GLY C 27 -36.04 -14.13 -31.55
CA GLY C 27 -36.36 -14.62 -32.87
C GLY C 27 -36.07 -16.11 -32.97
N TRP C 28 -36.13 -16.60 -34.20
N TRP C 28 -36.12 -16.58 -34.21
CA TRP C 28 -36.19 -18.03 -34.49
CA TRP C 28 -36.02 -18.00 -34.54
C TRP C 28 -35.03 -18.87 -33.89
C TRP C 28 -34.56 -18.47 -34.49
N ILE C 29 -33.92 -18.99 -34.56
N ILE C 29 -34.32 -19.58 -33.86
CA ILE C 29 -32.95 -19.91 -34.03
CA ILE C 29 -32.98 -20.17 -33.73
C ILE C 29 -31.99 -19.21 -33.09
C ILE C 29 -31.99 -19.27 -33.00
N LEU C 30 -32.50 -18.42 -32.18
CA LEU C 30 -31.70 -17.60 -31.30
C LEU C 30 -32.10 -18.06 -29.90
N ASP C 31 -31.73 -17.30 -28.89
CA ASP C 31 -32.19 -17.54 -27.52
C ASP C 31 -32.12 -16.21 -26.78
N ALA C 32 -32.31 -16.22 -25.47
CA ALA C 32 -32.35 -14.96 -24.67
C ALA C 32 -31.05 -14.14 -24.78
N ASP C 33 -29.94 -14.77 -25.13
CA ASP C 33 -28.67 -14.04 -25.26
C ASP C 33 -28.70 -12.99 -26.36
N MET C 34 -29.65 -13.09 -27.30
CA MET C 34 -29.67 -12.10 -28.37
C MET C 34 -29.98 -10.73 -27.82
N TRP C 35 -30.52 -10.68 -26.59
CA TRP C 35 -30.92 -9.42 -26.00
C TRP C 35 -29.94 -8.84 -24.98
N GLU C 36 -28.80 -9.51 -24.77
CA GLU C 36 -27.90 -9.15 -23.67
C GLU C 36 -27.48 -7.69 -23.63
N TYR C 37 -27.27 -7.10 -24.80
CA TYR C 37 -26.85 -5.71 -24.81
C TYR C 37 -28.01 -4.75 -24.49
N GLN C 38 -29.22 -5.05 -24.97
CA GLN C 38 -30.40 -4.22 -24.60
C GLN C 38 -30.72 -4.33 -23.10
N MET C 39 -30.58 -5.55 -22.60
CA MET C 39 -30.82 -5.81 -21.19
C MET C 39 -29.81 -5.08 -20.29
N GLU C 40 -28.52 -5.16 -20.62
CA GLU C 40 -27.51 -4.42 -19.88
C GLU C 40 -27.80 -2.91 -19.98
N TYR C 41 -28.10 -2.43 -21.18
CA TYR C 41 -28.37 -1.01 -21.44
C TYR C 41 -29.51 -0.49 -20.57
N LEU C 42 -30.65 -1.17 -20.60
CA LEU C 42 -31.82 -0.74 -19.84
C LEU C 42 -31.75 -1.03 -18.33
N SER C 43 -31.18 -2.17 -17.93
CA SER C 43 -31.07 -2.48 -16.51
C SER C 43 -30.06 -1.57 -15.78
N SER C 44 -29.06 -1.02 -16.49
CA SER C 44 -28.14 -0.05 -15.92
CA SER C 44 -28.16 -0.07 -15.85
C SER C 44 -28.79 1.33 -15.87
N ARG C 45 -29.98 1.45 -16.46
CA ARG C 45 -30.66 2.74 -16.47
C ARG C 45 -32.04 2.70 -15.81
N GLY C 46 -32.21 1.81 -14.83
CA GLY C 46 -33.38 1.79 -13.94
C GLY C 46 -34.55 0.89 -14.30
N TYR C 47 -34.36 -0.02 -15.26
CA TYR C 47 -35.39 -0.97 -15.64
C TYR C 47 -35.04 -2.38 -15.25
N ARG C 48 -36.08 -3.18 -15.07
CA ARG C 48 -35.97 -4.59 -14.87
C ARG C 48 -36.14 -5.25 -16.24
N THR C 49 -35.24 -6.17 -16.59
CA THR C 49 -35.28 -6.79 -17.91
C THR C 49 -35.35 -8.29 -17.75
N ILE C 50 -36.26 -8.87 -18.52
CA ILE C 50 -36.55 -10.30 -18.43
C ILE C 50 -36.49 -10.86 -19.85
N ALA C 51 -35.77 -11.97 -20.03
CA ALA C 51 -35.75 -12.63 -21.34
C ALA C 51 -35.69 -14.14 -21.16
N PHE C 52 -36.52 -14.87 -21.93
CA PHE C 52 -36.62 -16.31 -21.81
C PHE C 52 -36.06 -16.99 -23.06
N ASP C 53 -35.64 -18.25 -22.94
CA ASP C 53 -35.38 -19.08 -24.09
C ASP C 53 -36.70 -19.78 -24.45
N ARG C 54 -37.22 -19.53 -25.64
CA ARG C 54 -38.45 -20.18 -26.08
C ARG C 54 -38.31 -21.69 -25.96
N ARG C 55 -39.41 -22.38 -25.63
CA ARG C 55 -39.38 -23.85 -25.63
C ARG C 55 -38.75 -24.39 -26.91
N GLY C 56 -37.86 -25.36 -26.75
CA GLY C 56 -37.16 -25.93 -27.87
C GLY C 56 -35.86 -25.23 -28.22
N PHE C 57 -35.53 -24.12 -27.54
CA PHE C 57 -34.37 -23.28 -27.89
C PHE C 57 -33.48 -23.02 -26.70
N GLY C 58 -32.20 -22.74 -26.97
CA GLY C 58 -31.24 -22.37 -25.90
C GLY C 58 -31.18 -23.40 -24.80
N ARG C 59 -31.39 -22.92 -23.56
CA ARG C 59 -31.26 -23.73 -22.37
C ARG C 59 -32.61 -24.30 -21.90
N SER C 60 -33.68 -24.05 -22.64
CA SER C 60 -34.98 -24.62 -22.27
C SER C 60 -35.08 -26.08 -22.69
N ASP C 61 -36.04 -26.80 -22.10
CA ASP C 61 -36.44 -28.15 -22.53
C ASP C 61 -36.92 -28.14 -23.98
N GLN C 62 -36.86 -29.30 -24.65
CA GLN C 62 -37.22 -29.45 -26.04
C GLN C 62 -38.43 -30.40 -26.21
N PRO C 63 -39.64 -29.92 -25.89
CA PRO C 63 -40.82 -30.81 -26.00
C PRO C 63 -41.19 -31.12 -27.45
N TRP C 64 -41.69 -32.34 -27.67
CA TRP C 64 -42.19 -32.77 -28.99
C TRP C 64 -43.43 -31.96 -29.34
N THR C 65 -44.27 -31.66 -28.35
CA THR C 65 -45.54 -30.97 -28.63
C THR C 65 -45.53 -29.54 -28.13
N GLY C 66 -46.49 -28.76 -28.62
CA GLY C 66 -46.71 -27.42 -28.13
C GLY C 66 -45.83 -26.39 -28.82
N ASN C 67 -45.26 -26.75 -29.98
CA ASN C 67 -44.42 -25.79 -30.73
C ASN C 67 -45.29 -24.97 -31.69
N ASP C 68 -46.11 -24.08 -31.13
CA ASP C 68 -47.10 -23.31 -31.90
C ASP C 68 -47.34 -22.02 -31.14
N TYR C 69 -47.89 -21.03 -31.82
CA TYR C 69 -48.02 -19.71 -31.21
C TYR C 69 -48.96 -19.63 -30.01
N ASP C 70 -50.03 -20.42 -30.01
CA ASP C 70 -50.93 -20.38 -28.85
C ASP C 70 -50.20 -20.84 -27.58
N THR C 71 -49.42 -21.92 -27.70
CA THR C 71 -48.61 -22.40 -26.57
C THR C 71 -47.51 -21.38 -26.22
N PHE C 72 -46.83 -20.82 -27.24
CA PHE C 72 -45.82 -19.80 -27.01
C PHE C 72 -46.41 -18.63 -26.23
N ALA C 73 -47.63 -18.21 -26.62
CA ALA C 73 -48.28 -17.11 -25.95
C ALA C 73 -48.63 -17.48 -24.51
N ASP C 74 -49.06 -18.71 -24.29
CA ASP C 74 -49.40 -19.13 -22.93
C ASP C 74 -48.16 -19.31 -22.03
N ASP C 75 -47.04 -19.73 -22.63
CA ASP C 75 -45.75 -19.78 -21.93
C ASP C 75 -45.38 -18.39 -21.42
N ILE C 76 -45.52 -17.37 -22.25
CA ILE C 76 -45.33 -15.98 -21.79
C ILE C 76 -46.28 -15.58 -20.62
N ALA C 77 -47.57 -15.91 -20.76
CA ALA C 77 -48.54 -15.69 -19.69
C ALA C 77 -48.07 -16.35 -18.39
N GLN C 78 -47.60 -17.59 -18.45
CA GLN C 78 -47.10 -18.29 -17.27
CA GLN C 78 -47.10 -18.28 -17.27
C GLN C 78 -45.89 -17.59 -16.65
N LEU C 79 -45.00 -17.07 -17.50
CA LEU C 79 -43.81 -16.37 -16.97
C LEU C 79 -44.23 -15.09 -16.24
N ILE C 80 -45.11 -14.35 -16.87
CA ILE C 80 -45.65 -13.10 -16.31
C ILE C 80 -46.35 -13.38 -14.97
N GLU C 81 -47.10 -14.48 -14.93
CA GLU C 81 -47.79 -14.92 -13.70
CA GLU C 81 -47.79 -14.89 -13.71
C GLU C 81 -46.78 -15.29 -12.63
N HIS C 82 -45.82 -16.14 -13.00
CA HIS C 82 -44.78 -16.63 -12.11
C HIS C 82 -44.04 -15.49 -11.43
N LEU C 83 -43.73 -14.42 -12.16
CA LEU C 83 -43.01 -13.28 -11.60
C LEU C 83 -43.96 -12.17 -11.13
N ASP C 84 -45.26 -12.40 -11.34
CA ASP C 84 -46.29 -11.39 -11.01
C ASP C 84 -45.96 -10.02 -11.59
N LEU C 85 -45.62 -9.98 -12.89
CA LEU C 85 -45.27 -8.69 -13.51
C LEU C 85 -46.49 -7.80 -13.76
N LYS C 86 -46.28 -6.50 -13.69
CA LYS C 86 -47.32 -5.51 -13.96
C LYS C 86 -46.65 -4.40 -14.72
N GLU C 87 -47.44 -3.69 -15.56
CA GLU C 87 -46.95 -2.61 -16.45
CA GLU C 87 -46.90 -2.59 -16.36
C GLU C 87 -45.70 -3.06 -17.22
N VAL C 88 -45.80 -4.25 -17.79
CA VAL C 88 -44.69 -4.78 -18.58
CA VAL C 88 -44.74 -4.86 -18.63
C VAL C 88 -44.74 -4.20 -20.00
N THR C 89 -43.54 -3.86 -20.49
CA THR C 89 -43.35 -3.50 -21.89
C THR C 89 -42.85 -4.76 -22.60
N LEU C 90 -43.65 -5.24 -23.55
CA LEU C 90 -43.37 -6.48 -24.28
C LEU C 90 -42.55 -6.12 -25.51
N VAL C 91 -41.43 -6.83 -25.74
CA VAL C 91 -40.55 -6.56 -26.90
C VAL C 91 -40.29 -7.90 -27.65
N GLY C 92 -40.76 -7.99 -28.90
CA GLY C 92 -40.62 -9.23 -29.68
C GLY C 92 -39.78 -8.95 -30.94
N PHE C 93 -38.83 -9.84 -31.21
CA PHE C 93 -38.03 -9.73 -32.42
C PHE C 93 -38.42 -10.88 -33.35
N SER C 94 -38.61 -10.53 -34.63
CA SER C 94 -38.79 -11.51 -35.69
C SER C 94 -40.00 -12.43 -35.37
N MET C 95 -39.85 -13.76 -35.37
CA MET C 95 -41.00 -14.62 -34.98
C MET C 95 -41.49 -14.36 -33.56
N GLY C 96 -40.63 -13.75 -32.75
CA GLY C 96 -40.99 -13.45 -31.38
C GLY C 96 -41.96 -12.27 -31.28
N GLY C 97 -42.09 -11.50 -32.35
CA GLY C 97 -43.20 -10.52 -32.42
C GLY C 97 -44.56 -11.23 -32.37
N GLY C 98 -44.63 -12.44 -32.93
CA GLY C 98 -45.91 -13.18 -32.95
C GLY C 98 -46.36 -13.67 -31.57
N ASP C 99 -45.44 -14.18 -30.73
CA ASP C 99 -45.93 -14.65 -29.43
C ASP C 99 -46.33 -13.53 -28.45
N VAL C 100 -45.71 -12.37 -28.54
CA VAL C 100 -46.12 -11.24 -27.71
C VAL C 100 -47.48 -10.65 -28.17
N ALA C 101 -47.70 -10.57 -29.48
CA ALA C 101 -49.04 -10.20 -29.99
C ALA C 101 -50.10 -11.23 -29.59
N ARG C 102 -49.78 -12.51 -29.75
CA ARG C 102 -50.73 -13.56 -29.44
C ARG C 102 -51.03 -13.65 -27.95
N TYR C 103 -50.03 -13.30 -27.11
CA TYR C 103 -50.23 -13.23 -25.65
C TYR C 103 -51.31 -12.18 -25.34
N ILE C 104 -51.16 -10.99 -25.90
CA ILE C 104 -52.14 -9.92 -25.73
C ILE C 104 -53.54 -10.37 -26.24
N ALA C 105 -53.61 -11.07 -27.37
CA ALA C 105 -54.89 -11.50 -27.94
C ALA C 105 -55.57 -12.55 -27.09
N ARG C 106 -54.81 -13.52 -26.58
CA ARG C 106 -55.36 -14.56 -25.73
C ARG C 106 -55.61 -14.14 -24.27
N HIS C 107 -54.85 -13.16 -23.74
CA HIS C 107 -54.90 -12.91 -22.28
C HIS C 107 -55.22 -11.47 -21.94
N GLY C 108 -55.38 -10.63 -22.98
CA GLY C 108 -55.59 -9.18 -22.78
C GLY C 108 -54.35 -8.41 -22.35
N SER C 109 -54.55 -7.13 -22.11
CA SER C 109 -53.45 -6.22 -21.84
C SER C 109 -53.43 -5.60 -20.44
N ALA C 110 -54.11 -6.21 -19.47
CA ALA C 110 -54.20 -5.66 -18.11
C ALA C 110 -52.80 -5.52 -17.51
N ARG C 111 -51.92 -6.49 -17.77
CA ARG C 111 -50.54 -6.44 -17.27
C ARG C 111 -49.52 -5.67 -18.14
N VAL C 112 -49.98 -5.07 -19.22
CA VAL C 112 -49.09 -4.57 -20.27
C VAL C 112 -49.13 -3.04 -20.37
N ALA C 113 -47.95 -2.39 -20.30
CA ALA C 113 -47.84 -0.96 -20.50
C ALA C 113 -47.58 -0.57 -21.96
N GLY C 114 -46.96 -1.48 -22.72
CA GLY C 114 -46.57 -1.13 -24.09
C GLY C 114 -46.05 -2.33 -24.86
N LEU C 115 -45.91 -2.14 -26.18
CA LEU C 115 -45.52 -3.22 -27.09
C LEU C 115 -44.52 -2.69 -28.11
N VAL C 116 -43.48 -3.50 -28.37
CA VAL C 116 -42.48 -3.14 -29.36
C VAL C 116 -42.28 -4.37 -30.26
N LEU C 117 -42.42 -4.15 -31.56
CA LEU C 117 -42.34 -5.19 -32.57
C LEU C 117 -41.14 -4.85 -33.44
N LEU C 118 -40.10 -5.68 -33.35
CA LEU C 118 -38.80 -5.46 -34.04
C LEU C 118 -38.60 -6.46 -35.16
N GLY C 119 -38.52 -5.97 -36.40
CA GLY C 119 -38.41 -6.89 -37.56
C GLY C 119 -39.37 -8.07 -37.49
N ALA C 120 -40.58 -7.81 -36.98
CA ALA C 120 -41.50 -8.87 -36.60
C ALA C 120 -42.32 -9.44 -37.75
N VAL C 121 -42.69 -10.72 -37.63
CA VAL C 121 -43.50 -11.42 -38.66
C VAL C 121 -44.99 -10.96 -38.67
N THR C 122 -45.38 -10.17 -37.68
CA THR C 122 -46.73 -9.61 -37.61
C THR C 122 -46.94 -8.60 -38.78
N PRO C 123 -48.19 -8.49 -39.30
CA PRO C 123 -49.36 -9.19 -38.82
C PRO C 123 -49.57 -10.55 -39.49
N LEU C 124 -48.76 -10.85 -40.48
CA LEU C 124 -48.91 -12.09 -41.24
C LEU C 124 -47.69 -12.17 -42.13
N PHE C 125 -47.07 -13.34 -42.19
CA PHE C 125 -45.79 -13.51 -42.91
C PHE C 125 -46.04 -14.27 -44.22
N GLY C 126 -46.64 -15.47 -44.13
CA GLY C 126 -46.91 -16.28 -45.32
C GLY C 126 -48.17 -15.90 -46.09
N GLN C 127 -48.30 -16.45 -47.30
CA GLN C 127 -49.47 -16.19 -48.16
C GLN C 127 -50.76 -16.74 -47.57
N LYS C 128 -51.86 -16.02 -47.80
CA LYS C 128 -53.23 -16.47 -47.52
C LYS C 128 -54.07 -16.11 -48.75
N PRO C 129 -55.27 -16.69 -48.89
CA PRO C 129 -56.14 -16.32 -50.01
C PRO C 129 -56.29 -14.79 -50.20
N ASP C 130 -56.51 -14.02 -49.14
CA ASP C 130 -56.57 -12.53 -49.27
C ASP C 130 -55.22 -11.83 -49.03
N TYR C 131 -54.15 -12.62 -48.99
CA TYR C 131 -52.81 -12.04 -48.79
C TYR C 131 -51.81 -12.72 -49.71
N PRO C 132 -52.06 -12.66 -51.05
CA PRO C 132 -51.08 -13.23 -51.98
C PRO C 132 -49.70 -12.54 -51.93
N GLN C 133 -49.63 -11.32 -51.43
CA GLN C 133 -48.32 -10.64 -51.27
C GLN C 133 -47.44 -11.25 -50.18
N GLY C 134 -47.97 -12.15 -49.35
CA GLY C 134 -47.18 -12.81 -48.30
C GLY C 134 -46.20 -13.78 -48.94
N VAL C 135 -45.31 -14.36 -48.15
CA VAL C 135 -44.33 -15.31 -48.69
C VAL C 135 -45.02 -16.65 -49.03
N PRO C 136 -44.85 -17.15 -50.26
CA PRO C 136 -45.50 -18.42 -50.66
C PRO C 136 -45.09 -19.58 -49.73
N LEU C 137 -46.02 -20.45 -49.40
CA LEU C 137 -45.75 -21.59 -48.51
C LEU C 137 -44.67 -22.55 -49.01
N ASP C 138 -44.52 -22.67 -50.33
CA ASP C 138 -43.47 -23.55 -50.86
C ASP C 138 -42.07 -23.04 -50.56
N VAL C 139 -41.92 -21.75 -50.32
CA VAL C 139 -40.61 -21.19 -49.88
C VAL C 139 -40.23 -21.75 -48.51
N PHE C 140 -41.18 -21.70 -47.58
CA PHE C 140 -40.99 -22.27 -46.26
C PHE C 140 -40.84 -23.80 -46.30
N ALA C 141 -41.58 -24.46 -47.20
CA ALA C 141 -41.52 -25.91 -47.32
C ALA C 141 -40.09 -26.33 -47.73
N ARG C 142 -39.49 -25.56 -48.64
CA ARG C 142 -38.10 -25.77 -49.04
C ARG C 142 -37.14 -25.60 -47.84
N PHE C 143 -37.34 -24.57 -47.03
CA PHE C 143 -36.48 -24.38 -45.85
C PHE C 143 -36.58 -25.60 -44.94
N LYS C 144 -37.79 -26.12 -44.75
CA LYS C 144 -37.99 -27.25 -43.88
C LYS C 144 -37.27 -28.49 -44.39
N THR C 145 -37.35 -28.73 -45.70
CA THR C 145 -36.60 -29.81 -46.35
C THR C 145 -35.11 -29.69 -46.12
N GLU C 146 -34.57 -28.50 -46.33
CA GLU C 146 -33.16 -28.24 -46.07
C GLU C 146 -32.77 -28.43 -44.59
N LEU C 147 -33.62 -27.96 -43.68
CA LEU C 147 -33.37 -28.13 -42.24
C LEU C 147 -33.41 -29.61 -41.85
N LEU C 148 -34.30 -30.38 -42.48
CA LEU C 148 -34.41 -31.81 -42.18
C LEU C 148 -33.30 -32.64 -42.81
N LYS C 149 -32.45 -32.01 -43.61
CA LYS C 149 -31.26 -32.65 -44.19
C LYS C 149 -30.00 -32.26 -43.41
N ASP C 150 -29.84 -30.97 -43.16
CA ASP C 150 -28.65 -30.47 -42.48
C ASP C 150 -28.91 -29.09 -41.88
N ARG C 151 -29.42 -29.07 -40.66
CA ARG C 151 -29.74 -27.79 -40.05
C ARG C 151 -28.52 -26.95 -39.71
N ALA C 152 -27.43 -27.60 -39.35
CA ALA C 152 -26.18 -26.90 -38.98
C ALA C 152 -25.64 -26.05 -40.13
N GLN C 153 -25.60 -26.62 -41.34
CA GLN C 153 -25.20 -25.85 -42.52
C GLN C 153 -26.26 -24.82 -42.93
N PHE C 154 -27.53 -25.18 -42.81
CA PHE C 154 -28.58 -24.19 -43.00
C PHE C 154 -28.32 -22.94 -42.14
N ILE C 155 -28.15 -23.13 -40.84
CA ILE C 155 -27.94 -21.98 -39.94
C ILE C 155 -26.70 -21.21 -40.35
N SER C 156 -25.64 -21.95 -40.69
CA SER C 156 -24.40 -21.30 -41.00
C SER C 156 -24.58 -20.38 -42.23
N ASP C 157 -25.29 -20.88 -43.24
CA ASP C 157 -25.54 -20.12 -44.47
C ASP C 157 -26.52 -18.98 -44.22
N PHE C 158 -27.43 -19.17 -43.28
CA PHE C 158 -28.41 -18.15 -42.92
C PHE C 158 -27.77 -16.88 -42.31
N ASN C 159 -26.59 -16.98 -41.70
CA ASN C 159 -25.89 -15.82 -41.12
C ASN C 159 -25.81 -14.62 -42.10
N ALA C 160 -25.43 -14.87 -43.34
CA ALA C 160 -25.20 -13.77 -44.28
C ALA C 160 -26.49 -12.97 -44.58
N PRO C 161 -27.57 -13.62 -45.06
CA PRO C 161 -28.74 -12.77 -45.33
C PRO C 161 -29.48 -12.25 -44.06
N PHE C 162 -29.29 -12.95 -42.95
CA PHE C 162 -29.82 -12.51 -41.65
C PHE C 162 -29.22 -11.16 -41.25
N TYR C 163 -27.88 -11.09 -41.30
CA TYR C 163 -27.18 -9.89 -40.92
C TYR C 163 -26.92 -8.94 -42.07
N GLY C 164 -27.26 -9.33 -43.29
CA GLY C 164 -27.11 -8.43 -44.45
C GLY C 164 -25.65 -8.28 -44.85
N ILE C 165 -24.83 -9.28 -44.46
CA ILE C 165 -23.38 -9.33 -44.75
C ILE C 165 -23.17 -9.40 -46.27
N ASN C 166 -24.10 -10.06 -46.97
CA ASN C 166 -24.10 -10.14 -48.45
C ASN C 166 -24.54 -8.81 -49.10
N LYS C 167 -24.93 -7.80 -48.31
CA LYS C 167 -25.25 -6.47 -48.83
C LYS C 167 -24.44 -5.41 -48.11
N GLY C 168 -23.18 -5.71 -47.79
CA GLY C 168 -22.32 -4.71 -47.19
C GLY C 168 -22.46 -4.33 -45.71
N GLN C 169 -23.32 -5.01 -44.94
CA GLN C 169 -23.30 -4.87 -43.47
C GLN C 169 -22.04 -5.56 -42.93
N VAL C 170 -21.49 -5.04 -41.84
CA VAL C 170 -20.28 -5.60 -41.26
C VAL C 170 -20.56 -6.22 -39.90
N VAL C 171 -20.36 -7.53 -39.79
CA VAL C 171 -20.63 -8.25 -38.53
C VAL C 171 -19.43 -9.17 -38.26
N SER C 172 -18.90 -9.12 -37.05
CA SER C 172 -17.69 -9.90 -36.76
C SER C 172 -17.88 -11.40 -36.88
N GLN C 173 -16.77 -12.10 -37.09
CA GLN C 173 -16.75 -13.56 -37.06
CA GLN C 173 -16.81 -13.57 -37.08
C GLN C 173 -17.22 -14.08 -35.70
N GLY C 174 -16.83 -13.34 -34.65
CA GLY C 174 -17.23 -13.69 -33.27
C GLY C 174 -18.74 -13.77 -33.15
N VAL C 175 -19.44 -12.72 -33.62
CA VAL C 175 -20.91 -12.74 -33.60
C VAL C 175 -21.47 -13.88 -34.43
N GLN C 176 -20.90 -14.11 -35.61
CA GLN C 176 -21.39 -15.22 -36.45
C GLN C 176 -21.20 -16.57 -35.77
N THR C 177 -20.05 -16.75 -35.11
CA THR C 177 -19.77 -17.96 -34.31
C THR C 177 -20.77 -18.14 -33.15
N GLN C 178 -21.02 -17.06 -32.41
CA GLN C 178 -21.97 -17.09 -31.30
C GLN C 178 -23.37 -17.40 -31.81
N THR C 179 -23.76 -16.80 -32.94
CA THR C 179 -25.08 -17.08 -33.51
C THR C 179 -25.25 -18.59 -33.80
N LEU C 180 -24.26 -19.18 -34.47
CA LEU C 180 -24.33 -20.61 -34.82
C LEU C 180 -24.28 -21.47 -33.55
N GLN C 181 -23.44 -21.09 -32.61
CA GLN C 181 -23.34 -21.88 -31.36
C GLN C 181 -24.70 -21.95 -30.66
N ILE C 182 -25.35 -20.79 -30.52
CA ILE C 182 -26.66 -20.74 -29.86
C ILE C 182 -27.73 -21.51 -30.65
N ALA C 183 -27.75 -21.30 -31.96
CA ALA C 183 -28.73 -21.99 -32.81
C ALA C 183 -28.63 -23.51 -32.67
N LEU C 184 -27.40 -24.03 -32.50
CA LEU C 184 -27.23 -25.49 -32.39
C LEU C 184 -27.72 -26.05 -31.04
N LEU C 185 -27.88 -25.20 -30.05
CA LEU C 185 -28.49 -25.65 -28.79
C LEU C 185 -29.93 -26.12 -28.99
N ALA C 186 -30.63 -25.52 -29.95
CA ALA C 186 -32.06 -25.79 -30.18
C ALA C 186 -32.36 -27.21 -30.67
N SER C 187 -33.60 -27.62 -30.46
CA SER C 187 -34.18 -28.83 -30.99
C SER C 187 -34.39 -28.72 -32.52
N LEU C 188 -34.02 -29.78 -33.23
CA LEU C 188 -34.35 -29.90 -34.65
C LEU C 188 -35.88 -29.78 -34.84
N LYS C 189 -36.62 -30.45 -33.97
CA LYS C 189 -38.08 -30.47 -34.01
C LYS C 189 -38.64 -29.05 -33.81
N ALA C 190 -38.18 -28.37 -32.78
CA ALA C 190 -38.69 -27.02 -32.56
C ALA C 190 -38.29 -26.09 -33.70
N THR C 191 -37.07 -26.24 -34.20
CA THR C 191 -36.60 -25.41 -35.30
C THR C 191 -37.52 -25.50 -36.53
N VAL C 192 -37.88 -26.72 -36.90
CA VAL C 192 -38.75 -26.97 -38.06
C VAL C 192 -40.20 -26.57 -37.77
N ASP C 193 -40.72 -26.94 -36.59
CA ASP C 193 -42.11 -26.56 -36.20
C ASP C 193 -42.30 -25.05 -36.17
N CYS C 194 -41.27 -24.29 -35.76
CA CYS C 194 -41.40 -22.83 -35.77
C CYS C 194 -41.58 -22.27 -37.18
N VAL C 195 -40.91 -22.87 -38.17
CA VAL C 195 -41.14 -22.46 -39.58
C VAL C 195 -42.62 -22.63 -39.94
N THR C 196 -43.19 -23.79 -39.62
CA THR C 196 -44.62 -24.01 -39.85
C THR C 196 -45.45 -22.92 -39.19
N ALA C 197 -45.15 -22.64 -37.92
CA ALA C 197 -45.89 -21.67 -37.14
C ALA C 197 -45.81 -20.26 -37.74
N PHE C 198 -44.60 -19.78 -38.06
CA PHE C 198 -44.52 -18.43 -38.60
C PHE C 198 -44.95 -18.32 -40.06
N ALA C 199 -44.90 -19.43 -40.78
CA ALA C 199 -45.37 -19.45 -42.17
C ALA C 199 -46.88 -19.27 -42.26
N GLU C 200 -47.61 -19.87 -41.31
CA GLU C 200 -49.05 -20.11 -41.44
C GLU C 200 -49.95 -19.35 -40.47
N THR C 201 -49.37 -18.81 -39.39
CA THR C 201 -50.17 -18.17 -38.37
C THR C 201 -50.54 -16.74 -38.78
N ASP C 202 -51.82 -16.41 -38.66
CA ASP C 202 -52.34 -15.07 -39.03
C ASP C 202 -52.59 -14.22 -37.80
N PHE C 203 -51.85 -13.12 -37.63
CA PHE C 203 -51.99 -12.25 -36.46
C PHE C 203 -52.82 -11.00 -36.76
N ARG C 204 -53.49 -10.97 -37.91
CA ARG C 204 -54.39 -9.80 -38.17
C ARG C 204 -55.50 -9.63 -37.11
N PRO C 205 -56.21 -10.71 -36.71
CA PRO C 205 -57.13 -10.50 -35.57
C PRO C 205 -56.44 -9.93 -34.31
N ASP C 206 -55.19 -10.35 -34.07
CA ASP C 206 -54.45 -9.92 -32.89
C ASP C 206 -54.22 -8.42 -32.93
N MET C 207 -53.96 -7.87 -34.11
CA MET C 207 -53.64 -6.45 -34.22
C MET C 207 -54.79 -5.58 -33.69
N ALA C 208 -56.03 -6.02 -33.96
CA ALA C 208 -57.22 -5.27 -33.55
C ALA C 208 -57.38 -5.29 -32.03
N LYS C 209 -56.74 -6.25 -31.35
CA LYS C 209 -56.85 -6.38 -29.90
C LYS C 209 -55.74 -5.63 -29.11
N ILE C 210 -54.79 -5.06 -29.84
CA ILE C 210 -53.68 -4.35 -29.23
C ILE C 210 -54.10 -2.91 -28.93
N ASP C 211 -54.28 -2.63 -27.64
CA ASP C 211 -54.82 -1.36 -27.18
C ASP C 211 -53.84 -0.67 -26.22
N VAL C 212 -52.55 -0.80 -26.51
CA VAL C 212 -51.49 -0.18 -25.71
C VAL C 212 -50.58 0.61 -26.66
N PRO C 213 -49.80 1.57 -26.14
CA PRO C 213 -48.81 2.18 -27.00
C PRO C 213 -47.86 1.14 -27.62
N THR C 214 -47.55 1.33 -28.90
CA THR C 214 -46.86 0.33 -29.67
C THR C 214 -45.87 1.06 -30.56
N LEU C 215 -44.67 0.52 -30.61
CA LEU C 215 -43.66 1.00 -31.49
C LEU C 215 -43.27 -0.17 -32.38
N VAL C 216 -43.28 0.08 -33.68
CA VAL C 216 -42.86 -0.89 -34.67
C VAL C 216 -41.52 -0.40 -35.25
N ILE C 217 -40.50 -1.26 -35.21
CA ILE C 217 -39.22 -0.89 -35.82
C ILE C 217 -38.90 -1.99 -36.81
N HIS C 218 -38.45 -1.63 -38.01
CA HIS C 218 -38.10 -2.60 -39.03
C HIS C 218 -37.03 -2.00 -39.94
N GLY C 219 -36.13 -2.86 -40.44
CA GLY C 219 -35.15 -2.45 -41.43
C GLY C 219 -35.78 -2.63 -42.78
N ASP C 220 -35.61 -1.64 -43.67
CA ASP C 220 -36.19 -1.80 -45.00
C ASP C 220 -35.22 -2.49 -45.94
N GLY C 221 -34.08 -2.94 -45.42
CA GLY C 221 -33.19 -3.86 -46.17
C GLY C 221 -33.34 -5.31 -45.70
N ASP C 222 -34.40 -5.59 -44.92
CA ASP C 222 -34.58 -6.91 -44.30
C ASP C 222 -34.83 -8.01 -45.34
N GLN C 223 -33.89 -8.95 -45.46
CA GLN C 223 -34.03 -10.01 -46.46
C GLN C 223 -34.82 -11.20 -45.98
N ILE C 224 -35.13 -11.24 -44.69
CA ILE C 224 -35.77 -12.42 -44.12
C ILE C 224 -37.27 -12.19 -43.96
N VAL C 225 -37.61 -11.06 -43.34
CA VAL C 225 -39.01 -10.72 -43.02
C VAL C 225 -39.31 -9.39 -43.73
N PRO C 226 -40.02 -9.46 -44.89
CA PRO C 226 -40.08 -8.27 -45.78
C PRO C 226 -40.82 -7.10 -45.13
N PHE C 227 -40.16 -5.95 -45.05
CA PHE C 227 -40.78 -4.79 -44.37
C PHE C 227 -42.16 -4.44 -44.92
N GLU C 228 -42.30 -4.45 -46.24
CA GLU C 228 -43.53 -3.95 -46.89
C GLU C 228 -44.79 -4.73 -46.49
N THR C 229 -44.66 -6.03 -46.23
CA THR C 229 -45.83 -6.84 -45.92
C THR C 229 -45.99 -7.22 -44.45
N THR C 230 -45.07 -6.76 -43.60
CA THR C 230 -45.08 -7.12 -42.18
C THR C 230 -45.07 -5.83 -41.36
N GLY C 231 -43.91 -5.37 -40.90
CA GLY C 231 -43.88 -4.16 -40.06
C GLY C 231 -44.68 -2.94 -40.58
N LYS C 232 -44.61 -2.67 -41.88
CA LYS C 232 -45.38 -1.51 -42.42
C LYS C 232 -46.89 -1.67 -42.16
N VAL C 233 -47.39 -2.89 -42.36
CA VAL C 233 -48.81 -3.20 -42.18
C VAL C 233 -49.20 -3.29 -40.70
N ALA C 234 -48.36 -3.93 -39.88
CA ALA C 234 -48.61 -3.98 -38.43
C ALA C 234 -48.82 -2.58 -37.86
N ALA C 235 -48.00 -1.62 -38.28
CA ALA C 235 -48.07 -0.24 -37.75
C ALA C 235 -49.37 0.46 -38.17
N GLU C 236 -49.88 0.11 -39.34
CA GLU C 236 -51.13 0.70 -39.83
C GLU C 236 -52.33 0.06 -39.14
N LEU C 237 -52.24 -1.25 -38.86
CA LEU C 237 -53.36 -1.99 -38.24
C LEU C 237 -53.51 -1.81 -36.74
N ILE C 238 -52.42 -1.43 -36.07
CA ILE C 238 -52.49 -1.23 -34.64
C ILE C 238 -52.81 0.22 -34.39
N LYS C 239 -53.94 0.46 -33.70
CA LYS C 239 -54.34 1.83 -33.45
C LYS C 239 -53.29 2.61 -32.63
N GLY C 240 -52.85 3.74 -33.18
CA GLY C 240 -51.94 4.62 -32.46
C GLY C 240 -50.47 4.23 -32.53
N ALA C 241 -50.16 3.13 -33.23
CA ALA C 241 -48.77 2.63 -33.33
C ALA C 241 -47.87 3.67 -33.98
N GLU C 242 -46.63 3.72 -33.52
CA GLU C 242 -45.58 4.52 -34.12
C GLU C 242 -44.71 3.58 -34.97
N LEU C 243 -44.23 4.05 -36.11
CA LEU C 243 -43.29 3.28 -36.91
C LEU C 243 -41.94 3.98 -37.06
N LYS C 244 -40.86 3.23 -36.89
CA LYS C 244 -39.52 3.71 -37.23
C LYS C 244 -38.88 2.74 -38.19
N VAL C 245 -38.35 3.27 -39.29
CA VAL C 245 -37.75 2.47 -40.31
C VAL C 245 -36.24 2.74 -40.27
N TYR C 246 -35.43 1.69 -40.06
CA TYR C 246 -33.99 1.89 -40.07
C TYR C 246 -33.55 1.69 -41.51
N LYS C 247 -33.00 2.75 -42.10
CA LYS C 247 -32.67 2.71 -43.54
C LYS C 247 -31.63 1.65 -43.87
N ASP C 248 -31.94 0.81 -44.86
CA ASP C 248 -31.05 -0.27 -45.32
C ASP C 248 -30.70 -1.34 -44.25
N ALA C 249 -31.28 -1.24 -43.05
CA ALA C 249 -30.97 -2.20 -41.97
C ALA C 249 -31.41 -3.61 -42.36
N PRO C 250 -30.66 -4.62 -41.89
CA PRO C 250 -30.99 -6.00 -42.19
C PRO C 250 -32.00 -6.57 -41.16
N HIS C 251 -32.30 -7.87 -41.25
CA HIS C 251 -33.11 -8.53 -40.24
C HIS C 251 -32.40 -8.50 -38.86
N GLY C 252 -31.10 -8.79 -38.82
CA GLY C 252 -30.38 -8.92 -37.53
C GLY C 252 -29.94 -7.55 -37.01
N PHE C 253 -30.85 -6.58 -36.99
CA PHE C 253 -30.45 -5.22 -36.67
C PHE C 253 -30.22 -4.96 -35.19
N ALA C 254 -30.63 -5.88 -34.30
CA ALA C 254 -30.25 -5.72 -32.87
C ALA C 254 -28.73 -5.80 -32.73
N VAL C 255 -28.06 -6.39 -33.73
CA VAL C 255 -26.58 -6.38 -33.79
C VAL C 255 -26.04 -5.17 -34.55
N THR C 256 -26.47 -5.00 -35.80
CA THR C 256 -25.89 -3.99 -36.66
C THR C 256 -26.28 -2.58 -36.22
N HIS C 257 -27.46 -2.42 -35.64
CA HIS C 257 -27.94 -1.11 -35.15
C HIS C 257 -28.19 -1.11 -33.64
N ALA C 258 -27.34 -1.81 -32.89
CA ALA C 258 -27.50 -1.94 -31.42
C ALA C 258 -27.73 -0.63 -30.64
N GLN C 259 -26.85 0.35 -30.84
CA GLN C 259 -26.95 1.59 -30.08
C GLN C 259 -28.23 2.38 -30.41
N GLN C 260 -28.57 2.44 -31.70
CA GLN C 260 -29.79 3.13 -32.17
C GLN C 260 -31.02 2.50 -31.55
N LEU C 261 -31.06 1.17 -31.55
CA LEU C 261 -32.16 0.42 -30.94
C LEU C 261 -32.25 0.68 -29.43
N ASN C 262 -31.11 0.57 -28.75
CA ASN C 262 -31.08 0.84 -27.31
C ASN C 262 -31.70 2.21 -26.99
N GLU C 263 -31.30 3.21 -27.75
CA GLU C 263 -31.80 4.57 -27.55
C GLU C 263 -33.30 4.70 -27.87
N ASP C 264 -33.75 3.98 -28.90
CA ASP C 264 -35.16 4.02 -29.26
C ASP C 264 -36.00 3.31 -28.21
N LEU C 265 -35.50 2.18 -27.70
CA LEU C 265 -36.21 1.49 -26.63
C LEU C 265 -36.33 2.39 -25.41
N LEU C 266 -35.23 3.04 -25.02
CA LEU C 266 -35.23 3.95 -23.86
C LEU C 266 -36.23 5.12 -24.04
N ALA C 267 -36.23 5.70 -25.23
CA ALA C 267 -37.07 6.84 -25.53
C ALA C 267 -38.54 6.44 -25.47
N PHE C 268 -38.84 5.22 -25.92
CA PHE C 268 -40.21 4.69 -25.88
C PHE C 268 -40.66 4.48 -24.45
N LEU C 269 -39.79 3.91 -23.62
CA LEU C 269 -40.12 3.65 -22.23
C LEU C 269 -40.32 4.97 -21.47
N LYS C 270 -39.59 6.02 -21.85
CA LYS C 270 -39.68 7.32 -21.16
C LYS C 270 -40.74 8.22 -21.77
N ARG C 271 -41.53 7.73 -22.72
CA ARG C 271 -42.51 8.55 -23.41
C ARG C 271 -43.56 9.03 -22.43
N SER D 1 9.40 26.88 27.75
CA SER D 1 8.46 26.11 28.61
C SER D 1 8.82 24.65 28.46
N THR D 2 8.34 23.82 29.39
CA THR D 2 8.57 22.38 29.37
C THR D 2 7.32 21.65 29.85
N PHE D 3 7.13 20.41 29.43
CA PHE D 3 6.18 19.53 30.10
C PHE D 3 6.83 18.17 30.19
N VAL D 4 6.26 17.30 31.03
CA VAL D 4 6.87 15.99 31.25
C VAL D 4 5.99 14.95 30.59
N ALA D 5 6.56 14.14 29.71
CA ALA D 5 5.77 13.13 28.99
C ALA D 5 5.51 11.97 29.93
N LYS D 6 4.67 11.05 29.47
CA LYS D 6 4.26 9.90 30.30
C LYS D 6 5.46 9.15 30.89
N ASP D 7 6.54 8.96 30.14
CA ASP D 7 7.65 8.17 30.65
C ASP D 7 8.67 8.99 31.44
N GLY D 8 8.35 10.24 31.72
CA GLY D 8 9.25 11.12 32.46
C GLY D 8 10.16 12.03 31.60
N THR D 9 10.14 11.87 30.28
CA THR D 9 10.90 12.75 29.38
C THR D 9 10.41 14.20 29.44
N GLN D 10 11.30 15.11 29.78
CA GLN D 10 10.95 16.52 29.75
C GLN D 10 11.13 17.05 28.32
N ILE D 11 10.10 17.70 27.80
CA ILE D 11 10.08 18.24 26.44
C ILE D 11 10.00 19.76 26.49
N TYR D 12 10.88 20.42 25.75
CA TYR D 12 10.91 21.87 25.66
C TYR D 12 9.98 22.33 24.54
N PHE D 13 9.27 23.43 24.75
CA PHE D 13 8.47 24.04 23.70
C PHE D 13 8.37 25.54 23.87
N LYS D 14 8.00 26.20 22.77
CA LYS D 14 7.73 27.62 22.81
C LYS D 14 6.26 27.80 22.45
N ASP D 15 5.62 28.76 23.12
CA ASP D 15 4.21 29.03 22.94
C ASP D 15 4.07 30.55 22.86
N TRP D 16 3.91 31.06 21.65
CA TRP D 16 3.97 32.50 21.40
C TRP D 16 2.64 33.06 20.91
N GLY D 17 2.27 34.22 21.43
CA GLY D 17 1.09 34.98 20.94
C GLY D 17 -0.26 34.44 21.43
N SER D 18 -1.32 34.89 20.75
CA SER D 18 -2.69 34.52 21.09
CA SER D 18 -2.72 34.61 21.10
C SER D 18 -3.53 34.40 19.83
N GLY D 19 -4.65 33.71 19.96
CA GLY D 19 -5.55 33.47 18.81
C GLY D 19 -5.57 31.99 18.53
N LYS D 20 -6.06 31.61 17.36
CA LYS D 20 -6.13 30.21 16.98
C LYS D 20 -4.71 29.61 16.90
N PRO D 21 -4.53 28.38 17.44
CA PRO D 21 -3.21 27.78 17.52
C PRO D 21 -2.71 27.06 16.26
N VAL D 22 -1.39 27.18 16.05
CA VAL D 22 -0.69 26.51 14.96
C VAL D 22 0.47 25.83 15.63
N LEU D 23 0.50 24.49 15.57
CA LEU D 23 1.53 23.71 16.27
C LEU D 23 2.45 23.07 15.25
N PHE D 24 3.75 23.33 15.42
CA PHE D 24 4.78 22.98 14.43
C PHE D 24 5.64 21.81 14.93
N SER D 25 5.90 20.87 14.02
CA SER D 25 6.69 19.69 14.32
C SER D 25 7.91 19.64 13.39
N HIS D 26 9.11 19.82 13.96
CA HIS D 26 10.35 20.00 13.21
C HIS D 26 10.87 18.72 12.52
N GLY D 27 11.86 18.90 11.66
CA GLY D 27 12.41 17.78 10.90
C GLY D 27 13.56 17.15 11.69
N TRP D 28 14.32 16.30 11.01
N TRP D 28 14.33 16.28 11.04
CA TRP D 28 15.26 15.39 11.63
CA TRP D 28 15.39 15.48 11.67
C TRP D 28 16.32 16.08 12.50
C TRP D 28 16.64 16.30 11.98
N ILE D 29 17.39 16.60 12.01
N ILE D 29 17.16 16.24 13.19
CA ILE D 29 18.33 16.99 13.05
CA ILE D 29 18.37 16.97 13.56
C ILE D 29 18.20 18.48 13.40
C ILE D 29 18.21 18.49 13.53
N LEU D 30 17.00 18.95 13.61
CA LEU D 30 16.70 20.35 13.77
C LEU D 30 16.08 20.47 15.18
N ASP D 31 15.42 21.58 15.48
CA ASP D 31 14.64 21.69 16.73
C ASP D 31 13.61 22.76 16.50
N ALA D 32 12.94 23.23 17.55
CA ALA D 32 11.87 24.23 17.35
C ALA D 32 12.34 25.53 16.68
N ASP D 33 13.62 25.87 16.80
CA ASP D 33 14.14 27.10 16.17
C ASP D 33 14.02 27.10 14.64
N MET D 34 13.85 25.93 14.01
CA MET D 34 13.66 25.95 12.54
C MET D 34 12.41 26.72 12.13
N TRP D 35 11.47 26.89 13.08
CA TRP D 35 10.20 27.53 12.78
C TRP D 35 10.15 29.02 13.16
N GLU D 36 11.25 29.57 13.67
CA GLU D 36 11.22 30.91 14.29
C GLU D 36 10.64 31.98 13.36
N TYR D 37 11.01 31.94 12.07
CA TYR D 37 10.45 32.93 11.11
C TYR D 37 8.95 32.73 10.84
N GLN D 38 8.50 31.48 10.74
CA GLN D 38 7.07 31.19 10.53
C GLN D 38 6.27 31.60 11.77
N MET D 39 6.85 31.35 12.96
CA MET D 39 6.19 31.68 14.21
C MET D 39 6.07 33.17 14.40
N GLU D 40 7.16 33.89 14.15
CA GLU D 40 7.15 35.34 14.24
C GLU D 40 6.13 35.94 13.25
N TYR D 41 6.16 35.44 12.01
CA TYR D 41 5.27 35.93 10.95
C TYR D 41 3.79 35.78 11.33
N LEU D 42 3.43 34.59 11.84
CA LEU D 42 2.04 34.29 12.13
C LEU D 42 1.55 34.87 13.45
N SER D 43 2.44 34.86 14.47
CA SER D 43 2.07 35.44 15.76
C SER D 43 1.97 36.98 15.73
N SER D 44 2.67 37.60 14.79
CA SER D 44 2.53 39.03 14.52
C SER D 44 1.23 39.30 13.79
N ARG D 45 0.57 38.26 13.30
CA ARG D 45 -0.66 38.44 12.52
C ARG D 45 -1.87 37.77 13.17
N GLY D 46 -1.87 37.69 14.50
CA GLY D 46 -3.05 37.27 15.25
C GLY D 46 -3.20 35.77 15.52
N TYR D 47 -2.13 35.00 15.35
CA TYR D 47 -2.17 33.58 15.64
C TYR D 47 -1.29 33.22 16.83
N ARG D 48 -1.65 32.13 17.49
CA ARG D 48 -0.83 31.56 18.53
C ARG D 48 0.00 30.44 17.89
N THR D 49 1.32 30.46 18.14
CA THR D 49 2.22 29.49 17.51
C THR D 49 2.99 28.74 18.58
N ILE D 50 3.06 27.42 18.42
CA ILE D 50 3.63 26.53 19.40
C ILE D 50 4.60 25.61 18.64
N ALA D 51 5.80 25.43 19.17
CA ALA D 51 6.75 24.50 18.54
C ALA D 51 7.57 23.85 19.62
N PHE D 52 7.74 22.54 19.53
CA PHE D 52 8.41 21.77 20.57
C PHE D 52 9.72 21.21 19.97
N ASP D 53 10.66 20.85 20.83
CA ASP D 53 11.84 20.08 20.46
C ASP D 53 11.48 18.63 20.70
N ARG D 54 11.52 17.83 19.65
CA ARG D 54 11.23 16.41 19.76
C ARG D 54 12.15 15.81 20.80
N ARG D 55 11.64 14.78 21.50
CA ARG D 55 12.47 14.06 22.46
C ARG D 55 13.77 13.61 21.76
N GLY D 56 14.89 13.80 22.46
CA GLY D 56 16.20 13.51 21.90
C GLY D 56 16.84 14.66 21.13
N PHE D 57 16.15 15.79 20.98
CA PHE D 57 16.63 16.93 20.17
C PHE D 57 16.59 18.24 20.91
N GLY D 58 17.39 19.19 20.45
CA GLY D 58 17.35 20.56 20.93
C GLY D 58 17.51 20.58 22.44
N ARG D 59 16.58 21.24 23.11
CA ARG D 59 16.66 21.48 24.55
C ARG D 59 15.85 20.45 25.36
N SER D 60 15.30 19.45 24.67
CA SER D 60 14.58 18.39 25.37
C SER D 60 15.51 17.33 25.94
N ASP D 61 15.00 16.55 26.91
CA ASP D 61 15.68 15.36 27.39
C ASP D 61 15.98 14.38 26.26
N GLN D 62 16.90 13.47 26.55
CA GLN D 62 17.37 12.46 25.59
C GLN D 62 17.16 11.02 26.10
N PRO D 63 15.90 10.54 26.09
CA PRO D 63 15.64 9.15 26.54
C PRO D 63 16.24 8.08 25.61
N TRP D 64 16.66 6.98 26.21
CA TRP D 64 17.11 5.79 25.49
C TRP D 64 15.95 5.14 24.73
N THR D 65 14.76 5.18 25.33
CA THR D 65 13.62 4.47 24.74
C THR D 65 12.61 5.45 24.19
N GLY D 66 11.70 4.97 23.35
CA GLY D 66 10.58 5.81 22.92
C GLY D 66 10.88 6.62 21.68
N ASN D 67 11.98 6.32 21.00
CA ASN D 67 12.34 7.08 19.80
C ASN D 67 11.66 6.45 18.57
N ASP D 68 10.33 6.61 18.50
CA ASP D 68 9.50 5.97 17.49
C ASP D 68 8.26 6.81 17.30
N TYR D 69 7.60 6.63 16.15
CA TYR D 69 6.52 7.52 15.76
C TYR D 69 5.29 7.43 16.64
N ASP D 70 4.98 6.24 17.16
CA ASP D 70 3.87 6.13 18.13
C ASP D 70 4.14 6.96 19.39
N THR D 71 5.36 6.88 19.95
CA THR D 71 5.69 7.76 21.06
C THR D 71 5.72 9.25 20.65
N PHE D 72 6.32 9.57 19.50
CA PHE D 72 6.31 10.99 19.04
C PHE D 72 4.87 11.56 18.97
N ALA D 73 3.96 10.75 18.44
CA ALA D 73 2.56 11.15 18.27
C ALA D 73 1.88 11.36 19.63
N ASP D 74 2.23 10.51 20.59
CA ASP D 74 1.66 10.61 21.95
C ASP D 74 2.25 11.79 22.69
N ASP D 75 3.52 12.13 22.39
CA ASP D 75 4.12 13.33 22.95
C ASP D 75 3.34 14.56 22.50
N ILE D 76 3.02 14.62 21.20
CA ILE D 76 2.23 15.72 20.66
C ILE D 76 0.84 15.78 21.33
N ALA D 77 0.23 14.62 21.52
CA ALA D 77 -1.09 14.55 22.16
C ALA D 77 -0.99 15.13 23.56
N GLN D 78 0.08 14.78 24.29
CA GLN D 78 0.27 15.30 25.65
C GLN D 78 0.48 16.81 25.67
N LEU D 79 1.20 17.36 24.70
CA LEU D 79 1.34 18.80 24.64
C LEU D 79 0.00 19.52 24.35
N ILE D 80 -0.76 18.96 23.42
CA ILE D 80 -2.08 19.48 23.04
C ILE D 80 -2.99 19.41 24.29
N GLU D 81 -2.96 18.29 24.99
CA GLU D 81 -3.70 18.16 26.25
C GLU D 81 -3.19 19.10 27.35
N HIS D 82 -1.88 19.20 27.48
CA HIS D 82 -1.26 20.09 28.46
C HIS D 82 -1.69 21.54 28.28
N LEU D 83 -1.79 22.02 27.04
CA LEU D 83 -2.19 23.40 26.78
C LEU D 83 -3.70 23.55 26.50
N ASP D 84 -4.41 22.42 26.52
CA ASP D 84 -5.84 22.37 26.16
C ASP D 84 -6.17 23.00 24.77
N LEU D 85 -5.41 22.63 23.75
CA LEU D 85 -5.59 23.32 22.45
C LEU D 85 -6.82 22.84 21.70
N LYS D 86 -7.42 23.74 20.94
CA LYS D 86 -8.59 23.44 20.18
C LYS D 86 -8.46 24.15 18.85
N GLU D 87 -9.05 23.57 17.81
CA GLU D 87 -8.96 24.04 16.43
CA GLU D 87 -8.98 24.13 16.46
C GLU D 87 -7.50 24.33 16.06
N VAL D 88 -6.64 23.37 16.41
CA VAL D 88 -5.19 23.50 16.12
C VAL D 88 -4.90 23.15 14.66
N THR D 89 -4.09 23.98 14.00
CA THR D 89 -3.56 23.62 12.69
C THR D 89 -2.17 22.98 12.93
N LEU D 90 -2.01 21.73 12.51
CA LEU D 90 -0.77 20.99 12.72
C LEU D 90 0.11 21.22 11.50
N VAL D 91 1.39 21.52 11.71
CA VAL D 91 2.29 21.78 10.59
C VAL D 91 3.55 20.94 10.83
N GLY D 92 3.84 20.01 9.91
CA GLY D 92 4.94 19.06 10.08
C GLY D 92 5.95 19.20 8.95
N PHE D 93 7.23 19.30 9.29
CA PHE D 93 8.27 19.37 8.27
C PHE D 93 9.07 18.07 8.25
N SER D 94 9.25 17.55 7.04
CA SER D 94 10.16 16.41 6.83
C SER D 94 9.72 15.21 7.69
N MET D 95 10.57 14.67 8.56
CA MET D 95 10.15 13.52 9.39
C MET D 95 9.02 13.92 10.35
N GLY D 96 8.91 15.22 10.60
CA GLY D 96 7.89 15.74 11.50
C GLY D 96 6.50 15.71 10.88
N GLY D 97 6.43 15.50 9.57
CA GLY D 97 5.11 15.25 8.95
C GLY D 97 4.55 13.93 9.45
N GLY D 98 5.44 12.99 9.77
CA GLY D 98 5.02 11.68 10.26
C GLY D 98 4.34 11.74 11.62
N ASP D 99 4.88 12.50 12.57
CA ASP D 99 4.26 12.45 13.91
C ASP D 99 2.94 13.26 14.02
N VAL D 100 2.76 14.29 13.19
CA VAL D 100 1.46 14.99 13.15
C VAL D 100 0.39 14.09 12.50
N ALA D 101 0.76 13.34 11.46
CA ALA D 101 -0.14 12.36 10.81
C ALA D 101 -0.49 11.25 11.79
N ARG D 102 0.54 10.70 12.43
CA ARG D 102 0.35 9.61 13.39
C ARG D 102 -0.42 10.05 14.64
N TYR D 103 -0.29 11.33 15.01
CA TYR D 103 -1.13 11.87 16.10
C TYR D 103 -2.64 11.79 15.71
N ILE D 104 -3.01 12.28 14.53
CA ILE D 104 -4.39 12.15 14.02
C ILE D 104 -4.83 10.67 13.96
N ALA D 105 -3.95 9.80 13.48
CA ALA D 105 -4.29 8.39 13.35
C ALA D 105 -4.56 7.76 14.71
N ARG D 106 -3.76 8.12 15.71
CA ARG D 106 -3.87 7.49 17.04
C ARG D 106 -4.92 8.13 17.94
N HIS D 107 -5.20 9.43 17.75
CA HIS D 107 -6.04 10.18 18.69
C HIS D 107 -7.24 10.84 18.02
N GLY D 108 -7.35 10.74 16.70
CA GLY D 108 -8.47 11.43 15.99
C GLY D 108 -8.24 12.91 15.78
N SER D 109 -9.20 13.59 15.15
CA SER D 109 -9.08 14.99 14.78
C SER D 109 -10.01 15.96 15.50
N ALA D 110 -10.55 15.56 16.65
CA ALA D 110 -11.50 16.41 17.39
C ALA D 110 -10.87 17.78 17.72
N ARG D 111 -9.59 17.79 18.09
CA ARG D 111 -8.94 19.07 18.41
C ARG D 111 -8.27 19.78 17.22
N VAL D 112 -8.41 19.21 16.03
CA VAL D 112 -7.63 19.62 14.86
C VAL D 112 -8.48 20.35 13.83
N ALA D 113 -8.05 21.54 13.42
CA ALA D 113 -8.67 22.33 12.36
C ALA D 113 -8.12 22.08 10.96
N GLY D 114 -6.83 21.72 10.86
CA GLY D 114 -6.21 21.49 9.56
C GLY D 114 -4.82 20.90 9.73
N LEU D 115 -4.23 20.49 8.59
CA LEU D 115 -2.96 19.79 8.55
C LEU D 115 -2.13 20.32 7.39
N VAL D 116 -0.86 20.60 7.65
CA VAL D 116 0.06 21.07 6.62
C VAL D 116 1.25 20.14 6.64
N LEU D 117 1.57 19.56 5.48
CA LEU D 117 2.68 18.61 5.39
C LEU D 117 3.75 19.22 4.48
N LEU D 118 4.92 19.51 5.05
CA LEU D 118 5.99 20.27 4.34
C LEU D 118 7.20 19.38 4.10
N GLY D 119 7.48 19.08 2.83
CA GLY D 119 8.62 18.23 2.47
C GLY D 119 8.61 16.95 3.29
N ALA D 120 7.41 16.43 3.54
CA ALA D 120 7.21 15.40 4.58
C ALA D 120 7.44 14.00 4.06
N VAL D 121 7.81 13.11 4.98
CA VAL D 121 8.13 11.74 4.65
C VAL D 121 6.88 10.93 4.34
N THR D 122 5.70 11.50 4.62
CA THR D 122 4.41 10.84 4.39
C THR D 122 4.18 10.65 2.87
N PRO D 123 3.48 9.56 2.48
CA PRO D 123 2.86 8.58 3.32
C PRO D 123 3.76 7.39 3.64
N LEU D 124 4.92 7.32 2.99
CA LEU D 124 5.89 6.25 3.20
C LEU D 124 7.14 6.71 2.49
N PHE D 125 8.30 6.46 3.12
CA PHE D 125 9.58 6.99 2.61
C PHE D 125 10.42 5.81 2.06
N GLY D 126 10.71 4.82 2.91
CA GLY D 126 11.52 3.66 2.54
C GLY D 126 10.76 2.61 1.72
N GLN D 127 11.49 1.72 1.08
CA GLN D 127 10.92 0.64 0.26
C GLN D 127 10.12 -0.35 1.10
N LYS D 128 9.03 -0.84 0.53
CA LYS D 128 8.28 -1.99 1.07
C LYS D 128 8.06 -2.90 -0.14
N PRO D 129 7.62 -4.15 0.10
CA PRO D 129 7.38 -5.03 -1.06
C PRO D 129 6.39 -4.47 -2.09
N ASP D 130 5.35 -3.77 -1.64
CA ASP D 130 4.40 -3.15 -2.59
C ASP D 130 4.73 -1.67 -2.86
N TYR D 131 5.95 -1.24 -2.46
CA TYR D 131 6.42 0.13 -2.69
C TYR D 131 7.92 0.11 -3.05
N PRO D 132 8.26 -0.61 -4.15
CA PRO D 132 9.65 -0.67 -4.55
C PRO D 132 10.17 0.69 -4.99
N GLN D 133 9.28 1.64 -5.28
CA GLN D 133 9.69 3.02 -5.65
C GLN D 133 10.22 3.83 -4.44
N GLY D 134 10.01 3.34 -3.21
CA GLY D 134 10.56 4.00 -2.01
C GLY D 134 12.09 3.90 -1.95
N VAL D 135 12.71 4.60 -1.00
CA VAL D 135 14.19 4.55 -0.86
C VAL D 135 14.63 3.20 -0.30
N PRO D 136 15.53 2.50 -0.99
CA PRO D 136 15.96 1.20 -0.46
C PRO D 136 16.52 1.33 0.97
N LEU D 137 16.21 0.35 1.83
CA LEU D 137 16.65 0.36 3.22
C LEU D 137 18.18 0.37 3.38
N ASP D 138 18.93 -0.20 2.44
CA ASP D 138 20.40 -0.13 2.58
C ASP D 138 20.97 1.30 2.48
N VAL D 139 20.24 2.20 1.81
CA VAL D 139 20.62 3.61 1.79
C VAL D 139 20.58 4.15 3.25
N PHE D 140 19.48 3.91 3.95
CA PHE D 140 19.37 4.31 5.37
C PHE D 140 20.36 3.56 6.28
N ALA D 141 20.59 2.27 6.01
CA ALA D 141 21.56 1.52 6.80
C ALA D 141 22.97 2.14 6.70
N ARG D 142 23.37 2.61 5.52
CA ARG D 142 24.66 3.29 5.33
CA ARG D 142 24.67 3.29 5.35
C ARG D 142 24.73 4.60 6.15
N PHE D 143 23.64 5.38 6.12
CA PHE D 143 23.54 6.62 6.90
C PHE D 143 23.79 6.34 8.37
N LYS D 144 23.14 5.28 8.89
CA LYS D 144 23.29 4.89 10.28
C LYS D 144 24.71 4.51 10.62
N THR D 145 25.35 3.72 9.73
CA THR D 145 26.78 3.39 9.88
C THR D 145 27.64 4.64 9.96
N GLU D 146 27.39 5.61 9.08
CA GLU D 146 28.17 6.84 9.02
C GLU D 146 27.95 7.69 10.27
N LEU D 147 26.70 7.77 10.73
CA LEU D 147 26.37 8.51 11.96
C LEU D 147 27.04 7.89 13.21
N LEU D 148 27.14 6.57 13.21
CA LEU D 148 27.73 5.86 14.32
C LEU D 148 29.24 5.90 14.33
N LYS D 149 29.82 6.49 13.28
CA LYS D 149 31.24 6.76 13.20
C LYS D 149 31.51 8.23 13.54
N ASP D 150 30.81 9.15 12.84
CA ASP D 150 31.04 10.58 12.99
C ASP D 150 29.80 11.39 12.64
N ARG D 151 28.91 11.55 13.60
CA ARG D 151 27.68 12.28 13.31
C ARG D 151 27.94 13.75 13.05
N ALA D 152 28.90 14.37 13.74
CA ALA D 152 29.17 15.78 13.51
C ALA D 152 29.51 16.07 12.04
N GLN D 153 30.39 15.27 11.46
CA GLN D 153 30.78 15.53 10.05
C GLN D 153 29.66 15.12 9.10
N PHE D 154 28.93 14.05 9.40
CA PHE D 154 27.74 13.68 8.63
C PHE D 154 26.79 14.89 8.48
N ILE D 155 26.45 15.53 9.59
CA ILE D 155 25.52 16.67 9.57
C ILE D 155 26.12 17.82 8.79
N SER D 156 27.38 18.09 9.04
CA SER D 156 28.05 19.16 8.31
C SER D 156 27.96 18.91 6.77
N ASP D 157 28.23 17.67 6.34
CA ASP D 157 28.16 17.31 4.90
C ASP D 157 26.71 17.33 4.37
N PHE D 158 25.76 17.02 5.27
CA PHE D 158 24.33 16.99 4.97
C PHE D 158 23.79 18.40 4.62
N ASN D 159 24.39 19.47 5.16
CA ASN D 159 23.95 20.84 4.83
C ASN D 159 23.77 21.04 3.31
N ALA D 160 24.74 20.60 2.53
CA ALA D 160 24.72 20.90 1.08
C ALA D 160 23.50 20.31 0.35
N PRO D 161 23.31 18.97 0.37
CA PRO D 161 22.11 18.46 -0.32
C PRO D 161 20.81 18.83 0.39
N PHE D 162 20.88 19.10 1.71
CA PHE D 162 19.66 19.49 2.45
C PHE D 162 19.12 20.81 1.90
N TYR D 163 20.02 21.80 1.77
CA TYR D 163 19.63 23.12 1.29
C TYR D 163 19.71 23.31 -0.24
N GLY D 164 20.18 22.29 -0.96
CA GLY D 164 20.32 22.41 -2.42
C GLY D 164 21.45 23.31 -2.82
N ILE D 165 22.40 23.54 -1.91
CA ILE D 165 23.58 24.37 -2.18
C ILE D 165 24.44 23.79 -3.32
N ASN D 166 24.49 22.46 -3.39
CA ASN D 166 25.15 21.77 -4.50
C ASN D 166 24.37 21.93 -5.82
N LYS D 167 23.18 22.54 -5.80
CA LYS D 167 22.46 22.81 -7.05
C LYS D 167 22.08 24.26 -7.22
N GLY D 168 22.93 25.16 -6.75
CA GLY D 168 22.74 26.57 -6.98
C GLY D 168 21.82 27.36 -6.06
N GLN D 169 21.26 26.73 -5.01
CA GLN D 169 20.54 27.49 -3.97
C GLN D 169 21.59 28.23 -3.14
N VAL D 170 21.23 29.41 -2.68
CA VAL D 170 22.15 30.25 -1.93
C VAL D 170 21.67 30.30 -0.47
N VAL D 171 22.49 29.82 0.47
CA VAL D 171 22.16 29.82 1.90
C VAL D 171 23.40 30.32 2.63
N SER D 172 23.24 31.30 3.53
CA SER D 172 24.42 31.88 4.17
C SER D 172 25.20 30.88 5.01
N GLN D 173 26.47 31.21 5.27
CA GLN D 173 27.27 30.47 6.21
C GLN D 173 26.64 30.48 7.61
N GLY D 174 26.09 31.63 7.99
CA GLY D 174 25.37 31.75 9.25
C GLY D 174 24.31 30.67 9.44
N VAL D 175 23.43 30.50 8.45
CA VAL D 175 22.40 29.48 8.55
C VAL D 175 23.00 28.08 8.62
N GLN D 176 24.07 27.82 7.87
CA GLN D 176 24.69 26.50 7.92
C GLN D 176 25.35 26.24 9.28
N THR D 177 25.98 27.28 9.85
CA THR D 177 26.50 27.19 11.23
C THR D 177 25.40 26.94 12.27
N GLN D 178 24.32 27.71 12.19
CA GLN D 178 23.19 27.50 13.10
C GLN D 178 22.63 26.07 13.01
N THR D 179 22.51 25.57 11.79
CA THR D 179 21.94 24.23 11.55
C THR D 179 22.83 23.21 12.24
N LEU D 180 24.13 23.35 12.10
CA LEU D 180 25.01 22.34 12.69
C LEU D 180 24.98 22.46 14.23
N GLN D 181 24.93 23.69 14.73
CA GLN D 181 24.96 23.93 16.20
C GLN D 181 23.73 23.29 16.86
N ILE D 182 22.58 23.48 16.24
CA ILE D 182 21.34 22.86 16.73
C ILE D 182 21.38 21.34 16.63
N ALA D 183 21.86 20.82 15.48
CA ALA D 183 21.98 19.36 15.31
C ALA D 183 22.81 18.71 16.42
N LEU D 184 23.88 19.38 16.83
CA LEU D 184 24.81 18.81 17.82
C LEU D 184 24.24 18.80 19.23
N LEU D 185 23.17 19.56 19.47
CA LEU D 185 22.47 19.47 20.77
C LEU D 185 21.82 18.09 20.93
N ALA D 186 21.44 17.48 19.81
CA ALA D 186 20.66 16.24 19.81
C ALA D 186 21.47 15.06 20.35
N SER D 187 20.75 14.03 20.81
CA SER D 187 21.32 12.77 21.20
C SER D 187 21.79 11.97 19.99
N LEU D 188 22.94 11.30 20.10
CA LEU D 188 23.37 10.35 19.05
C LEU D 188 22.33 9.24 18.85
N LYS D 189 21.87 8.65 19.96
CA LYS D 189 20.85 7.60 19.96
C LYS D 189 19.56 8.07 19.26
N ALA D 190 19.07 9.27 19.63
CA ALA D 190 17.84 9.75 19.01
C ALA D 190 18.04 9.96 17.51
N THR D 191 19.20 10.51 17.15
CA THR D 191 19.50 10.84 15.77
C THR D 191 19.45 9.55 14.90
N VAL D 192 20.07 8.49 15.41
CA VAL D 192 20.10 7.19 14.73
C VAL D 192 18.73 6.47 14.72
N ASP D 193 18.06 6.39 15.85
CA ASP D 193 16.74 5.77 15.90
C ASP D 193 15.73 6.47 15.01
N CYS D 194 15.85 7.78 14.87
CA CYS D 194 14.94 8.48 13.97
C CYS D 194 15.11 7.99 12.54
N VAL D 195 16.34 7.66 12.14
CA VAL D 195 16.55 7.15 10.76
C VAL D 195 15.78 5.83 10.60
N THR D 196 15.89 4.96 11.59
CA THR D 196 15.12 3.72 11.58
C THR D 196 13.60 4.03 11.46
N ALA D 197 13.10 4.93 12.30
CA ALA D 197 11.68 5.32 12.30
C ALA D 197 11.22 5.85 10.94
N PHE D 198 11.90 6.85 10.38
CA PHE D 198 11.41 7.36 9.12
C PHE D 198 11.68 6.45 7.92
N ALA D 199 12.67 5.57 8.04
CA ALA D 199 12.95 4.60 6.99
C ALA D 199 11.84 3.54 6.87
N GLU D 200 11.24 3.15 7.99
CA GLU D 200 10.46 1.91 8.03
C GLU D 200 8.97 2.09 8.31
N THR D 201 8.58 3.26 8.83
CA THR D 201 7.21 3.52 9.26
C THR D 201 6.31 3.79 8.05
N ASP D 202 5.18 3.09 8.02
CA ASP D 202 4.23 3.21 6.92
C ASP D 202 3.06 4.06 7.40
N PHE D 203 2.92 5.27 6.81
CA PHE D 203 1.80 6.18 7.17
C PHE D 203 0.64 6.08 6.19
N ARG D 204 0.65 5.05 5.35
CA ARG D 204 -0.47 4.93 4.38
C ARG D 204 -1.83 4.73 5.07
N PRO D 205 -1.89 3.89 6.13
CA PRO D 205 -3.17 3.81 6.86
C PRO D 205 -3.57 5.15 7.48
N ASP D 206 -2.58 5.94 7.95
CA ASP D 206 -2.84 7.26 8.54
C ASP D 206 -3.53 8.19 7.57
N MET D 207 -3.14 8.13 6.30
CA MET D 207 -3.71 9.02 5.28
C MET D 207 -5.25 8.94 5.23
N ALA D 208 -5.76 7.71 5.34
CA ALA D 208 -7.19 7.45 5.26
C ALA D 208 -7.92 8.00 6.48
N LYS D 209 -7.20 8.25 7.58
CA LYS D 209 -7.86 8.80 8.77
C LYS D 209 -7.81 10.32 8.80
N ILE D 210 -7.16 10.95 7.83
CA ILE D 210 -7.10 12.41 7.84
C ILE D 210 -8.35 12.98 7.19
N ASP D 211 -9.17 13.63 8.02
CA ASP D 211 -10.48 14.13 7.60
C ASP D 211 -10.62 15.62 7.90
N VAL D 212 -9.50 16.35 7.75
CA VAL D 212 -9.47 17.80 7.91
C VAL D 212 -8.87 18.42 6.66
N PRO D 213 -9.14 19.72 6.41
CA PRO D 213 -8.47 20.41 5.32
C PRO D 213 -6.95 20.22 5.42
N THR D 214 -6.33 19.88 4.30
CA THR D 214 -4.91 19.54 4.30
C THR D 214 -4.22 20.27 3.16
N LEU D 215 -3.06 20.84 3.47
CA LEU D 215 -2.21 21.43 2.44
C LEU D 215 -0.87 20.68 2.43
N VAL D 216 -0.47 20.20 1.25
CA VAL D 216 0.82 19.54 1.09
C VAL D 216 1.71 20.47 0.28
N ILE D 217 2.89 20.79 0.81
CA ILE D 217 3.84 21.61 0.05
C ILE D 217 5.13 20.80 -0.06
N HIS D 218 5.75 20.78 -1.23
CA HIS D 218 7.00 20.06 -1.39
C HIS D 218 7.77 20.73 -2.51
N GLY D 219 9.11 20.68 -2.41
CA GLY D 219 9.98 21.12 -3.50
C GLY D 219 10.24 19.96 -4.45
N ASP D 220 10.15 20.21 -5.75
CA ASP D 220 10.45 19.13 -6.68
C ASP D 220 11.93 19.04 -7.01
N GLY D 221 12.74 19.86 -6.32
CA GLY D 221 14.22 19.66 -6.31
C GLY D 221 14.70 18.97 -5.01
N ASP D 222 13.80 18.39 -4.24
CA ASP D 222 14.14 17.83 -2.93
C ASP D 222 15.04 16.60 -3.05
N GLN D 223 16.31 16.73 -2.65
CA GLN D 223 17.27 15.64 -2.75
C GLN D 223 17.21 14.65 -1.59
N ILE D 224 16.43 14.98 -0.57
CA ILE D 224 16.41 14.16 0.66
C ILE D 224 15.14 13.29 0.70
N VAL D 225 13.98 13.94 0.54
CA VAL D 225 12.67 13.29 0.59
C VAL D 225 12.01 13.50 -0.79
N PRO D 226 12.06 12.47 -1.65
CA PRO D 226 11.71 12.66 -3.07
C PRO D 226 10.23 13.02 -3.24
N PHE D 227 9.98 14.13 -3.91
CA PHE D 227 8.62 14.57 -4.14
C PHE D 227 7.65 13.46 -4.67
N GLU D 228 8.09 12.73 -5.69
CA GLU D 228 7.19 11.87 -6.48
C GLU D 228 6.66 10.70 -5.69
N THR D 229 7.40 10.28 -4.68
CA THR D 229 6.96 9.11 -3.90
C THR D 229 6.48 9.48 -2.51
N THR D 230 6.51 10.76 -2.17
CA THR D 230 6.07 11.19 -0.84
C THR D 230 4.95 12.23 -0.97
N GLY D 231 5.31 13.53 -1.00
CA GLY D 231 4.31 14.60 -1.01
C GLY D 231 3.26 14.43 -2.11
N LYS D 232 3.69 14.02 -3.29
CA LYS D 232 2.81 13.82 -4.43
C LYS D 232 1.73 12.79 -4.08
N VAL D 233 2.16 11.68 -3.49
CA VAL D 233 1.25 10.60 -3.10
C VAL D 233 0.38 10.96 -1.90
N ALA D 234 0.97 11.62 -0.91
CA ALA D 234 0.24 12.09 0.27
C ALA D 234 -0.97 12.94 -0.18
N ALA D 235 -0.75 13.86 -1.11
CA ALA D 235 -1.84 14.76 -1.58
C ALA D 235 -2.96 13.98 -2.30
N GLU D 236 -2.59 12.87 -2.95
CA GLU D 236 -3.56 12.03 -3.65
C GLU D 236 -4.36 11.17 -2.67
N LEU D 237 -3.69 10.69 -1.60
CA LEU D 237 -4.34 9.80 -0.63
C LEU D 237 -5.23 10.48 0.40
N ILE D 238 -5.01 11.78 0.63
CA ILE D 238 -5.77 12.47 1.67
C ILE D 238 -6.93 13.14 0.96
N LYS D 239 -8.13 12.75 1.34
CA LYS D 239 -9.32 13.28 0.67
C LYS D 239 -9.36 14.80 0.78
N GLY D 240 -9.53 15.45 -0.36
CA GLY D 240 -9.67 16.90 -0.44
C GLY D 240 -8.39 17.71 -0.23
N ALA D 241 -7.23 17.03 -0.12
CA ALA D 241 -5.94 17.72 0.09
C ALA D 241 -5.59 18.62 -1.09
N GLU D 242 -4.97 19.75 -0.81
CA GLU D 242 -4.43 20.65 -1.82
C GLU D 242 -2.91 20.43 -1.89
N LEU D 243 -2.34 20.48 -3.10
CA LEU D 243 -0.91 20.31 -3.30
C LEU D 243 -0.31 21.58 -3.89
N LYS D 244 0.79 22.07 -3.29
CA LYS D 244 1.57 23.14 -3.93
C LYS D 244 2.99 22.67 -4.06
N VAL D 245 3.51 22.74 -5.29
CA VAL D 245 4.87 22.31 -5.59
C VAL D 245 5.73 23.55 -5.81
N TYR D 246 6.81 23.66 -5.03
CA TYR D 246 7.72 24.79 -5.21
C TYR D 246 8.77 24.38 -6.21
N LYS D 247 8.78 25.07 -7.34
CA LYS D 247 9.63 24.67 -8.45
C LYS D 247 11.11 24.70 -8.10
N ASP D 248 11.78 23.56 -8.32
CA ASP D 248 13.21 23.37 -8.03
C ASP D 248 13.61 23.56 -6.54
N ALA D 249 12.65 23.75 -5.64
CA ALA D 249 12.95 24.01 -4.22
C ALA D 249 13.63 22.78 -3.59
N PRO D 250 14.55 23.01 -2.63
CA PRO D 250 15.22 21.90 -2.00
C PRO D 250 14.41 21.32 -0.82
N HIS D 251 15.02 20.44 -0.06
CA HIS D 251 14.38 19.94 1.16
C HIS D 251 14.25 21.06 2.19
N GLY D 252 15.31 21.85 2.36
CA GLY D 252 15.31 22.93 3.40
C GLY D 252 14.64 24.21 2.93
N PHE D 253 13.45 24.06 2.33
CA PHE D 253 12.79 25.20 1.72
C PHE D 253 12.16 26.20 2.72
N ALA D 254 12.01 25.83 3.99
CA ALA D 254 11.56 26.82 5.00
C ALA D 254 12.62 27.92 5.15
N VAL D 255 13.85 27.63 4.75
CA VAL D 255 14.90 28.65 4.67
C VAL D 255 14.93 29.32 3.29
N THR D 256 15.10 28.53 2.22
CA THR D 256 15.25 29.11 0.87
C THR D 256 13.99 29.80 0.34
N HIS D 257 12.81 29.34 0.77
CA HIS D 257 11.52 29.87 0.27
C HIS D 257 10.68 30.39 1.43
N ALA D 258 11.34 30.99 2.41
CA ALA D 258 10.70 31.40 3.70
C ALA D 258 9.45 32.28 3.49
N GLN D 259 9.61 33.35 2.72
CA GLN D 259 8.51 34.30 2.51
C GLN D 259 7.30 33.64 1.84
N GLN D 260 7.55 32.87 0.78
CA GLN D 260 6.50 32.14 0.06
C GLN D 260 5.76 31.16 0.98
N LEU D 261 6.52 30.44 1.81
CA LEU D 261 5.92 29.53 2.80
C LEU D 261 5.08 30.30 3.82
N ASN D 262 5.59 31.43 4.29
CA ASN D 262 4.87 32.27 5.24
C ASN D 262 3.51 32.68 4.69
N GLU D 263 3.52 33.17 3.45
CA GLU D 263 2.30 33.61 2.80
C GLU D 263 1.34 32.43 2.56
N ASP D 264 1.87 31.27 2.15
CA ASP D 264 1.01 30.10 1.92
C ASP D 264 0.38 29.56 3.20
N LEU D 265 1.11 29.61 4.31
CA LEU D 265 0.55 29.17 5.60
C LEU D 265 -0.56 30.10 6.02
N LEU D 266 -0.30 31.39 5.87
CA LEU D 266 -1.29 32.40 6.24
C LEU D 266 -2.56 32.23 5.37
N ALA D 267 -2.38 31.96 4.08
CA ALA D 267 -3.55 31.85 3.19
C ALA D 267 -4.32 30.59 3.49
N PHE D 268 -3.63 29.53 3.85
CA PHE D 268 -4.30 28.30 4.30
C PHE D 268 -5.12 28.55 5.56
N LEU D 269 -4.52 29.25 6.54
CA LEU D 269 -5.21 29.58 7.78
C LEU D 269 -6.44 30.47 7.53
N LYS D 270 -6.37 31.37 6.56
CA LYS D 270 -7.48 32.28 6.27
C LYS D 270 -8.55 31.68 5.35
N ARG D 271 -8.30 30.49 4.81
CA ARG D 271 -9.15 29.92 3.76
C ARG D 271 -10.64 30.11 4.02
N SER E 1 21.65 29.07 38.10
CA SER E 1 20.44 29.29 38.97
C SER E 1 19.33 29.88 38.10
N THR E 2 18.10 29.79 38.56
CA THR E 2 16.96 30.38 37.84
C THR E 2 16.00 31.04 38.82
N PHE E 3 15.24 32.01 38.36
CA PHE E 3 14.02 32.37 39.05
C PHE E 3 12.99 32.56 37.96
N VAL E 4 11.73 32.68 38.34
CA VAL E 4 10.65 32.89 37.37
C VAL E 4 10.04 34.27 37.56
N ALA E 5 10.05 35.07 36.49
CA ALA E 5 9.52 36.42 36.54
C ALA E 5 7.99 36.41 36.63
N LYS E 6 7.42 37.58 36.87
CA LYS E 6 5.98 37.69 37.12
C LYS E 6 5.09 37.01 36.06
N ASP E 7 5.45 37.15 34.78
CA ASP E 7 4.60 36.60 33.73
C ASP E 7 4.88 35.12 33.42
N GLY E 8 5.71 34.46 34.22
CA GLY E 8 5.99 33.04 34.03
C GLY E 8 7.32 32.74 33.32
N THR E 9 8.07 33.78 32.98
CA THR E 9 9.30 33.64 32.21
C THR E 9 10.45 33.24 33.11
N GLN E 10 11.04 32.07 32.83
CA GLN E 10 12.21 31.64 33.61
C GLN E 10 13.50 32.34 33.13
N ILE E 11 14.26 32.88 34.09
CA ILE E 11 15.46 33.68 33.84
C ILE E 11 16.65 32.93 34.44
N TYR E 12 17.70 32.71 33.64
CA TYR E 12 18.90 32.04 34.13
C TYR E 12 19.85 33.10 34.68
N PHE E 13 20.55 32.78 35.78
CA PHE E 13 21.57 33.70 36.25
C PHE E 13 22.68 32.95 36.95
N LYS E 14 23.81 33.62 37.11
CA LYS E 14 24.93 33.06 37.84
C LYS E 14 25.13 33.98 39.05
N ASP E 15 25.46 33.39 40.18
CA ASP E 15 25.65 34.13 41.43
C ASP E 15 26.91 33.53 42.06
N TRP E 16 28.01 34.27 41.96
CA TRP E 16 29.31 33.75 42.36
C TRP E 16 29.92 34.54 43.52
N GLY E 17 30.52 33.83 44.48
CA GLY E 17 31.38 34.47 45.47
C GLY E 17 30.55 35.06 46.59
N SER E 18 31.22 35.81 47.45
CA SER E 18 30.58 36.43 48.60
CA SER E 18 30.61 36.42 48.64
C SER E 18 31.13 37.84 48.77
N GLY E 19 30.37 38.68 49.50
CA GLY E 19 30.77 40.07 49.67
C GLY E 19 29.73 41.02 49.10
N LYS E 20 30.11 42.27 48.98
CA LYS E 20 29.20 43.25 48.40
C LYS E 20 28.86 42.86 46.95
N PRO E 21 27.57 42.99 46.58
CA PRO E 21 27.16 42.44 45.30
C PRO E 21 27.33 43.39 44.12
N VAL E 22 27.71 42.81 42.97
CA VAL E 22 27.88 43.54 41.73
C VAL E 22 26.99 42.78 40.72
N LEU E 23 25.98 43.45 40.13
CA LEU E 23 25.01 42.80 39.25
C LEU E 23 25.20 43.33 37.85
N PHE E 24 25.37 42.39 36.91
CA PHE E 24 25.76 42.71 35.54
C PHE E 24 24.58 42.49 34.58
N SER E 25 24.34 43.45 33.68
CA SER E 25 23.31 43.37 32.66
C SER E 25 23.96 43.40 31.24
N HIS E 26 23.83 42.30 30.50
CA HIS E 26 24.56 42.19 29.24
C HIS E 26 23.96 43.01 28.09
N GLY E 27 24.69 43.09 26.96
CA GLY E 27 24.26 43.83 25.79
C GLY E 27 23.38 42.99 24.86
N TRP E 28 23.19 43.46 23.64
N TRP E 28 23.20 43.46 23.65
CA TRP E 28 22.28 42.84 22.71
CA TRP E 28 22.17 42.93 22.81
C TRP E 28 22.85 41.56 22.08
C TRP E 28 22.24 41.41 22.51
N ILE E 29 22.07 40.51 22.01
N ILE E 29 22.97 40.95 21.55
CA ILE E 29 22.49 39.23 21.43
CA ILE E 29 22.78 39.54 21.28
C ILE E 29 23.74 38.64 22.07
C ILE E 29 23.83 38.70 22.03
N LEU E 30 23.91 38.88 23.33
CA LEU E 30 24.95 38.29 24.14
C LEU E 30 24.21 37.56 25.23
N ASP E 31 24.89 37.17 26.31
CA ASP E 31 24.21 36.65 27.47
C ASP E 31 25.12 36.85 28.69
N ALA E 32 24.80 36.25 29.84
CA ALA E 32 25.62 36.43 31.05
C ALA E 32 27.10 36.02 30.83
N ASP E 33 27.40 35.16 29.86
CA ASP E 33 28.81 34.79 29.63
C ASP E 33 29.72 35.93 29.20
N MET E 34 29.17 37.01 28.67
CA MET E 34 30.04 38.14 28.30
C MET E 34 30.77 38.73 29.52
N TRP E 35 30.28 38.44 30.72
CA TRP E 35 30.86 39.01 31.95
C TRP E 35 31.82 38.08 32.68
N GLU E 36 32.05 36.89 32.13
CA GLU E 36 32.77 35.83 32.89
C GLU E 36 34.13 36.32 33.44
N TYR E 37 34.87 37.08 32.67
CA TYR E 37 36.21 37.53 33.09
C TYR E 37 36.10 38.59 34.16
N GLN E 38 35.08 39.47 34.06
CA GLN E 38 34.88 40.49 35.12
C GLN E 38 34.41 39.86 36.40
N MET E 39 33.56 38.83 36.26
CA MET E 39 33.06 38.11 37.41
C MET E 39 34.15 37.34 38.14
N GLU E 40 35.01 36.67 37.37
CA GLU E 40 36.09 35.93 37.96
C GLU E 40 37.04 36.89 38.66
N TYR E 41 37.36 38.01 38.00
CA TYR E 41 38.31 39.01 38.52
C TYR E 41 37.84 39.58 39.84
N LEU E 42 36.56 39.96 39.88
CA LEU E 42 35.99 40.58 41.07
C LEU E 42 35.65 39.59 42.18
N SER E 43 35.12 38.43 41.84
CA SER E 43 34.81 37.47 42.87
C SER E 43 36.06 36.83 43.50
N SER E 44 37.21 36.86 42.80
CA SER E 44 38.48 36.39 43.36
CA SER E 44 38.43 36.35 43.42
C SER E 44 39.06 37.43 44.33
N ARG E 45 38.48 38.62 44.35
CA ARG E 45 38.97 39.74 45.14
C ARG E 45 37.90 40.23 46.12
N GLY E 46 37.04 39.32 46.56
CA GLY E 46 36.13 39.55 47.70
C GLY E 46 34.77 40.18 47.41
N TYR E 47 34.32 40.10 46.15
CA TYR E 47 32.97 40.59 45.79
C TYR E 47 32.07 39.44 45.38
N ARG E 48 30.77 39.65 45.55
CA ARG E 48 29.78 38.72 45.03
C ARG E 48 29.36 39.25 43.67
N THR E 49 29.41 38.40 42.63
CA THR E 49 29.04 38.82 41.26
C THR E 49 27.83 38.04 40.74
N ILE E 50 26.91 38.76 40.12
CA ILE E 50 25.65 38.17 39.68
C ILE E 50 25.44 38.65 38.25
N ALA E 51 25.11 37.71 37.34
CA ALA E 51 24.83 38.09 35.95
C ALA E 51 23.72 37.19 35.44
N PHE E 52 22.71 37.78 34.82
CA PHE E 52 21.54 37.04 34.32
C PHE E 52 21.52 37.04 32.78
N ASP E 53 20.82 36.07 32.18
CA ASP E 53 20.53 36.08 30.76
C ASP E 53 19.20 36.80 30.64
N ARG E 54 19.18 37.95 29.97
CA ARG E 54 17.90 38.67 29.69
C ARG E 54 16.88 37.72 29.06
N ARG E 55 15.59 37.95 29.37
CA ARG E 55 14.50 37.17 28.78
C ARG E 55 14.69 37.18 27.25
N GLY E 56 14.51 36.00 26.64
CA GLY E 56 14.71 35.85 25.21
C GLY E 56 16.15 35.58 24.78
N PHE E 57 17.09 35.53 25.72
CA PHE E 57 18.53 35.37 25.42
C PHE E 57 19.18 34.25 26.21
N GLY E 58 20.27 33.71 25.67
CA GLY E 58 21.04 32.72 26.42
C GLY E 58 20.19 31.54 26.84
N ARG E 59 20.24 31.23 28.14
CA ARG E 59 19.60 30.06 28.74
C ARG E 59 18.22 30.38 29.34
N SER E 60 17.78 31.63 29.20
CA SER E 60 16.46 32.02 29.69
C SER E 60 15.34 31.60 28.72
N ASP E 61 14.10 31.57 29.23
CA ASP E 61 12.89 31.40 28.41
C ASP E 61 12.80 32.50 27.36
N GLN E 62 12.00 32.24 26.32
CA GLN E 62 11.80 33.14 25.18
C GLN E 62 10.33 33.56 25.07
N PRO E 63 9.89 34.52 25.92
CA PRO E 63 8.47 34.94 25.87
C PRO E 63 8.18 35.78 24.62
N TRP E 64 6.99 35.61 24.05
CA TRP E 64 6.49 36.48 22.99
C TRP E 64 6.29 37.92 23.48
N THR E 65 5.83 38.08 24.73
CA THR E 65 5.52 39.41 25.28
C THR E 65 6.54 39.88 26.33
N GLY E 66 6.53 41.20 26.63
CA GLY E 66 7.36 41.76 27.67
C GLY E 66 8.79 42.03 27.22
N ASN E 67 9.03 42.04 25.90
CA ASN E 67 10.35 42.41 25.38
C ASN E 67 10.52 43.94 25.28
N ASP E 68 10.55 44.59 26.44
CA ASP E 68 10.58 46.05 26.52
C ASP E 68 11.27 46.47 27.83
N TYR E 69 11.75 47.71 27.90
CA TYR E 69 12.56 48.15 29.05
C TYR E 69 11.88 48.18 30.43
N ASP E 70 10.59 48.50 30.47
CA ASP E 70 9.88 48.46 31.75
C ASP E 70 9.91 47.04 32.30
N THR E 71 9.62 46.05 31.45
CA THR E 71 9.69 44.65 31.89
C THR E 71 11.13 44.23 32.22
N PHE E 72 12.10 44.60 31.37
CA PHE E 72 13.51 44.28 31.65
C PHE E 72 13.91 44.81 33.05
N ALA E 73 13.47 46.03 33.35
CA ALA E 73 13.81 46.66 34.64
C ALA E 73 13.15 45.95 35.78
N ASP E 74 11.91 45.53 35.57
CA ASP E 74 11.18 44.76 36.58
C ASP E 74 11.79 43.36 36.76
N ASP E 75 12.29 42.75 35.68
CA ASP E 75 13.01 41.45 35.83
C ASP E 75 14.21 41.63 36.76
N ILE E 76 14.94 42.72 36.60
CA ILE E 76 16.11 43.01 37.45
C ILE E 76 15.66 43.23 38.92
N ALA E 77 14.55 43.95 39.09
CA ALA E 77 13.95 44.14 40.43
C ALA E 77 13.66 42.80 41.06
N GLN E 78 13.07 41.88 40.29
CA GLN E 78 12.78 40.54 40.83
C GLN E 78 14.01 39.73 41.18
N LEU E 79 15.07 39.84 40.40
CA LEU E 79 16.29 39.12 40.70
C LEU E 79 16.87 39.64 42.03
N ILE E 80 16.95 40.96 42.15
CA ILE E 80 17.43 41.64 43.36
C ILE E 80 16.60 41.20 44.60
N GLU E 81 15.28 41.16 44.44
CA GLU E 81 14.38 40.70 45.51
C GLU E 81 14.50 39.21 45.81
N HIS E 82 14.63 38.39 44.75
CA HIS E 82 14.89 36.96 44.88
C HIS E 82 16.11 36.68 45.74
N LEU E 83 17.16 37.47 45.57
CA LEU E 83 18.40 37.20 46.30
C LEU E 83 18.53 38.11 47.52
N ASP E 84 17.49 38.91 47.75
CA ASP E 84 17.49 39.92 48.82
C ASP E 84 18.77 40.74 48.84
N LEU E 85 19.15 41.29 47.69
CA LEU E 85 20.42 42.03 47.59
C LEU E 85 20.27 43.44 48.13
N LYS E 86 21.36 43.95 48.69
CA LYS E 86 21.48 45.28 49.28
C LYS E 86 22.86 45.80 48.93
N GLU E 87 22.97 47.13 48.82
CA GLU E 87 24.18 47.84 48.39
CA GLU E 87 24.25 47.76 48.45
C GLU E 87 24.79 47.25 47.11
N VAL E 88 23.90 47.06 46.13
CA VAL E 88 24.32 46.49 44.85
CA VAL E 88 24.24 46.51 44.80
C VAL E 88 24.90 47.56 43.93
N THR E 89 26.04 47.23 43.34
CA THR E 89 26.59 48.04 42.28
C THR E 89 26.09 47.42 40.94
N LEU E 90 25.29 48.20 40.21
CA LEU E 90 24.68 47.76 38.94
C LEU E 90 25.61 48.11 37.78
N VAL E 91 25.88 47.14 36.89
CA VAL E 91 26.79 47.36 35.77
C VAL E 91 26.05 46.93 34.47
N GLY E 92 25.83 47.88 33.57
CA GLY E 92 25.10 47.59 32.30
C GLY E 92 25.96 47.89 31.10
N PHE E 93 26.00 46.96 30.15
CA PHE E 93 26.75 47.15 28.90
C PHE E 93 25.78 47.36 27.75
N SER E 94 26.04 48.36 26.91
CA SER E 94 25.27 48.56 25.67
C SER E 94 23.76 48.73 26.00
N MET E 95 22.86 47.94 25.39
CA MET E 95 21.42 48.07 25.67
C MET E 95 21.10 47.75 27.15
N GLY E 96 22.01 47.01 27.80
CA GLY E 96 21.86 46.66 29.22
C GLY E 96 22.10 47.87 30.15
N GLY E 97 22.68 48.94 29.63
CA GLY E 97 22.73 50.20 30.42
C GLY E 97 21.31 50.69 30.63
N GLY E 98 20.45 50.47 29.63
CA GLY E 98 19.05 50.94 29.72
C GLY E 98 18.23 50.25 30.80
N ASP E 99 18.37 48.92 30.96
CA ASP E 99 17.56 48.29 31.99
C ASP E 99 18.03 48.55 33.41
N VAL E 100 19.33 48.72 33.64
CA VAL E 100 19.75 49.09 35.02
C VAL E 100 19.28 50.54 35.38
N ALA E 101 19.40 51.47 34.43
CA ALA E 101 18.88 52.85 34.59
C ALA E 101 17.38 52.84 34.84
N ARG E 102 16.63 52.11 34.01
CA ARG E 102 15.18 52.01 34.15
C ARG E 102 14.76 51.30 35.42
N TYR E 103 15.57 50.36 35.91
CA TYR E 103 15.31 49.77 37.19
C TYR E 103 15.33 50.83 38.30
N ILE E 104 16.36 51.68 38.30
CA ILE E 104 16.46 52.79 39.30
C ILE E 104 15.28 53.74 39.14
N ALA E 105 14.99 54.13 37.89
CA ALA E 105 13.83 54.97 37.61
C ALA E 105 12.53 54.41 38.17
N ARG E 106 12.32 53.10 38.05
CA ARG E 106 11.05 52.52 38.48
C ARG E 106 11.01 52.10 39.94
N HIS E 107 12.15 51.75 40.52
CA HIS E 107 12.13 51.09 41.84
C HIS E 107 12.87 51.87 42.91
N GLY E 108 13.50 52.96 42.51
CA GLY E 108 14.36 53.74 43.37
C GLY E 108 15.72 53.08 43.62
N SER E 109 16.50 53.74 44.47
CA SER E 109 17.87 53.33 44.70
C SER E 109 18.14 52.82 46.11
N ALA E 110 17.10 52.40 46.84
CA ALA E 110 17.28 51.91 48.24
C ALA E 110 18.30 50.75 48.31
N ARG E 111 18.30 49.89 47.30
CA ARG E 111 19.17 48.70 47.30
C ARG E 111 20.49 48.90 46.57
N VAL E 112 20.71 50.10 46.05
CA VAL E 112 21.78 50.34 45.08
C VAL E 112 22.90 51.19 45.67
N ALA E 113 24.15 50.73 45.55
CA ALA E 113 25.32 51.50 46.00
C ALA E 113 25.98 52.32 44.91
N GLY E 114 25.78 51.93 43.65
CA GLY E 114 26.56 52.56 42.58
C GLY E 114 26.09 52.08 41.22
N LEU E 115 26.45 52.81 40.17
CA LEU E 115 25.97 52.49 38.83
C LEU E 115 27.11 52.63 37.86
N VAL E 116 27.27 51.65 36.96
CA VAL E 116 28.30 51.73 35.93
C VAL E 116 27.64 51.51 34.56
N LEU E 117 27.90 52.43 33.62
CA LEU E 117 27.29 52.38 32.29
C LEU E 117 28.39 52.19 31.25
N LEU E 118 28.44 51.04 30.60
CA LEU E 118 29.55 50.67 29.70
C LEU E 118 29.07 50.66 28.24
N GLY E 119 29.62 51.56 27.43
CA GLY E 119 29.20 51.70 26.02
C GLY E 119 27.68 51.67 25.87
N ALA E 120 27.01 52.34 26.80
CA ALA E 120 25.57 52.22 26.96
C ALA E 120 24.74 53.09 26.04
N VAL E 121 23.52 52.63 25.77
CA VAL E 121 22.54 53.34 24.92
C VAL E 121 21.96 54.60 25.62
N THR E 122 22.17 54.69 26.93
CA THR E 122 21.74 55.85 27.73
C THR E 122 22.43 57.14 27.25
N PRO E 123 21.73 58.29 27.31
CA PRO E 123 20.39 58.45 27.86
C PRO E 123 19.28 58.28 26.80
N LEU E 124 19.68 58.26 25.54
CA LEU E 124 18.76 58.09 24.40
C LEU E 124 19.61 57.71 23.18
N PHE E 125 19.17 56.71 22.43
CA PHE E 125 19.93 56.18 21.28
C PHE E 125 19.35 56.72 19.94
N GLY E 126 18.08 56.46 19.70
CA GLY E 126 17.45 56.86 18.44
C GLY E 126 16.98 58.30 18.45
N GLN E 127 16.66 58.82 17.26
CA GLN E 127 16.11 60.19 17.10
C GLN E 127 14.76 60.41 17.79
N LYS E 128 14.56 61.64 18.29
CA LYS E 128 13.27 62.10 18.84
C LYS E 128 13.10 63.51 18.30
N PRO E 129 11.88 64.11 18.40
CA PRO E 129 11.74 65.49 17.89
C PRO E 129 12.79 66.47 18.46
N ASP E 130 13.07 66.41 19.77
CA ASP E 130 14.12 67.25 20.40
C ASP E 130 15.51 66.60 20.42
N TYR E 131 15.70 65.54 19.63
CA TYR E 131 17.01 64.85 19.57
C TYR E 131 17.31 64.34 18.17
N PRO E 132 17.30 65.26 17.15
CA PRO E 132 17.62 64.89 15.79
C PRO E 132 19.05 64.35 15.68
N GLN E 133 19.89 64.59 16.70
CA GLN E 133 21.25 64.05 16.67
C GLN E 133 21.33 62.53 16.95
N GLY E 134 20.23 61.93 17.43
CA GLY E 134 20.19 60.48 17.69
C GLY E 134 20.19 59.67 16.39
N VAL E 135 20.25 58.34 16.47
CA VAL E 135 20.28 57.54 15.23
C VAL E 135 18.89 57.52 14.58
N PRO E 136 18.80 57.84 13.29
CA PRO E 136 17.48 57.82 12.63
C PRO E 136 16.81 56.43 12.75
N LEU E 137 15.49 56.41 12.92
CA LEU E 137 14.77 55.17 13.06
C LEU E 137 14.82 54.23 11.83
N ASP E 138 15.02 54.77 10.62
CA ASP E 138 15.13 53.96 9.40
CA ASP E 138 15.11 53.93 9.43
C ASP E 138 16.37 53.07 9.44
N VAL E 139 17.39 53.50 10.15
CA VAL E 139 18.59 52.68 10.37
C VAL E 139 18.20 51.39 11.13
N PHE E 140 17.46 51.54 12.21
CA PHE E 140 17.02 50.40 12.99
C PHE E 140 15.94 49.57 12.25
N ALA E 141 15.06 50.24 11.49
CA ALA E 141 14.08 49.55 10.66
C ALA E 141 14.78 48.59 9.70
N ARG E 142 15.91 49.02 9.16
CA ARG E 142 16.65 48.24 8.23
CA ARG E 142 16.67 48.25 8.22
C ARG E 142 17.29 47.03 8.88
N PHE E 143 17.85 47.21 10.06
CA PHE E 143 18.43 46.09 10.81
C PHE E 143 17.33 45.05 11.08
N LYS E 144 16.15 45.51 11.44
CA LYS E 144 15.06 44.58 11.71
C LYS E 144 14.66 43.78 10.47
N THR E 145 14.64 44.44 9.33
CA THR E 145 14.32 43.75 8.06
C THR E 145 15.34 42.67 7.77
N GLU E 146 16.61 42.99 7.97
CA GLU E 146 17.70 42.03 7.75
C GLU E 146 17.64 40.86 8.71
N LEU E 147 17.36 41.16 9.99
CA LEU E 147 17.22 40.12 11.02
C LEU E 147 16.03 39.20 10.70
N LEU E 148 14.97 39.76 10.12
CA LEU E 148 13.81 38.96 9.81
C LEU E 148 13.99 38.18 8.49
N LYS E 149 15.12 38.38 7.84
CA LYS E 149 15.47 37.58 6.67
C LYS E 149 16.49 36.52 7.06
N ASP E 150 17.57 36.95 7.74
CA ASP E 150 18.62 35.99 8.13
C ASP E 150 19.37 36.51 9.36
N ARG E 151 18.90 36.18 10.56
CA ARG E 151 19.56 36.70 11.74
C ARG E 151 20.93 36.11 11.97
N ALA E 152 21.13 34.84 11.59
CA ALA E 152 22.41 34.19 11.79
C ALA E 152 23.53 34.91 11.01
N GLN E 153 23.24 35.30 9.77
CA GLN E 153 24.28 35.99 8.97
C GLN E 153 24.40 37.43 9.42
N PHE E 154 23.29 38.05 9.84
CA PHE E 154 23.38 39.39 10.39
C PHE E 154 24.38 39.42 11.57
N ILE E 155 24.20 38.50 12.51
CA ILE E 155 25.10 38.41 13.67
C ILE E 155 26.55 38.16 13.25
N SER E 156 26.76 37.22 12.34
CA SER E 156 28.13 36.92 11.89
CA SER E 156 28.12 36.92 11.88
C SER E 156 28.78 38.19 11.36
N ASP E 157 28.07 38.92 10.50
CA ASP E 157 28.54 40.18 9.91
C ASP E 157 28.72 41.30 10.94
N PHE E 158 27.89 41.30 11.98
CA PHE E 158 27.92 42.31 13.04
C PHE E 158 29.22 42.22 13.87
N ASN E 159 29.86 41.03 13.90
CA ASN E 159 31.10 40.84 14.68
C ASN E 159 32.14 41.92 14.34
N ALA E 160 32.34 42.18 13.05
CA ALA E 160 33.43 43.09 12.64
C ALA E 160 33.27 44.52 13.21
N PRO E 161 32.11 45.21 12.96
CA PRO E 161 31.96 46.56 13.53
C PRO E 161 31.77 46.54 15.05
N PHE E 162 31.22 45.46 15.60
CA PHE E 162 31.06 45.34 17.06
C PHE E 162 32.41 45.42 17.78
N TYR E 163 33.38 44.61 17.31
CA TYR E 163 34.71 44.51 17.90
C TYR E 163 35.73 45.49 17.29
N GLY E 164 35.35 46.22 16.24
CA GLY E 164 36.27 47.15 15.60
C GLY E 164 37.31 46.43 14.75
N ILE E 165 37.00 45.17 14.37
CA ILE E 165 37.88 44.37 13.50
CA ILE E 165 37.87 44.36 13.50
C ILE E 165 38.12 45.05 12.16
N ASN E 166 37.10 45.72 11.63
CA ASN E 166 37.20 46.47 10.38
C ASN E 166 38.05 47.77 10.51
N LYS E 167 38.43 48.13 11.74
CA LYS E 167 39.33 49.26 12.02
C LYS E 167 40.57 48.80 12.77
N GLY E 168 41.12 47.65 12.39
CA GLY E 168 42.33 47.12 13.02
C GLY E 168 42.37 46.75 14.52
N GLN E 169 41.22 46.50 15.16
CA GLN E 169 41.27 45.80 16.45
C GLN E 169 41.51 44.33 16.12
N VAL E 170 42.12 43.59 17.03
CA VAL E 170 42.36 42.17 16.78
C VAL E 170 41.64 41.36 17.84
N VAL E 171 40.80 40.46 17.34
CA VAL E 171 39.97 39.60 18.18
C VAL E 171 40.04 38.20 17.58
N SER E 172 40.29 37.21 18.43
CA SER E 172 40.50 35.84 17.96
C SER E 172 39.27 35.25 17.29
N GLN E 173 39.50 34.22 16.46
CA GLN E 173 38.39 33.48 15.86
CA GLN E 173 38.38 33.50 15.87
C GLN E 173 37.55 32.84 16.96
N GLY E 174 38.21 32.40 18.04
CA GLY E 174 37.51 31.77 19.17
C GLY E 174 36.45 32.68 19.76
N VAL E 175 36.83 33.94 20.08
CA VAL E 175 35.86 34.90 20.60
C VAL E 175 34.73 35.14 19.58
N GLN E 176 35.08 35.28 18.29
CA GLN E 176 34.02 35.48 17.28
C GLN E 176 33.06 34.31 17.16
N THR E 177 33.60 33.10 17.21
CA THR E 177 32.78 31.88 17.24
C THR E 177 31.90 31.83 18.47
N GLN E 178 32.45 32.14 19.64
CA GLN E 178 31.67 32.10 20.88
C GLN E 178 30.54 33.14 20.86
N THR E 179 30.85 34.33 20.32
CA THR E 179 29.87 35.42 20.19
C THR E 179 28.69 34.94 19.33
N LEU E 180 28.98 34.26 18.21
CA LEU E 180 27.88 33.83 17.34
C LEU E 180 27.10 32.71 17.99
N GLN E 181 27.81 31.79 18.64
CA GLN E 181 27.14 30.64 19.32
C GLN E 181 26.12 31.11 20.36
N ILE E 182 26.52 32.06 21.17
CA ILE E 182 25.65 32.58 22.23
C ILE E 182 24.50 33.35 21.60
N ALA E 183 24.79 34.19 20.62
CA ALA E 183 23.73 34.95 19.92
C ALA E 183 22.62 34.07 19.35
N LEU E 184 23.00 32.89 18.86
CA LEU E 184 22.04 31.97 18.25
C LEU E 184 21.20 31.24 19.26
N LEU E 185 21.61 31.23 20.54
CA LEU E 185 20.72 30.71 21.60
C LEU E 185 19.46 31.55 21.73
N ALA E 186 19.57 32.84 21.39
CA ALA E 186 18.47 33.79 21.63
C ALA E 186 17.29 33.56 20.69
N SER E 187 16.14 34.04 21.13
CA SER E 187 14.93 34.14 20.33
C SER E 187 15.04 35.13 19.19
N LEU E 188 14.51 34.77 18.03
CA LEU E 188 14.42 35.71 16.92
C LEU E 188 13.51 36.88 17.32
N LYS E 189 12.38 36.56 17.95
CA LYS E 189 11.44 37.59 18.42
C LYS E 189 12.13 38.56 19.40
N ALA E 190 12.84 38.04 20.40
CA ALA E 190 13.47 38.91 21.37
C ALA E 190 14.55 39.75 20.72
N THR E 191 15.29 39.15 19.78
CA THR E 191 16.39 39.86 19.12
C THR E 191 15.83 41.10 18.37
N VAL E 192 14.73 40.91 17.66
CA VAL E 192 14.11 41.98 16.87
C VAL E 192 13.41 42.98 17.80
N ASP E 193 12.67 42.50 18.79
CA ASP E 193 11.97 43.44 19.70
C ASP E 193 12.95 44.34 20.46
N CYS E 194 14.14 43.82 20.78
CA CYS E 194 15.11 44.63 21.50
C CYS E 194 15.59 45.80 20.67
N VAL E 195 15.71 45.62 19.35
CA VAL E 195 16.08 46.73 18.46
C VAL E 195 15.02 47.83 18.59
N THR E 196 13.74 47.46 18.55
CA THR E 196 12.65 48.45 18.75
C THR E 196 12.86 49.16 20.10
N ALA E 197 13.13 48.37 21.13
CA ALA E 197 13.24 48.87 22.49
C ALA E 197 14.38 49.86 22.60
N PHE E 198 15.58 49.48 22.17
CA PHE E 198 16.68 50.43 22.30
C PHE E 198 16.67 51.58 21.29
N ALA E 199 15.97 51.40 20.18
CA ALA E 199 15.80 52.47 19.19
C ALA E 199 14.92 53.62 19.70
N GLU E 200 13.92 53.27 20.52
CA GLU E 200 12.78 54.15 20.79
C GLU E 200 12.61 54.60 22.26
N THR E 201 13.29 53.91 23.18
CA THR E 201 13.09 54.19 24.59
C THR E 201 13.97 55.39 25.01
N ASP E 202 13.35 56.33 25.71
CA ASP E 202 14.03 57.56 26.16
C ASP E 202 14.36 57.47 27.64
N PHE E 203 15.65 57.43 27.99
CA PHE E 203 16.08 57.33 29.39
C PHE E 203 16.51 58.69 29.94
N ARG E 204 16.16 59.76 29.25
CA ARG E 204 16.48 61.09 29.80
C ARG E 204 15.83 61.34 31.16
N PRO E 205 14.52 61.02 31.34
CA PRO E 205 13.95 61.16 32.69
C PRO E 205 14.65 60.28 33.75
N ASP E 206 15.06 59.07 33.36
CA ASP E 206 15.81 58.18 34.25
C ASP E 206 17.07 58.81 34.81
N MET E 207 17.79 59.58 34.00
CA MET E 207 19.07 60.17 34.41
C MET E 207 18.90 61.05 35.67
N ALA E 208 17.79 61.79 35.70
CA ALA E 208 17.48 62.69 36.81
C ALA E 208 17.12 61.91 38.09
N LYS E 209 16.75 60.63 37.97
CA LYS E 209 16.46 59.81 39.14
C LYS E 209 17.71 59.12 39.72
N ILE E 210 18.83 59.19 39.01
CA ILE E 210 20.03 58.46 39.43
C ILE E 210 20.80 59.27 40.50
N ASP E 211 20.67 58.82 41.74
CA ASP E 211 21.22 59.56 42.89
C ASP E 211 22.30 58.78 43.63
N VAL E 212 23.08 58.01 42.87
CA VAL E 212 24.14 57.19 43.44
C VAL E 212 25.41 57.47 42.65
N PRO E 213 26.60 57.17 43.24
CA PRO E 213 27.83 57.35 42.46
C PRO E 213 27.78 56.54 41.15
N THR E 214 28.25 57.15 40.08
CA THR E 214 28.08 56.60 38.73
C THR E 214 29.34 56.79 37.93
N LEU E 215 29.77 55.71 37.28
CA LEU E 215 30.86 55.75 36.35
C LEU E 215 30.36 55.41 34.95
N VAL E 216 30.68 56.25 33.98
CA VAL E 216 30.34 56.00 32.59
C VAL E 216 31.66 55.73 31.89
N ILE E 217 31.76 54.59 31.18
CA ILE E 217 32.91 54.30 30.34
C ILE E 217 32.38 54.09 28.93
N HIS E 218 33.12 54.57 27.95
CA HIS E 218 32.70 54.42 26.57
C HIS E 218 33.95 54.51 25.71
N GLY E 219 34.00 53.74 24.62
CA GLY E 219 35.12 53.86 23.67
C GLY E 219 34.77 54.91 22.64
N ASP E 220 35.71 55.76 22.26
CA ASP E 220 35.31 56.77 21.29
C ASP E 220 35.55 56.31 19.86
N GLY E 221 35.89 55.03 19.69
CA GLY E 221 35.79 54.43 18.36
C GLY E 221 34.51 53.59 18.19
N ASP E 222 33.56 53.76 19.11
CA ASP E 222 32.38 52.87 19.15
C ASP E 222 31.52 53.04 17.89
N GLN E 223 31.49 52.03 17.03
CA GLN E 223 30.76 52.11 15.76
C GLN E 223 29.29 51.78 15.89
N ILE E 224 28.92 51.26 17.06
CA ILE E 224 27.54 50.80 17.24
C ILE E 224 26.71 51.82 18.01
N VAL E 225 27.20 52.24 19.16
CA VAL E 225 26.51 53.19 20.01
C VAL E 225 27.40 54.43 20.12
N PRO E 226 27.05 55.52 19.37
CA PRO E 226 27.96 56.69 19.22
C PRO E 226 28.21 57.38 20.56
N PHE E 227 29.48 57.48 20.93
CA PHE E 227 29.86 58.14 22.18
C PHE E 227 29.24 59.54 22.38
N GLU E 228 29.31 60.37 21.33
CA GLU E 228 28.92 61.80 21.44
C GLU E 228 27.49 62.02 21.89
N THR E 229 26.59 61.12 21.49
CA THR E 229 25.17 61.31 21.80
C THR E 229 24.62 60.38 22.87
N THR E 230 25.47 59.54 23.44
CA THR E 230 25.06 58.58 24.46
C THR E 230 25.91 58.81 25.72
N GLY E 231 27.04 58.09 25.82
CA GLY E 231 27.86 58.10 27.03
C GLY E 231 28.28 59.50 27.45
N LYS E 232 28.68 60.32 26.49
CA LYS E 232 29.05 61.70 26.77
C LYS E 232 27.93 62.47 27.47
N VAL E 233 26.71 62.31 26.96
CA VAL E 233 25.55 63.00 27.48
C VAL E 233 25.07 62.39 28.80
N ALA E 234 25.07 61.06 28.91
CA ALA E 234 24.71 60.40 30.18
C ALA E 234 25.57 60.92 31.34
N ALA E 235 26.87 61.09 31.10
CA ALA E 235 27.77 61.52 32.19
C ALA E 235 27.51 62.98 32.57
N GLU E 236 27.07 63.78 31.59
CA GLU E 236 26.69 65.19 31.83
C GLU E 236 25.38 65.31 32.61
N LEU E 237 24.43 64.41 32.32
CA LEU E 237 23.10 64.49 32.87
C LEU E 237 22.95 63.84 34.24
N ILE E 238 23.86 62.94 34.60
CA ILE E 238 23.74 62.27 35.88
C ILE E 238 24.57 63.05 36.89
N LYS E 239 23.93 63.51 37.97
CA LYS E 239 24.62 64.34 38.96
C LYS E 239 25.79 63.59 39.57
N GLY E 240 26.98 64.15 39.41
CA GLY E 240 28.20 63.65 40.03
C GLY E 240 28.89 62.51 39.29
N ALA E 241 28.34 62.07 38.15
CA ALA E 241 28.93 60.97 37.36
C ALA E 241 30.38 61.26 36.93
N GLU E 242 31.24 60.23 37.00
CA GLU E 242 32.57 60.28 36.42
CA GLU E 242 32.59 60.23 36.46
C GLU E 242 32.52 59.70 35.01
N LEU E 243 33.29 60.27 34.10
CA LEU E 243 33.39 59.74 32.73
C LEU E 243 34.81 59.22 32.46
N LYS E 244 34.93 58.01 31.89
CA LYS E 244 36.21 57.57 31.30
C LYS E 244 36.04 57.21 29.84
N VAL E 245 36.89 57.75 28.99
CA VAL E 245 36.83 57.47 27.58
C VAL E 245 38.03 56.61 27.25
N TYR E 246 37.78 55.39 26.77
CA TYR E 246 38.86 54.52 26.33
C TYR E 246 39.20 54.90 24.88
N LYS E 247 40.43 55.36 24.63
CA LYS E 247 40.76 55.96 23.32
C LYS E 247 40.68 54.95 22.17
N ASP E 248 39.88 55.29 21.15
CA ASP E 248 39.69 54.47 19.97
C ASP E 248 39.07 53.10 20.24
N ALA E 249 38.64 52.85 21.48
CA ALA E 249 38.05 51.55 21.82
C ALA E 249 36.75 51.31 21.05
N PRO E 250 36.46 50.04 20.71
CA PRO E 250 35.26 49.77 19.95
C PRO E 250 34.06 49.60 20.86
N HIS E 251 32.94 49.18 20.29
CA HIS E 251 31.82 48.81 21.10
C HIS E 251 32.13 47.64 22.03
N GLY E 252 32.72 46.58 21.48
CA GLY E 252 32.96 45.35 22.24
C GLY E 252 34.20 45.42 23.13
N PHE E 253 34.34 46.52 23.89
CA PHE E 253 35.55 46.77 24.69
C PHE E 253 35.74 45.92 25.95
N ALA E 254 34.68 45.29 26.45
CA ALA E 254 34.86 44.30 27.53
C ALA E 254 35.79 43.16 27.08
N VAL E 255 35.88 42.95 25.76
CA VAL E 255 36.81 41.98 25.18
C VAL E 255 38.14 42.67 24.92
N THR E 256 38.14 43.74 24.12
CA THR E 256 39.38 44.33 23.63
C THR E 256 40.17 45.04 24.74
N HIS E 257 39.47 45.50 25.79
CA HIS E 257 40.08 46.26 26.89
C HIS E 257 39.72 45.62 28.22
N ALA E 258 39.71 44.29 28.24
CA ALA E 258 39.32 43.50 29.40
C ALA E 258 40.04 43.93 30.68
N GLN E 259 41.37 43.99 30.62
CA GLN E 259 42.16 44.25 31.84
C GLN E 259 41.93 45.67 32.37
N GLN E 260 41.93 46.66 31.47
CA GLN E 260 41.63 48.05 31.80
CA GLN E 260 41.67 48.03 31.91
C GLN E 260 40.27 48.15 32.51
N LEU E 261 39.27 47.49 31.89
CA LEU E 261 37.93 47.50 32.46
C LEU E 261 37.92 46.86 33.85
N ASN E 262 38.57 45.71 34.01
CA ASN E 262 38.61 45.05 35.32
C ASN E 262 39.19 45.98 36.40
N GLU E 263 40.28 46.65 36.07
CA GLU E 263 40.92 47.57 37.02
C GLU E 263 40.04 48.78 37.34
N ASP E 264 39.36 49.31 36.33
CA ASP E 264 38.44 50.45 36.56
C ASP E 264 37.26 50.06 37.42
N LEU E 265 36.69 48.87 37.17
CA LEU E 265 35.63 48.37 38.01
C LEU E 265 36.09 48.22 39.46
N LEU E 266 37.24 47.60 39.68
CA LEU E 266 37.69 47.38 41.06
C LEU E 266 37.94 48.74 41.78
N ALA E 267 38.53 49.69 41.06
CA ALA E 267 38.83 51.03 41.60
C ALA E 267 37.54 51.75 41.98
N PHE E 268 36.52 51.62 41.13
CA PHE E 268 35.23 52.26 41.40
C PHE E 268 34.62 51.66 42.65
N LEU E 269 34.69 50.33 42.77
CA LEU E 269 34.09 49.67 43.94
C LEU E 269 34.81 50.08 45.23
N LYS E 270 36.10 50.30 45.12
CA LYS E 270 36.93 50.62 46.27
C LYS E 270 36.87 52.11 46.63
N ARG E 271 36.39 52.97 45.71
CA ARG E 271 36.37 54.46 45.86
C ARG E 271 36.04 54.89 47.30
N SER F 1 18.33 14.21 32.41
CA SER F 1 17.93 14.12 33.84
C SER F 1 18.81 15.03 34.68
N THR F 2 18.36 15.29 35.91
CA THR F 2 19.13 16.11 36.85
C THR F 2 19.03 15.57 38.27
N PHE F 3 20.06 15.84 39.06
CA PHE F 3 19.94 15.69 40.53
C PHE F 3 20.61 16.91 41.15
N VAL F 4 20.34 17.14 42.43
CA VAL F 4 20.88 18.32 43.12
C VAL F 4 21.92 17.80 44.11
N ALA F 5 23.13 18.33 44.03
CA ALA F 5 24.16 17.99 45.00
C ALA F 5 23.86 18.65 46.36
N LYS F 6 24.55 18.19 47.40
CA LYS F 6 24.37 18.73 48.75
C LYS F 6 24.39 20.26 48.81
N ASP F 7 25.35 20.89 48.11
CA ASP F 7 25.45 22.35 48.17
C ASP F 7 24.43 23.10 47.31
N GLY F 8 23.48 22.37 46.72
CA GLY F 8 22.48 23.02 45.87
C GLY F 8 22.78 23.05 44.37
N THR F 9 23.93 22.49 43.96
CA THR F 9 24.32 22.46 42.54
C THR F 9 23.51 21.42 41.74
N GLN F 10 22.81 21.90 40.71
CA GLN F 10 22.09 20.98 39.83
C GLN F 10 23.03 20.38 38.78
N ILE F 11 23.05 19.04 38.73
CA ILE F 11 23.94 18.28 37.84
C ILE F 11 23.10 17.57 36.79
N TYR F 12 23.44 17.78 35.53
CA TYR F 12 22.81 17.07 34.40
C TYR F 12 23.42 15.69 34.19
N PHE F 13 22.57 14.68 33.93
CA PHE F 13 23.08 13.38 33.55
C PHE F 13 22.17 12.68 32.55
N LYS F 14 22.71 11.64 31.90
CA LYS F 14 21.94 10.77 31.01
C LYS F 14 22.04 9.38 31.60
N ASP F 15 20.94 8.66 31.55
CA ASP F 15 20.85 7.34 32.11
C ASP F 15 20.12 6.52 31.04
N TRP F 16 20.86 5.66 30.34
CA TRP F 16 20.34 4.95 29.19
C TRP F 16 20.33 3.44 29.39
N GLY F 17 19.25 2.80 28.98
CA GLY F 17 19.24 1.35 28.90
C GLY F 17 19.02 0.64 30.22
N SER F 18 19.34 -0.65 30.19
CA SER F 18 19.02 -1.62 31.23
C SER F 18 20.14 -2.59 31.40
N GLY F 19 20.33 -3.07 32.63
CA GLY F 19 21.37 -4.05 32.93
C GLY F 19 22.37 -3.54 33.95
N LYS F 20 23.54 -4.19 34.02
CA LYS F 20 24.63 -3.76 34.90
C LYS F 20 25.03 -2.33 34.51
N PRO F 21 25.19 -1.43 35.51
CA PRO F 21 25.49 -0.02 35.27
C PRO F 21 26.96 0.25 35.00
N VAL F 22 27.19 1.14 34.04
CA VAL F 22 28.50 1.61 33.70
C VAL F 22 28.39 3.14 33.79
N LEU F 23 29.19 3.75 34.67
CA LEU F 23 29.08 5.17 34.96
C LEU F 23 30.34 5.88 34.48
N PHE F 24 30.14 6.84 33.59
CA PHE F 24 31.23 7.54 32.88
C PHE F 24 31.50 8.95 33.42
N SER F 25 32.79 9.28 33.56
CA SER F 25 33.23 10.58 34.07
C SER F 25 34.16 11.22 33.03
N HIS F 26 33.68 12.31 32.42
CA HIS F 26 34.36 12.95 31.29
C HIS F 26 35.65 13.70 31.67
N GLY F 27 36.38 14.12 30.64
CA GLY F 27 37.62 14.84 30.81
C GLY F 27 37.36 16.34 30.96
N TRP F 28 38.41 17.13 30.78
N TRP F 28 38.43 17.13 30.81
CA TRP F 28 38.39 18.54 31.18
CA TRP F 28 38.37 18.56 31.04
C TRP F 28 37.35 19.45 30.49
C TRP F 28 37.76 19.30 29.85
N ILE F 29 37.57 19.93 29.30
N ILE F 29 36.94 20.29 30.07
CA ILE F 29 36.60 20.91 28.81
CA ILE F 29 36.33 21.06 28.96
C ILE F 29 35.55 20.19 27.97
C ILE F 29 35.51 20.22 27.99
N LEU F 30 35.09 19.08 28.45
CA LEU F 30 34.16 18.25 27.69
C LEU F 30 32.86 18.19 28.46
N ASP F 31 32.00 17.25 28.09
CA ASP F 31 30.79 16.98 28.89
C ASP F 31 30.36 15.54 28.62
N ALA F 32 29.19 15.12 29.10
CA ALA F 32 28.77 13.71 28.96
C ALA F 32 28.65 13.29 27.49
N ASP F 33 28.53 14.26 26.57
CA ASP F 33 28.43 13.90 25.14
C ASP F 33 29.69 13.23 24.62
N MET F 34 30.84 13.39 25.29
CA MET F 34 32.06 12.70 24.83
C MET F 34 31.94 11.19 24.84
N TRP F 35 30.96 10.67 25.58
CA TRP F 35 30.76 9.23 25.75
C TRP F 35 29.68 8.63 24.86
N GLU F 36 29.00 9.46 24.09
CA GLU F 36 27.79 9.02 23.38
C GLU F 36 27.98 7.75 22.55
N TYR F 37 29.13 7.57 21.92
CA TYR F 37 29.34 6.39 21.09
C TYR F 37 29.56 5.15 21.97
N GLN F 38 30.29 5.32 23.09
CA GLN F 38 30.45 4.23 24.07
C GLN F 38 29.13 3.85 24.73
N MET F 39 28.31 4.85 25.02
CA MET F 39 27.01 4.60 25.62
C MET F 39 26.09 3.87 24.69
N GLU F 40 26.03 4.32 23.45
CA GLU F 40 25.21 3.64 22.45
CA GLU F 40 25.24 3.65 22.42
C GLU F 40 25.70 2.19 22.25
N TYR F 41 27.01 2.01 22.12
CA TYR F 41 27.61 0.69 21.93
C TYR F 41 27.22 -0.30 23.03
N LEU F 42 27.42 0.10 24.30
CA LEU F 42 27.14 -0.76 25.45
C LEU F 42 25.66 -0.86 25.81
N SER F 43 24.90 0.21 25.67
CA SER F 43 23.48 0.08 25.97
C SER F 43 22.71 -0.72 24.91
N SER F 44 23.24 -0.81 23.69
CA SER F 44 22.66 -1.66 22.65
C SER F 44 23.01 -3.13 22.90
N ARG F 45 23.93 -3.38 23.84
CA ARG F 45 24.43 -4.73 24.10
C ARG F 45 24.18 -5.14 25.55
N GLY F 46 23.13 -4.56 26.13
CA GLY F 46 22.60 -5.05 27.39
C GLY F 46 23.14 -4.41 28.66
N TYR F 47 23.82 -3.25 28.54
CA TYR F 47 24.24 -2.54 29.74
C TYR F 47 23.44 -1.26 29.94
N ARG F 48 23.44 -0.81 31.18
CA ARG F 48 22.87 0.47 31.50
C ARG F 48 24.03 1.46 31.57
N THR F 49 23.94 2.56 30.83
CA THR F 49 25.04 3.54 30.80
C THR F 49 24.59 4.88 31.34
N ILE F 50 25.45 5.43 32.19
CA ILE F 50 25.16 6.69 32.87
C ILE F 50 26.34 7.63 32.72
N ALA F 51 26.03 8.89 32.39
CA ALA F 51 27.10 9.88 32.21
C ALA F 51 26.60 11.25 32.61
N PHE F 52 27.40 11.95 33.41
CA PHE F 52 26.99 13.24 33.96
C PHE F 52 27.90 14.30 33.36
N ASP F 53 27.40 15.55 33.37
CA ASP F 53 28.18 16.74 33.11
C ASP F 53 28.72 17.22 34.45
N ARG F 54 30.05 17.25 34.59
CA ARG F 54 30.66 17.67 35.85
C ARG F 54 30.18 19.07 36.20
N ARG F 55 30.05 19.39 37.50
CA ARG F 55 29.71 20.77 37.88
C ARG F 55 30.62 21.78 37.17
N GLY F 56 29.99 22.85 36.68
CA GLY F 56 30.70 23.87 35.91
C GLY F 56 30.82 23.60 34.41
N PHE F 57 30.35 22.44 33.96
CA PHE F 57 30.51 21.98 32.56
C PHE F 57 29.18 21.59 31.91
N GLY F 58 29.15 21.63 30.58
CA GLY F 58 27.97 21.20 29.80
C GLY F 58 26.69 21.86 30.26
N ARG F 59 25.69 21.03 30.56
CA ARG F 59 24.36 21.49 30.95
C ARG F 59 24.21 21.62 32.47
N SER F 60 25.27 21.36 33.22
CA SER F 60 25.20 21.48 34.68
C SER F 60 25.30 22.95 35.14
N ASP F 61 24.80 23.23 36.34
CA ASP F 61 25.04 24.51 37.01
C ASP F 61 26.53 24.78 37.12
N GLN F 62 26.89 26.06 37.29
CA GLN F 62 28.27 26.50 37.36
C GLN F 62 28.56 27.18 38.74
N PRO F 63 28.68 26.37 39.81
CA PRO F 63 28.94 26.98 41.12
C PRO F 63 30.33 27.59 41.24
N TRP F 64 30.42 28.67 42.03
CA TRP F 64 31.72 29.31 42.26
C TRP F 64 32.64 28.43 43.11
N THR F 65 32.05 27.67 44.04
CA THR F 65 32.80 26.87 44.99
C THR F 65 32.61 25.39 44.67
N GLY F 66 33.50 24.56 45.25
CA GLY F 66 33.38 23.12 45.15
C GLY F 66 34.05 22.57 43.89
N ASN F 67 34.83 23.39 43.19
CA ASN F 67 35.53 22.91 41.97
C ASN F 67 36.85 22.24 42.35
N ASP F 68 36.74 21.08 43.02
CA ASP F 68 37.91 20.34 43.53
C ASP F 68 37.57 18.86 43.56
N TYR F 69 38.60 18.01 43.64
CA TYR F 69 38.37 16.60 43.50
C TYR F 69 37.55 15.96 44.59
N ASP F 70 37.66 16.46 45.82
CA ASP F 70 36.85 15.88 46.91
C ASP F 70 35.35 16.11 46.64
N THR F 71 35.00 17.29 46.17
CA THR F 71 33.61 17.56 45.84
C THR F 71 33.18 16.77 44.58
N PHE F 72 34.05 16.70 43.56
CA PHE F 72 33.70 15.93 42.35
C PHE F 72 33.40 14.49 42.75
N ALA F 73 34.21 13.94 43.65
CA ALA F 73 34.05 12.56 44.10
C ALA F 73 32.75 12.37 44.86
N ASP F 74 32.42 13.35 45.71
CA ASP F 74 31.14 13.33 46.45
C ASP F 74 29.92 13.51 45.54
N ASP F 75 30.08 14.28 44.45
CA ASP F 75 29.03 14.43 43.42
C ASP F 75 28.71 13.07 42.81
N ILE F 76 29.75 12.32 42.46
CA ILE F 76 29.59 10.96 41.98
C ILE F 76 28.90 10.04 43.00
N ALA F 77 29.31 10.11 44.26
CA ALA F 77 28.62 9.37 45.33
C ALA F 77 27.14 9.70 45.36
N GLN F 78 26.79 10.99 45.25
CA GLN F 78 25.39 11.37 45.29
C GLN F 78 24.61 10.82 44.09
N LEU F 79 25.24 10.80 42.91
CA LEU F 79 24.56 10.26 41.73
C LEU F 79 24.32 8.77 41.93
N ILE F 80 25.33 8.08 42.42
CA ILE F 80 25.23 6.64 42.67
C ILE F 80 24.14 6.34 43.69
N GLU F 81 24.11 7.14 44.77
CA GLU F 81 23.07 7.05 45.79
CA GLU F 81 23.08 7.04 45.80
C GLU F 81 21.69 7.37 45.21
N HIS F 82 21.59 8.51 44.51
CA HIS F 82 20.34 8.93 43.88
C HIS F 82 19.72 7.83 43.00
N LEU F 83 20.54 7.09 42.26
CA LEU F 83 20.02 6.05 41.37
C LEU F 83 20.08 4.65 42.03
N ASP F 84 20.66 4.60 43.22
CA ASP F 84 20.84 3.34 43.94
C ASP F 84 21.57 2.28 43.11
N LEU F 85 22.69 2.68 42.50
CA LEU F 85 23.44 1.80 41.63
C LEU F 85 24.20 0.76 42.45
N LYS F 86 24.30 -0.45 41.91
CA LYS F 86 25.04 -1.54 42.51
C LYS F 86 25.84 -2.19 41.41
N GLU F 87 26.97 -2.75 41.77
CA GLU F 87 27.91 -3.37 40.79
CA GLU F 87 27.86 -3.34 40.82
C GLU F 87 28.22 -2.43 39.62
N VAL F 88 28.51 -1.17 39.92
CA VAL F 88 28.88 -0.15 38.92
C VAL F 88 30.29 -0.36 38.43
N THR F 89 30.46 -0.31 37.11
CA THR F 89 31.80 -0.17 36.54
C THR F 89 32.05 1.31 36.31
N LEU F 90 33.05 1.86 36.99
CA LEU F 90 33.39 3.28 36.86
C LEU F 90 34.38 3.47 35.71
N VAL F 91 34.12 4.44 34.83
CA VAL F 91 35.01 4.73 33.70
C VAL F 91 35.32 6.22 33.69
N GLY F 92 36.59 6.60 33.88
CA GLY F 92 36.98 8.01 33.87
C GLY F 92 37.99 8.29 32.79
N PHE F 93 37.81 9.40 32.09
CA PHE F 93 38.74 9.80 31.06
C PHE F 93 39.50 11.04 31.55
N SER F 94 40.83 11.03 31.40
CA SER F 94 41.62 12.24 31.60
C SER F 94 41.46 12.73 33.04
N MET F 95 41.10 14.00 33.27
CA MET F 95 40.92 14.47 34.67
C MET F 95 39.81 13.69 35.35
N GLY F 96 38.92 13.12 34.54
CA GLY F 96 37.81 12.31 35.03
C GLY F 96 38.25 10.99 35.68
N GLY F 97 39.45 10.52 35.38
CA GLY F 97 39.97 9.34 36.11
C GLY F 97 40.20 9.68 37.59
N GLY F 98 40.46 10.96 37.86
CA GLY F 98 40.74 11.39 39.24
C GLY F 98 39.50 11.36 40.12
N ASP F 99 38.35 11.75 39.58
CA ASP F 99 37.20 11.77 40.48
C ASP F 99 36.61 10.39 40.75
N VAL F 100 36.75 9.45 39.81
CA VAL F 100 36.28 8.08 40.08
C VAL F 100 37.25 7.37 41.08
N ALA F 101 38.55 7.61 40.96
CA ALA F 101 39.55 7.12 41.94
C ALA F 101 39.27 7.70 43.35
N ARG F 102 39.04 9.01 43.40
CA ARG F 102 38.80 9.70 44.66
C ARG F 102 37.43 9.33 45.27
N TYR F 103 36.48 8.95 44.42
CA TYR F 103 35.22 8.41 44.89
C TYR F 103 35.49 7.13 45.67
N ILE F 104 36.26 6.22 45.07
CA ILE F 104 36.59 4.95 45.74
C ILE F 104 37.36 5.22 47.04
N ALA F 105 38.30 6.16 47.01
CA ALA F 105 39.10 6.49 48.17
C ALA F 105 38.26 7.03 49.32
N ARG F 106 37.29 7.88 49.02
CA ARG F 106 36.46 8.52 50.02
C ARG F 106 35.27 7.68 50.45
N HIS F 107 34.75 6.83 49.57
CA HIS F 107 33.49 6.15 49.87
C HIS F 107 33.58 4.65 49.91
N GLY F 108 34.73 4.09 49.57
CA GLY F 108 34.90 2.62 49.47
C GLY F 108 34.37 2.05 48.16
N SER F 109 34.49 0.73 48.00
CA SER F 109 34.09 0.09 46.77
C SER F 109 32.92 -0.88 46.89
N ALA F 110 32.09 -0.71 47.93
CA ALA F 110 30.95 -1.61 48.13
C ALA F 110 30.06 -1.63 46.88
N ARG F 111 29.85 -0.46 46.26
CA ARG F 111 28.94 -0.35 45.11
C ARG F 111 29.60 -0.56 43.73
N VAL F 112 30.89 -0.87 43.74
CA VAL F 112 31.73 -0.88 42.52
C VAL F 112 32.15 -2.29 42.11
N ALA F 113 31.87 -2.65 40.85
CA ALA F 113 32.34 -3.91 40.29
C ALA F 113 33.69 -3.80 39.60
N GLY F 114 34.08 -2.61 39.15
CA GLY F 114 35.27 -2.49 38.31
C GLY F 114 35.60 -1.04 38.02
N LEU F 115 36.83 -0.81 37.53
CA LEU F 115 37.37 0.52 37.31
C LEU F 115 38.15 0.58 36.01
N VAL F 116 37.86 1.59 35.20
CA VAL F 116 38.60 1.80 33.98
C VAL F 116 39.15 3.24 33.94
N LEU F 117 40.44 3.38 33.72
CA LEU F 117 41.11 4.66 33.74
C LEU F 117 41.62 4.86 32.35
N LEU F 118 41.03 5.83 31.64
CA LEU F 118 41.34 6.11 30.23
C LEU F 118 42.14 7.39 30.08
N GLY F 119 43.38 7.30 29.60
CA GLY F 119 44.22 8.51 29.48
C GLY F 119 44.18 9.39 30.73
N ALA F 120 44.16 8.74 31.89
CA ALA F 120 43.83 9.42 33.14
C ALA F 120 45.02 10.13 33.81
N VAL F 121 44.72 11.20 34.54
CA VAL F 121 45.72 11.95 35.31
C VAL F 121 46.31 11.18 36.51
N THR F 122 45.67 10.04 36.83
CA THR F 122 46.16 9.17 37.91
C THR F 122 47.54 8.58 37.56
N PRO F 123 48.41 8.38 38.57
CA PRO F 123 48.10 8.63 39.99
C PRO F 123 48.49 10.03 40.46
N LEU F 124 49.15 10.77 39.57
CA LEU F 124 49.65 12.10 39.89
C LEU F 124 50.13 12.71 38.59
N PHE F 125 49.75 13.95 38.34
CA PHE F 125 50.00 14.59 37.04
C PHE F 125 51.09 15.66 37.18
N GLY F 126 50.90 16.62 38.10
CA GLY F 126 51.88 17.69 38.31
C GLY F 126 53.11 17.28 39.15
N GLN F 127 54.14 18.10 39.14
CA GLN F 127 55.35 17.86 39.93
C GLN F 127 55.07 17.92 41.40
N LYS F 128 55.77 17.04 42.13
CA LYS F 128 55.84 17.07 43.59
C LYS F 128 57.33 16.90 43.95
N PRO F 129 57.70 17.18 45.24
CA PRO F 129 59.12 17.02 45.61
C PRO F 129 59.69 15.64 45.28
N ASP F 130 58.92 14.57 45.56
CA ASP F 130 59.37 13.21 45.19
C ASP F 130 58.90 12.77 43.78
N TYR F 131 58.41 13.72 42.98
CA TYR F 131 57.94 13.40 41.62
C TYR F 131 58.32 14.53 40.67
N PRO F 132 59.64 14.80 40.52
CA PRO F 132 60.08 15.84 39.58
C PRO F 132 59.74 15.48 38.13
N GLN F 133 59.46 14.21 37.85
CA GLN F 133 59.10 13.83 36.47
C GLN F 133 57.68 14.30 36.10
N GLY F 134 56.88 14.73 37.08
CA GLY F 134 55.52 15.21 36.79
C GLY F 134 55.60 16.52 36.03
N VAL F 135 54.46 17.06 35.60
CA VAL F 135 54.46 18.33 34.84
C VAL F 135 54.71 19.50 35.80
N PRO F 136 55.67 20.39 35.47
CA PRO F 136 55.93 21.54 36.38
C PRO F 136 54.69 22.43 36.55
N LEU F 137 54.48 22.93 37.76
CA LEU F 137 53.34 23.79 38.05
C LEU F 137 53.34 25.07 37.20
N ASP F 138 54.52 25.57 36.81
CA ASP F 138 54.61 26.76 35.96
CA ASP F 138 54.58 26.77 35.97
C ASP F 138 53.92 26.56 34.61
N VAL F 139 53.90 25.31 34.15
CA VAL F 139 53.21 24.99 32.90
C VAL F 139 51.68 25.18 33.04
N PHE F 140 51.10 24.64 34.09
CA PHE F 140 49.68 24.87 34.39
C PHE F 140 49.38 26.35 34.73
N ALA F 141 50.28 27.03 35.45
CA ALA F 141 50.10 28.45 35.74
C ALA F 141 49.97 29.24 34.43
N ARG F 142 50.77 28.90 33.43
CA ARG F 142 50.69 29.58 32.15
CA ARG F 142 50.69 29.57 32.13
C ARG F 142 49.35 29.29 31.44
N PHE F 143 48.88 28.04 31.51
CA PHE F 143 47.58 27.71 30.93
C PHE F 143 46.46 28.53 31.56
N LYS F 144 46.53 28.71 32.88
CA LYS F 144 45.53 29.48 33.58
C LYS F 144 45.57 30.95 33.14
N THR F 145 46.77 31.50 33.00
CA THR F 145 46.95 32.85 32.47
C THR F 145 46.30 33.03 31.11
N GLU F 146 46.55 32.09 30.20
CA GLU F 146 45.99 32.16 28.85
C GLU F 146 44.46 32.00 28.86
N LEU F 147 43.97 31.10 29.71
CA LEU F 147 42.51 30.88 29.85
C LEU F 147 41.81 32.14 30.37
N LEU F 148 42.47 32.82 31.30
CA LEU F 148 41.92 34.05 31.86
C LEU F 148 42.06 35.25 30.95
N LYS F 149 42.72 35.07 29.82
CA LYS F 149 42.75 36.10 28.74
C LYS F 149 41.76 35.81 27.65
N ASP F 150 41.73 34.55 27.20
CA ASP F 150 40.88 34.17 26.06
C ASP F 150 40.70 32.65 26.05
N ARG F 151 39.73 32.15 26.80
CA ARG F 151 39.52 30.73 26.85
C ARG F 151 39.01 30.15 25.56
N ALA F 152 38.21 30.89 24.82
CA ALA F 152 37.67 30.39 23.53
C ALA F 152 38.80 30.06 22.55
N GLN F 153 39.80 30.94 22.45
CA GLN F 153 40.94 30.65 21.56
C GLN F 153 41.87 29.60 22.16
N PHE F 154 42.03 29.63 23.48
CA PHE F 154 42.75 28.51 24.12
C PHE F 154 42.18 27.13 23.72
N ILE F 155 40.88 26.95 23.84
CA ILE F 155 40.24 25.68 23.53
C ILE F 155 40.41 25.29 22.06
N SER F 156 40.25 26.27 21.16
CA SER F 156 40.36 26.03 19.74
CA SER F 156 40.37 26.04 19.73
C SER F 156 41.75 25.51 19.41
N ASP F 157 42.76 26.17 19.97
CA ASP F 157 44.16 25.78 19.80
C ASP F 157 44.47 24.44 20.47
N PHE F 158 43.79 24.15 21.57
CA PHE F 158 43.97 22.89 22.29
C PHE F 158 43.51 21.65 21.49
N ASN F 159 42.57 21.84 20.54
CA ASN F 159 42.10 20.72 19.71
C ASN F 159 43.28 19.95 19.09
N ALA F 160 44.29 20.67 18.62
CA ALA F 160 45.34 19.99 17.84
C ALA F 160 46.15 19.02 18.69
N PRO F 161 46.77 19.49 19.78
CA PRO F 161 47.52 18.51 20.60
C PRO F 161 46.62 17.48 21.33
N PHE F 162 45.36 17.85 21.61
CA PHE F 162 44.40 16.94 22.27
C PHE F 162 44.14 15.71 21.39
N TYR F 163 43.84 15.96 20.11
CA TYR F 163 43.55 14.89 19.16
C TYR F 163 44.78 14.35 18.43
N GLY F 164 45.93 14.98 18.63
CA GLY F 164 47.19 14.60 17.93
C GLY F 164 47.16 15.01 16.46
N ILE F 165 46.28 15.96 16.12
CA ILE F 165 46.19 16.48 14.74
C ILE F 165 47.53 17.10 14.30
N ASN F 166 48.22 17.75 15.23
CA ASN F 166 49.58 18.28 14.99
C ASN F 166 50.62 17.16 14.76
N LYS F 167 50.27 15.89 14.97
CA LYS F 167 51.18 14.76 14.58
C LYS F 167 50.60 13.95 13.42
N GLY F 168 49.52 14.45 12.83
CA GLY F 168 48.93 13.78 11.68
C GLY F 168 47.67 12.96 11.92
N GLN F 169 47.18 12.86 13.16
CA GLN F 169 45.91 12.17 13.41
CA GLN F 169 45.92 12.16 13.38
C GLN F 169 44.79 12.83 12.61
N VAL F 170 43.94 12.02 11.98
CA VAL F 170 42.87 12.53 11.12
C VAL F 170 41.60 12.63 11.97
N VAL F 171 41.11 13.85 12.18
CA VAL F 171 39.89 14.11 12.96
C VAL F 171 39.09 15.14 12.17
N SER F 172 37.78 14.90 11.97
CA SER F 172 36.98 15.78 11.10
C SER F 172 36.82 17.16 11.68
N GLN F 173 36.54 18.15 10.83
CA GLN F 173 36.17 19.49 11.29
CA GLN F 173 36.19 19.48 11.32
C GLN F 173 34.94 19.43 12.20
N GLY F 174 34.01 18.53 11.87
CA GLY F 174 32.77 18.40 12.63
C GLY F 174 33.07 18.07 14.08
N VAL F 175 33.97 17.09 14.30
CA VAL F 175 34.33 16.74 15.67
C VAL F 175 34.98 17.93 16.41
N GLN F 176 35.84 18.65 15.70
CA GLN F 176 36.51 19.80 16.27
C GLN F 176 35.51 20.91 16.64
N THR F 177 34.54 21.16 15.77
CA THR F 177 33.50 22.16 16.04
C THR F 177 32.67 21.76 17.24
N GLN F 178 32.29 20.47 17.31
CA GLN F 178 31.51 19.98 18.44
C GLN F 178 32.30 20.08 19.74
N THR F 179 33.60 19.76 19.68
CA THR F 179 34.43 19.87 20.88
C THR F 179 34.44 21.32 21.39
N LEU F 180 34.70 22.26 20.47
CA LEU F 180 34.71 23.68 20.86
C LEU F 180 33.33 24.11 21.39
N GLN F 181 32.26 23.72 20.69
CA GLN F 181 30.89 24.10 21.10
C GLN F 181 30.59 23.66 22.55
N ILE F 182 30.91 22.42 22.87
CA ILE F 182 30.69 21.88 24.20
C ILE F 182 31.59 22.54 25.27
N ALA F 183 32.85 22.76 24.92
CA ALA F 183 33.79 23.43 25.83
C ALA F 183 33.30 24.82 26.21
N LEU F 184 32.71 25.53 25.24
CA LEU F 184 32.19 26.88 25.50
C LEU F 184 30.97 26.93 26.43
N LEU F 185 30.27 25.82 26.59
CA LEU F 185 29.14 25.79 27.54
C LEU F 185 29.61 25.98 28.98
N ALA F 186 30.83 25.51 29.24
CA ALA F 186 31.41 25.46 30.59
C ALA F 186 31.67 26.85 31.20
N SER F 187 31.76 26.86 32.53
CA SER F 187 32.14 28.06 33.28
C SER F 187 33.63 28.35 33.11
N LEU F 188 33.98 29.63 32.95
CA LEU F 188 35.38 30.04 32.96
C LEU F 188 36.02 29.68 34.32
N LYS F 189 35.29 29.96 35.41
CA LYS F 189 35.77 29.68 36.76
C LYS F 189 36.05 28.18 36.93
N ALA F 190 35.10 27.32 36.50
CA ALA F 190 35.29 25.87 36.60
C ALA F 190 36.46 25.40 35.74
N THR F 191 36.56 25.95 34.54
CA THR F 191 37.63 25.54 33.61
C THR F 191 39.01 25.80 34.27
N VAL F 192 39.16 26.98 34.85
CA VAL F 192 40.42 27.38 35.51
C VAL F 192 40.67 26.57 36.79
N ASP F 193 39.65 26.42 37.63
CA ASP F 193 39.80 25.66 38.90
C ASP F 193 40.14 24.20 38.64
N CYS F 194 39.60 23.62 37.57
CA CYS F 194 39.97 22.21 37.26
C CYS F 194 41.46 22.08 36.98
N VAL F 195 42.06 23.10 36.34
CA VAL F 195 43.52 23.04 36.05
C VAL F 195 44.28 22.96 37.39
N THR F 196 43.93 23.84 38.33
CA THR F 196 44.47 23.77 39.70
C THR F 196 44.33 22.39 40.32
N ALA F 197 43.11 21.84 40.28
CA ALA F 197 42.81 20.51 40.83
C ALA F 197 43.66 19.40 40.20
N PHE F 198 43.65 19.25 38.87
CA PHE F 198 44.47 18.17 38.28
C PHE F 198 45.99 18.43 38.31
N ALA F 199 46.39 19.70 38.36
CA ALA F 199 47.80 20.06 38.53
C ALA F 199 48.36 19.60 39.90
N GLU F 200 47.56 19.71 40.94
CA GLU F 200 48.09 19.66 42.31
C GLU F 200 47.66 18.45 43.10
N THR F 201 46.65 17.73 42.63
CA THR F 201 46.06 16.67 43.43
C THR F 201 46.87 15.37 43.30
N ASP F 202 47.25 14.80 44.42
CA ASP F 202 48.02 13.53 44.45
C ASP F 202 47.09 12.35 44.67
N PHE F 203 46.97 11.43 43.71
CA PHE F 203 46.08 10.27 43.92
C PHE F 203 46.85 8.98 44.28
N ARG F 204 48.12 9.09 44.63
CA ARG F 204 48.87 7.87 45.03
C ARG F 204 48.22 7.19 46.25
N PRO F 205 47.78 7.96 47.27
CA PRO F 205 47.06 7.23 48.33
C PRO F 205 45.82 6.50 47.81
N ASP F 206 45.11 7.10 46.83
CA ASP F 206 43.90 6.49 46.28
C ASP F 206 44.22 5.16 45.62
N MET F 207 45.35 5.04 44.92
CA MET F 207 45.69 3.80 44.21
C MET F 207 45.72 2.57 45.14
N ALA F 208 46.11 2.79 46.40
CA ALA F 208 46.27 1.66 47.31
C ALA F 208 44.90 1.28 47.89
N LYS F 209 43.89 2.14 47.72
CA LYS F 209 42.53 1.83 48.16
C LYS F 209 41.71 1.14 47.08
N ILE F 210 42.26 1.02 45.88
CA ILE F 210 41.53 0.41 44.77
C ILE F 210 41.70 -1.11 44.81
N ASP F 211 40.62 -1.77 45.18
CA ASP F 211 40.59 -3.20 45.41
C ASP F 211 39.52 -3.87 44.54
N VAL F 212 39.29 -3.32 43.35
CA VAL F 212 38.38 -3.92 42.35
C VAL F 212 39.22 -4.17 41.09
N PRO F 213 38.76 -5.07 40.20
CA PRO F 213 39.48 -5.23 38.96
C PRO F 213 39.52 -3.89 38.21
N THR F 214 40.67 -3.61 37.60
CA THR F 214 40.94 -2.29 37.03
C THR F 214 41.64 -2.50 35.71
N LEU F 215 41.21 -1.72 34.71
CA LEU F 215 41.83 -1.70 33.43
C LEU F 215 42.31 -0.27 33.15
N VAL F 216 43.58 -0.15 32.83
CA VAL F 216 44.17 1.13 32.51
C VAL F 216 44.43 1.13 31.02
N ILE F 217 43.87 2.12 30.31
CA ILE F 217 44.17 2.25 28.88
C ILE F 217 44.75 3.62 28.61
N HIS F 218 45.81 3.71 27.82
CA HIS F 218 46.42 5.02 27.57
C HIS F 218 47.09 4.97 26.21
N GLY F 219 47.13 6.09 25.50
CA GLY F 219 47.86 6.14 24.24
C GLY F 219 49.28 6.59 24.55
N ASP F 220 50.29 5.93 23.95
CA ASP F 220 51.62 6.37 24.26
C ASP F 220 52.05 7.54 23.37
N GLY F 221 51.13 8.06 22.55
CA GLY F 221 51.39 9.34 21.87
C GLY F 221 50.68 10.53 22.56
N ASP F 222 50.23 10.34 23.80
CA ASP F 222 49.42 11.33 24.50
C ASP F 222 50.23 12.56 24.80
N GLN F 223 49.91 13.69 24.16
CA GLN F 223 50.67 14.92 24.41
C GLN F 223 50.16 15.72 25.60
N ILE F 224 49.02 15.31 26.16
CA ILE F 224 48.41 16.13 27.24
C ILE F 224 48.74 15.51 28.62
N VAL F 225 48.46 14.22 28.77
CA VAL F 225 48.66 13.49 30.02
C VAL F 225 49.66 12.35 29.68
N PRO F 226 50.97 12.59 29.94
CA PRO F 226 52.07 11.70 29.50
C PRO F 226 51.90 10.29 30.06
N PHE F 227 51.86 9.31 29.17
CA PHE F 227 51.63 7.92 29.57
C PHE F 227 52.63 7.46 30.65
N GLU F 228 53.92 7.70 30.38
CA GLU F 228 55.02 7.19 31.23
C GLU F 228 54.89 7.60 32.69
N THR F 229 54.35 8.79 32.98
CA THR F 229 54.26 9.25 34.37
C THR F 229 52.87 9.14 34.99
N THR F 230 51.90 8.68 34.20
CA THR F 230 50.52 8.57 34.67
C THR F 230 50.02 7.13 34.49
N GLY F 231 49.34 6.83 33.38
CA GLY F 231 48.77 5.47 33.17
C GLY F 231 49.76 4.32 33.45
N LYS F 232 50.99 4.41 32.94
CA LYS F 232 52.02 3.38 33.25
C LYS F 232 52.17 3.12 34.77
N VAL F 233 52.21 4.20 35.55
CA VAL F 233 52.41 4.12 37.00
C VAL F 233 51.13 3.71 37.72
N ALA F 234 49.99 4.20 37.25
CA ALA F 234 48.70 3.80 37.84
C ALA F 234 48.53 2.28 37.75
N ALA F 235 48.88 1.68 36.62
CA ALA F 235 48.72 0.23 36.44
C ALA F 235 49.62 -0.60 37.37
N GLU F 236 50.79 -0.05 37.68
CA GLU F 236 51.72 -0.72 38.58
CA GLU F 236 51.73 -0.71 38.60
C GLU F 236 51.26 -0.57 40.04
N LEU F 237 50.68 0.58 40.38
CA LEU F 237 50.32 0.87 41.75
C LEU F 237 49.02 0.25 42.18
N ILE F 238 48.14 -0.07 41.23
CA ILE F 238 46.87 -0.69 41.55
C ILE F 238 47.08 -2.19 41.48
N LYS F 239 46.82 -2.87 42.60
CA LYS F 239 46.97 -4.32 42.65
C LYS F 239 46.07 -5.04 41.63
N GLY F 240 46.69 -5.88 40.80
CA GLY F 240 45.98 -6.70 39.82
C GLY F 240 45.48 -5.94 38.60
N ALA F 241 45.89 -4.68 38.44
CA ALA F 241 45.40 -3.87 37.33
C ALA F 241 45.93 -4.44 36.02
N GLU F 242 45.13 -4.35 34.96
CA GLU F 242 45.58 -4.67 33.61
C GLU F 242 45.89 -3.36 32.87
N LEU F 243 46.90 -3.38 32.01
CA LEU F 243 47.21 -2.20 31.21
C LEU F 243 47.11 -2.54 29.74
N LYS F 244 46.50 -1.63 28.96
CA LYS F 244 46.53 -1.68 27.50
C LYS F 244 47.02 -0.34 26.98
N VAL F 245 48.06 -0.38 26.15
CA VAL F 245 48.64 0.81 25.56
C VAL F 245 48.22 0.83 24.08
N TYR F 246 47.58 1.90 23.66
CA TYR F 246 47.22 2.07 22.25
C TYR F 246 48.40 2.77 21.59
N LYS F 247 49.06 2.09 20.67
CA LYS F 247 50.30 2.60 20.03
C LYS F 247 50.06 3.90 19.28
N ASP F 248 50.82 4.92 19.65
CA ASP F 248 50.78 6.24 19.00
C ASP F 248 49.44 6.99 19.19
N ALA F 249 48.51 6.39 19.93
CA ALA F 249 47.22 7.07 20.16
C ALA F 249 47.40 8.40 20.91
N PRO F 250 46.51 9.38 20.60
CA PRO F 250 46.64 10.67 21.27
C PRO F 250 45.85 10.69 22.59
N HIS F 251 45.80 11.85 23.24
CA HIS F 251 44.93 12.00 24.39
C HIS F 251 43.43 11.73 24.04
N GLY F 252 42.96 12.29 22.93
CA GLY F 252 41.51 12.24 22.59
C GLY F 252 41.16 10.94 21.89
N PHE F 253 41.60 9.82 22.47
CA PHE F 253 41.45 8.51 21.78
C PHE F 253 40.06 7.85 21.84
N ALA F 254 39.14 8.40 22.64
CA ALA F 254 37.74 7.94 22.60
C ALA F 254 37.13 8.31 21.24
N VAL F 255 37.68 9.34 20.60
CA VAL F 255 37.32 9.69 19.21
C VAL F 255 38.18 8.90 18.20
N THR F 256 39.50 9.02 18.27
CA THR F 256 40.35 8.43 17.22
C THR F 256 40.39 6.89 17.24
N HIS F 257 40.17 6.30 18.42
CA HIS F 257 40.22 4.83 18.57
C HIS F 257 38.90 4.32 19.14
N ALA F 258 37.77 4.90 18.71
CA ALA F 258 36.45 4.62 19.30
C ALA F 258 36.06 3.14 19.28
N GLN F 259 36.18 2.49 18.13
CA GLN F 259 35.82 1.08 18.00
C GLN F 259 36.66 0.16 18.90
N GLN F 260 37.97 0.36 18.90
CA GLN F 260 38.88 -0.45 19.74
C GLN F 260 38.52 -0.29 21.22
N LEU F 261 38.24 0.95 21.61
CA LEU F 261 37.83 1.24 22.99
C LEU F 261 36.50 0.60 23.32
N ASN F 262 35.54 0.70 22.40
CA ASN F 262 34.25 0.07 22.62
C ASN F 262 34.42 -1.43 22.89
N GLU F 263 35.22 -2.08 22.05
CA GLU F 263 35.50 -3.52 22.16
C GLU F 263 36.23 -3.89 23.44
N ASP F 264 37.15 -3.03 23.85
CA ASP F 264 37.89 -3.27 25.08
C ASP F 264 37.03 -3.09 26.31
N LEU F 265 36.11 -2.10 26.30
CA LEU F 265 35.19 -1.92 27.42
C LEU F 265 34.27 -3.12 27.54
N LEU F 266 33.77 -3.60 26.41
CA LEU F 266 32.88 -4.76 26.40
C LEU F 266 33.63 -6.01 26.92
N ALA F 267 34.86 -6.23 26.47
CA ALA F 267 35.64 -7.41 26.86
C ALA F 267 35.94 -7.35 28.36
N PHE F 268 36.15 -6.14 28.89
CA PHE F 268 36.35 -5.94 30.32
C PHE F 268 35.11 -6.26 31.15
N LEU F 269 33.96 -5.79 30.69
CA LEU F 269 32.72 -6.03 31.41
C LEU F 269 32.36 -7.54 31.46
N LYS F 270 32.66 -8.24 30.37
CA LYS F 270 32.38 -9.66 30.23
C LYS F 270 33.48 -10.58 30.76
N ARG F 271 34.55 -10.02 31.33
CA ARG F 271 35.72 -10.78 31.78
C ARG F 271 35.29 -11.94 32.71
C1 GOL G . -36.41 -32.72 -23.86
O1 GOL G . -35.56 -31.62 -23.45
C2 GOL G . -37.78 -32.55 -23.19
O2 GOL G . -37.61 -32.42 -21.79
C3 GOL G . -38.72 -33.73 -23.50
O3 GOL G . -38.11 -34.93 -23.07
S SO4 H . -22.27 -56.19 -10.43
O1 SO4 H . -22.94 -57.44 -10.06
O2 SO4 H . -23.22 -55.10 -10.23
O3 SO4 H . -21.12 -55.95 -9.57
O4 SO4 H . -21.80 -56.30 -11.81
CL CL I . -25.56 -49.68 -49.82
CL CL J . -24.78 -62.83 -41.05
O1 PEO K . -34.79 -63.44 -33.82
O2 PEO K . -35.37 -63.64 -32.46
O1 PEO L . -11.93 -60.10 -20.88
O2 PEO L . -10.48 -60.21 -20.65
C1 GOL M . -6.86 -49.63 -22.92
O1 GOL M . -7.44 -49.17 -21.74
C2 GOL M . -5.37 -49.44 -22.81
O2 GOL M . -4.89 -49.88 -24.05
C3 GOL M . -5.03 -47.96 -22.78
O3 GOL M . -4.07 -47.60 -21.80
C ACT N . -13.33 -28.86 -37.56
O ACT N . -12.93 -29.91 -36.98
OXT ACT N . -14.08 -28.09 -36.90
CH3 ACT N . -12.95 -28.54 -38.98
C ACT O . -19.72 -40.07 -8.70
O ACT O . -18.52 -40.44 -8.84
OXT ACT O . -19.97 -38.82 -8.59
CH3 ACT O . -20.84 -41.07 -8.66
C ACT P . -17.88 -42.32 -32.20
O ACT P . -16.93 -42.99 -32.68
OXT ACT P . -18.83 -42.99 -31.76
CH3 ACT P . -17.84 -40.82 -32.17
C ACT Q . -16.20 -45.55 -30.69
O ACT Q . -17.21 -45.07 -30.08
OXT ACT Q . -15.74 -44.91 -31.67
CH3 ACT Q . -15.60 -46.86 -30.34
C1 GOL R . -9.34 -47.94 -33.81
O1 GOL R . -10.31 -46.94 -34.06
C2 GOL R . -8.49 -48.29 -35.04
O2 GOL R . -7.64 -47.21 -35.33
C3 GOL R . -9.33 -48.70 -36.26
O3 GOL R . -8.89 -49.93 -36.81
C1 GOL S . -12.55 2.53 -14.16
O1 GOL S . -12.83 3.71 -14.88
C2 GOL S . -12.49 1.34 -15.12
O2 GOL S . -13.65 1.28 -15.92
C3 GOL S . -12.40 0.07 -14.27
O3 GOL S . -13.58 -0.01 -13.50
C1 GOL T . -20.28 -32.81 -12.13
O1 GOL T . -21.04 -32.62 -13.33
C2 GOL T . -20.83 -34.04 -11.39
O2 GOL T . -22.15 -33.72 -11.02
C3 GOL T . -19.93 -34.47 -10.19
O3 GOL T . -19.79 -33.38 -9.29
S SO4 U . -19.90 -7.40 4.18
O1 SO4 U . -20.61 -8.67 4.11
O2 SO4 U . -19.81 -7.03 5.59
O3 SO4 U . -18.54 -7.51 3.65
O4 SO4 U . -20.59 -6.40 3.35
S SO4 V . 10.56 -22.97 -16.24
O1 SO4 V . 10.34 -23.47 -14.88
O2 SO4 V . 11.13 -21.63 -16.13
O3 SO4 V . 11.51 -23.86 -16.93
O4 SO4 V . 9.31 -22.96 -17.01
CL CL W . 8.59 -14.53 5.03
C1 GOL X . -4.02 -5.29 -18.70
O1 GOL X . -4.29 -6.66 -18.91
C2 GOL X . -2.78 -4.88 -19.51
O2 GOL X . -3.12 -4.94 -20.88
C3 GOL X . -1.63 -5.85 -19.23
O3 GOL X . -0.57 -5.20 -18.55
C1 GOL Y . -26.05 -32.73 -7.14
O1 GOL Y . -26.03 -31.31 -7.05
C2 GOL Y . -24.72 -33.34 -6.69
O2 GOL Y . -24.13 -34.06 -7.77
C3 GOL Y . -24.86 -34.34 -5.55
O3 GOL Y . -25.55 -35.50 -5.96
O1 PEO Z . -11.73 -3.98 -1.61
O2 PEO Z . -10.94 -3.04 -2.47
O1 PEO AA . -13.32 -41.96 -5.72
O2 PEO AA . -12.10 -42.55 -6.30
O1 PEO BA . -11.34 5.75 -17.59
O2 PEO BA . -11.10 5.12 -16.27
O1 PEO CA . -24.42 -29.36 -17.30
O2 PEO CA . -25.14 -28.20 -16.71
C ACT DA . -8.19 -14.85 -17.86
O ACT DA . -8.31 -15.25 -16.69
OXT ACT DA . -7.36 -13.93 -18.01
CH3 ACT DA . -9.01 -15.45 -18.98
C ACT EA . -7.87 -11.62 -15.73
O ACT EA . -8.55 -12.54 -15.21
OXT ACT EA . -7.44 -11.81 -16.88
CH3 ACT EA . -7.52 -10.35 -15.01
C ACT FA . -29.74 -11.68 -8.55
O ACT FA . -30.45 -12.37 -9.32
OXT ACT FA . -29.45 -10.48 -8.87
CH3 ACT FA . -29.23 -12.28 -7.27
C ACT GA . -4.09 -7.12 -23.75
C ACT GA . -4.50 -7.16 -24.01
O ACT GA . -4.45 -7.26 -22.59
O ACT GA . -5.45 -7.75 -23.49
OXT ACT GA . -2.87 -7.26 -23.89
OXT ACT GA . -4.83 -6.58 -25.04
CH3 ACT GA . -4.99 -6.81 -24.89
CH3 ACT GA . -3.12 -7.17 -23.49
C ACT HA . -7.38 -7.83 -19.43
O ACT HA . -6.55 -8.02 -20.35
OXT ACT HA . -6.92 -7.37 -18.36
CH3 ACT HA . -8.83 -8.12 -19.61
C1 GOL IA . -29.86 -1.74 -9.84
O1 GOL IA . -30.53 -2.96 -9.61
C2 GOL IA . -28.55 -1.96 -10.61
O2 GOL IA . -27.53 -2.48 -9.77
C3 GOL IA . -28.09 -0.67 -11.30
O3 GOL IA . -26.94 -0.88 -12.11
C1 GOL JA . 3.25 -40.01 -13.13
O1 GOL JA . 4.35 -39.63 -13.89
C2 GOL JA . 3.73 -40.46 -11.76
O2 GOL JA . 3.06 -41.66 -11.43
C3 GOL JA . 3.49 -39.34 -10.73
O3 GOL JA . 2.67 -39.78 -9.67
C1 GOL KA . -30.22 -15.91 -14.99
O1 GOL KA . -29.45 -17.11 -15.22
C2 GOL KA . -30.29 -15.76 -13.47
O2 GOL KA . -30.85 -16.95 -12.95
C3 GOL KA . -31.15 -14.54 -13.11
O3 GOL KA . -32.47 -14.67 -13.64
C1 GOL LA . -46.82 -25.48 -45.98
O1 GOL LA . -46.77 -26.75 -46.61
C2 GOL LA . -45.41 -24.95 -45.71
O2 GOL LA . -44.48 -25.99 -45.57
C3 GOL LA . -45.44 -24.10 -44.43
O3 GOL LA . -45.73 -24.92 -43.31
S SO4 MA . -32.04 5.36 -39.82
O1 SO4 MA . -31.41 4.11 -39.37
O2 SO4 MA . -32.82 5.97 -38.73
O3 SO4 MA . -30.99 6.28 -40.24
O4 SO4 MA . -32.94 5.11 -40.95
S SO4 NA . -14.09 -11.42 -41.52
O1 SO4 NA . -15.26 -12.06 -42.09
O2 SO4 NA . -14.51 -10.71 -40.30
O3 SO4 NA . -13.09 -12.46 -41.20
O4 SO4 NA . -13.52 -10.48 -42.49
S SO4 OA . -57.21 -23.05 -26.90
O1 SO4 OA . -58.59 -22.93 -26.44
O2 SO4 OA . -56.32 -23.01 -25.74
O3 SO4 OA . -56.98 -24.31 -27.61
O4 SO4 OA . -56.93 -21.94 -27.82
CL CL PA . -54.32 5.26 -35.67
CL CL QA . -26.50 7.76 -21.24
C1 GOL RA . -37.67 -13.73 -47.91
O1 GOL RA . -38.66 -12.81 -47.51
C2 GOL RA . -38.17 -15.15 -47.82
O2 GOL RA . -37.07 -15.95 -48.16
C3 GOL RA . -38.67 -15.52 -46.42
O3 GOL RA . -37.65 -15.42 -45.44
O1 PEO SA . -53.91 -18.50 -37.49
O2 PEO SA . -54.12 -18.55 -36.01
C ACT TA . -52.54 -24.46 -25.79
O ACT TA . -53.49 -24.98 -25.17
OXT ACT TA . -52.52 -24.63 -27.03
CH3 ACT TA . -51.48 -23.69 -25.08
C ACT UA . -34.50 -14.91 -36.93
O ACT UA . -35.30 -14.39 -36.14
OXT ACT UA . -34.79 -14.79 -38.15
CH3 ACT UA . -33.28 -15.66 -36.46
C ACT VA . -38.05 -15.52 -38.56
O ACT VA . -37.00 -15.34 -39.22
OXT ACT VA . -37.95 -15.59 -37.29
CH3 ACT VA . -39.35 -15.59 -39.29
O1 PEO WA . -27.13 6.32 -32.83
O2 PEO WA . -26.07 5.30 -33.05
C ACT XA . -44.15 -32.57 -24.29
O ACT XA . -44.32 -32.97 -25.47
OXT ACT XA . -43.06 -32.87 -23.69
CH3 ACT XA . -45.18 -31.75 -23.59
C ACT YA . -33.20 -16.25 -47.29
O ACT YA . -34.19 -16.29 -46.52
OXT ACT YA . -32.39 -17.21 -47.21
CH3 ACT YA . -33.01 -15.12 -48.27
C ACT ZA . -36.69 -17.83 -43.29
O ACT ZA . -37.77 -17.23 -43.55
OXT ACT ZA . -35.67 -17.50 -43.93
CH3 ACT ZA . -36.62 -18.93 -42.27
C1 GOL AB . -41.31 -5.98 -8.00
O1 GOL AB . -40.64 -6.72 -6.99
C2 GOL AB . -40.42 -4.89 -8.58
O2 GOL AB . -40.71 -3.65 -8.01
C3 GOL AB . -38.93 -5.17 -8.42
O3 GOL AB . -38.26 -4.33 -9.32
C1 GOL BB . -56.20 -17.33 -42.72
O1 GOL BB . -56.18 -16.05 -42.09
C2 GOL BB . -56.72 -18.47 -41.83
O2 GOL BB . -56.20 -19.68 -42.33
C3 GOL BB . -56.48 -18.27 -40.32
O3 GOL BB . -55.23 -18.79 -39.91
C1 GOL CB . 17.23 -1.38 7.99
O1 GOL CB . 18.21 -2.35 7.71
C2 GOL CB . 17.83 0.02 7.78
O2 GOL CB . 18.96 0.13 8.62
C3 GOL CB . 16.80 1.09 8.12
O3 GOL CB . 16.36 0.91 9.45
C1 GOL DB . 9.70 29.64 25.41
O1 GOL DB . 11.05 29.56 25.88
C2 GOL DB . 8.90 30.47 26.40
O2 GOL DB . 8.92 29.74 27.61
C3 GOL DB . 7.45 30.71 25.91
O3 GOL DB . 6.83 29.45 25.69
S SO4 EB . 0.08 1.17 21.36
O1 SO4 EB . -1.12 0.35 21.50
O2 SO4 EB . -0.05 2.36 22.20
O3 SO4 EB . 1.27 0.42 21.77
O4 SO4 EB . 0.19 1.51 19.95
CL CL FB . 30.44 19.63 1.50
C ACT GB . 7.28 28.20 -7.13
O ACT GB . 7.30 27.29 -7.97
OXT ACT GB . 6.26 28.91 -7.20
CH3 ACT GB . 8.34 28.45 -6.10
C1 GOL HB . 17.28 9.45 0.74
O1 GOL HB . 17.29 10.57 1.59
C2 GOL HB . 18.13 9.87 -0.45
O2 GOL HB . 19.42 9.33 -0.31
C3 GOL HB . 17.50 9.57 -1.80
O3 GOL HB . 16.44 10.49 -1.98
O1 PEO IB . 4.60 0.95 10.23
O2 PEO IB . 4.01 1.27 11.56
O1 PEO JB . -7.78 21.00 1.70
O2 PEO JB . -7.19 22.35 1.46
C1 GOL KB . -9.67 13.97 -5.25
C1 GOL KB . -10.15 15.10 -4.73
O1 GOL KB . -9.56 15.34 -5.59
O1 GOL KB . -10.52 16.36 -4.19
C2 GOL KB . -10.65 13.77 -4.09
C2 GOL KB . -10.70 13.97 -3.87
O2 GOL KB . -10.24 14.44 -2.95
O2 GOL KB . -10.26 14.13 -2.57
C3 GOL KB . -10.55 12.34 -3.73
C3 GOL KB . -10.15 12.63 -4.28
O3 GOL KB . -9.30 12.10 -3.16
O3 GOL KB . -9.16 12.78 -5.26
O1 PEO LB . 6.53 39.41 10.12
O2 PEO LB . 6.56 40.65 10.94
C ACT MB . 15.69 17.10 7.84
O ACT MB . 15.88 16.46 6.79
OXT ACT MB . 14.51 17.08 8.29
CH3 ACT MB . 16.81 17.83 8.55
C ACT NB . 14.22 13.46 7.06
O ACT NB . 15.04 14.10 6.38
OXT ACT NB . 13.84 14.02 8.12
CH3 ACT NB . 13.75 12.14 6.58
C1 GOL OB . 18.26 11.48 6.00
O1 GOL OB . 17.19 12.27 6.44
C2 GOL OB . 17.98 11.33 4.52
O2 GOL OB . 17.54 10.05 4.19
C3 GOL OB . 19.12 11.83 3.66
O3 GOL OB . 20.33 11.65 4.36
C1 GOL PB . -5.22 15.19 -5.51
O1 GOL PB . -5.84 14.16 -6.24
C2 GOL PB . -3.97 15.70 -6.23
O2 GOL PB . -2.87 15.32 -5.53
C3 GOL PB . -3.90 17.20 -6.23
O3 GOL PB . -4.32 17.69 -5.01
C1 GOL QB . 12.42 -4.92 -3.51
O1 GOL QB . 11.50 -4.94 -4.58
C2 GOL QB . 11.81 -4.23 -2.29
O2 GOL QB . 10.69 -3.44 -2.68
C3 GOL QB . 11.42 -5.21 -1.18
O3 GOL QB . 10.99 -4.52 -0.01
C1 GOL RB . 25.30 29.21 37.97
O1 GOL RB . 24.90 28.25 37.00
C2 GOL RB . 25.18 28.51 39.33
O2 GOL RB . 23.87 28.03 39.37
C3 GOL RB . 25.48 29.48 40.48
O3 GOL RB . 24.54 30.54 40.46
C1 GOL SB . 10.95 52.52 13.81
O1 GOL SB . 10.25 52.38 12.58
C2 GOL SB . 12.20 51.61 13.85
O2 GOL SB . 11.95 50.39 13.19
C3 GOL SB . 12.57 51.33 15.30
O3 GOL SB . 11.53 50.62 15.92
S SO4 TB . 3.70 50.30 34.33
O1 SO4 TB . 4.19 48.97 34.00
O2 SO4 TB . 3.54 50.43 35.78
O3 SO4 TB . 4.64 51.32 33.85
O4 SO4 TB . 2.40 50.46 33.68
S SO4 UB . 27.57 67.54 38.74
O1 SO4 UB . 27.62 66.25 38.19
O2 SO4 UB . 26.17 67.88 38.77
O3 SO4 UB . 28.13 67.53 40.06
O4 SO4 UB . 28.35 68.43 37.90
CL CL VB . 42.73 54.85 27.03
C1 GOL WB . 23.60 52.50 14.93
O1 GOL WB . 24.13 51.26 15.40
C2 GOL WB . 24.34 53.00 13.68
O2 GOL WB . 24.50 51.95 12.76
C3 GOL WB . 25.71 53.64 13.96
O3 GOL WB . 25.72 54.40 15.16
O1 PEO XB . 36.92 29.11 16.22
O2 PEO XB . 38.26 29.28 16.83
O1 PEO YB . 26.91 37.02 50.63
O2 PEO YB . 28.16 37.77 50.54
O1 PEO ZB . 3.33 42.62 24.83
O2 PEO ZB . 4.58 42.90 25.58
C1 GOL AC . 31.69 36.00 24.76
O1 GOL AC . 30.53 36.21 25.53
C2 GOL AC . 32.30 37.35 24.38
O2 GOL AC . 32.85 37.91 25.55
C3 GOL AC . 31.16 38.23 23.86
O3 GOL AC . 31.50 39.60 23.91
O1 PEO BC . 16.77 32.07 7.61
O2 PEO BC . 17.57 32.60 6.49
C ACT CC . 25.72 44.59 21.64
O ACT CC . 25.91 45.57 20.92
OXT ACT CC . 25.32 44.86 22.77
CH3 ACT CC . 25.97 43.18 21.16
C ACT DC . 23.06 47.58 21.34
O ACT DC . 22.89 46.78 22.32
OXT ACT DC . 24.02 47.37 20.56
CH3 ACT DC . 22.21 48.77 21.11
C ACT EC . 4.83 35.41 27.62
O ACT EC . 5.08 34.17 27.54
OXT ACT EC . 4.52 36.05 26.57
CH3 ACT EC . 4.88 36.10 28.95
C ACT FC . 26.81 48.99 11.86
C ACT FC . 26.27 48.92 12.71
O ACT FC . 26.08 49.12 12.86
O ACT FC . 25.77 49.80 13.43
OXT ACT FC . 27.78 49.73 11.81
OXT ACT FC . 27.33 49.24 12.10
CH3 ACT FC . 26.56 48.02 10.76
CH3 ACT FC . 25.65 47.56 12.57
C ACT GC . 22.86 48.21 15.88
O ACT GC . 22.39 49.26 16.38
OXT ACT GC . 23.96 48.32 15.28
CH3 ACT GC . 22.13 46.90 15.98
O1 PEO HC . 9.87 55.32 27.32
O2 PEO HC . 10.49 56.16 26.25
C1 GOL IC . 6.75 43.02 40.00
O1 GOL IC . 6.60 42.66 38.65
C2 GOL IC . 8.18 43.47 40.28
O2 GOL IC . 8.40 44.72 39.66
C3 GOL IC . 8.36 43.54 41.80
O3 GOL IC . 9.25 44.59 42.16
C ACT JC . 25.76 44.14 10.16
O ACT JC . 25.47 43.10 10.77
OXT ACT JC . 26.17 45.10 10.85
CH3 ACT JC . 25.61 44.23 8.67
C1 GOL KC . 18.88 12.42 29.40
O1 GOL KC . 18.61 13.76 28.95
C2 GOL KC . 17.51 11.79 29.71
O2 GOL KC . 16.91 12.63 30.68
C3 GOL KC . 17.67 10.36 30.23
O3 GOL KC . 18.49 10.33 31.40
S SO4 LC . 47.23 -0.84 19.39
O1 SO4 LC . 46.66 -1.85 20.29
O2 SO4 LC . 46.34 0.32 19.30
O3 SO4 LC . 48.55 -0.46 19.90
O4 SO4 LC . 47.36 -1.42 18.05
S SO4 MC . 50.04 -6.83 41.54
O1 SO4 MC . 50.46 -7.72 40.45
O2 SO4 MC . 49.55 -7.60 42.68
O3 SO4 MC . 51.17 -6.00 41.99
O4 SO4 MC . 49.02 -5.94 41.03
S SO4 NC . 36.38 16.45 53.62
O1 SO4 NC . 36.37 15.77 54.91
O2 SO4 NC . 36.60 17.88 53.79
O3 SO4 NC . 37.44 15.89 52.78
O4 SO4 NC . 35.08 16.27 52.96
C1 GOL OC . 50.89 19.02 30.21
O1 GOL OC . 49.64 18.94 29.54
C2 GOL OC . 52.09 19.40 29.32
O2 GOL OC . 51.75 20.47 28.49
C3 GOL OC . 52.64 18.25 28.48
O3 GOL OC . 52.04 17.04 28.86
O1 PEO PC . 47.97 25.40 40.07
O2 PEO PC . 49.24 25.66 39.34
O1 PEO QC . 35.33 32.52 47.35
O2 PEO QC . 36.41 33.19 46.59
O1 PEO RC . 37.36 24.39 15.84
O2 PEO RC . 38.63 24.39 16.63
C1 GOL SC . 48.54 23.71 25.09
O1 GOL SC . 47.55 23.97 24.10
C2 GOL SC . 48.97 22.25 25.00
O2 GOL SC . 48.85 21.58 26.24
C3 GOL SC . 50.39 22.12 24.48
O3 GOL SC . 50.70 20.75 24.39
C ACT TC . 43.20 17.00 31.50
O ACT TC . 43.52 17.25 30.32
OXT ACT TC . 42.00 16.75 31.72
CH3 ACT TC . 44.28 16.97 32.54
C ACT UC . 40.79 16.77 28.30
O ACT UC . 40.30 16.03 29.19
OXT ACT UC . 42.04 16.72 28.17
CH3 ACT UC . 39.95 17.67 27.44
C ACT VC . 28.06 27.50 45.17
O ACT VC . 27.15 28.04 44.49
OXT ACT VC . 29.19 28.07 45.16
CH3 ACT VC . 27.77 26.24 45.93
C1 GOL WC . 29.04 2.94 18.30
O1 GOL WC . 28.33 3.92 19.02
C2 GOL WC . 30.05 3.50 17.30
O2 GOL WC . 30.41 2.40 16.47
C3 GOL WC . 31.30 4.05 18.02
O3 GOL WC . 32.20 4.77 17.22
C1 GOL XC . 33.18 16.20 22.90
C1 GOL XC . 32.98 16.49 23.58
O1 GOL XC . 33.36 17.59 23.14
O1 GOL XC . 32.54 16.51 24.92
C2 GOL XC . 33.95 15.71 21.67
C2 GOL XC . 32.69 15.19 22.83
O2 GOL XC . 33.02 15.43 20.63
O2 GOL XC . 31.76 15.42 21.80
C3 GOL XC . 34.72 14.43 21.98
C3 GOL XC . 33.94 14.59 22.18
O3 GOL XC . 35.98 14.70 22.56
O3 GOL XC . 33.65 13.35 21.56
C ACT YC . 46.73 20.67 29.84
O ACT YC . 47.28 20.56 28.72
OXT ACT YC . 47.22 20.00 30.77
CH3 ACT YC . 45.57 21.59 30.03
C1 GOL ZC . 28.65 -6.56 16.78
O1 GOL ZC . 29.97 -6.17 16.49
C2 GOL ZC . 28.62 -7.57 17.93
O2 GOL ZC . 27.30 -7.68 18.43
C3 GOL ZC . 29.61 -7.19 19.04
O3 GOL ZC . 29.08 -7.53 20.31
#